data_7MIG
#
_entry.id   7MIG
#
_cell.length_a   1.00
_cell.length_b   1.00
_cell.length_c   1.00
_cell.angle_alpha   90.00
_cell.angle_beta   90.00
_cell.angle_gamma   90.00
#
_symmetry.space_group_name_H-M   'P 1'
#
loop_
_entity.id
_entity.type
_entity.pdbx_description
1 polymer 'CTP synthase 1'
2 non-polymer 2-{2-[(cyclopropanesulfonyl)amino]-1,3-thiazol-4-yl}-2-methyl-N-{5-[6-(trifluoromethyl)pyrazin-2-yl]pyridin-2-yl}propanamide
3 non-polymer GLUTAMINE
4 non-polymer 'MAGNESIUM ION'
5 non-polymer "URIDINE 5'-TRIPHOSPHATE"
#
_entity_poly.entity_id   1
_entity_poly.type   'polypeptide(L)'
_entity_poly.pdbx_seq_one_letter_code
;MKYILVTGGVISGIGKGIIASSVGTILKSCGLHVTSIKIDPYINIDAGTFSPYEHGEVFVLDDGGEVDLDLGNYERFLDI
RLTKDNNLTTGKIYQYVINKERKGDYLGKTVQVVPHITDAIQEWVMRQALIPVDEDGLEPQVCVIELGGTVGDIESMPFI
EAFRQFQFKVKRENFCNIHVSLVPQPSSTGEQKTKPTQNSVRELRGLGLSPDLVVCRCSNPLDTSVKEKISMFCHVEPEQ
VICVHDVSSIYRVPLLLEEQGVVDYFLRRLDLPIERQPRKMLMKWKEMADRYDRLLETCSIALVGKYTKFSDSYASVIKA
LEHSALAINHKLEIKYIDSADLEPITSQEEPVRYHEAWQKLCSAHGVLVPGGFGVRGTEGKIQAIAWARNQKKPFLGVCL
GMQLAVVEFSRNVLGWQDANSTEFDPTTSHPVVVDMPEHNPGQMGGTMRLGKRRTLFQTKNSVMRKLYGDADYLEERHRH
RFEVNPVWKKCLEEQGLKFVGQDVEGERMEIVELEDHPFFVGVQYHPEFLSRPIKPSPPYFGLLLASVGRLSHYLQKGCR
LSPRDTYSDRSGSSSPDSEITELKFPSINHD
;
_entity_poly.pdbx_strand_id   C,A,B,E
#
loop_
_chem_comp.id
_chem_comp.type
_chem_comp.name
_chem_comp.formula
MG non-polymer 'MAGNESIUM ION' 'Mg 2'
UTP non-polymer 'URIDINE 5'-TRIPHOSPHATE' 'C9 H15 N2 O15 P3'
ZFY non-polymer 2-{2-[(cyclopropanesulfonyl)amino]-1,3-thiazol-4-yl}-2-methyl-N-{5-[6-(trifluoromethyl)pyrazin-2-yl]pyridin-2-yl}propanamide 'C20 H19 F3 N6 O3 S2'
#
# COMPACT_ATOMS: atom_id res chain seq x y z
N MET A 1 5.77 11.64 -31.80
CA MET A 1 6.22 12.30 -30.58
C MET A 1 6.50 11.28 -29.45
N LYS A 2 7.77 11.19 -29.02
CA LYS A 2 8.20 10.25 -27.99
C LYS A 2 8.25 10.93 -26.62
N TYR A 3 8.03 10.18 -25.55
CA TYR A 3 8.02 10.69 -24.19
C TYR A 3 9.00 9.90 -23.33
N ILE A 4 9.73 10.61 -22.48
CA ILE A 4 10.56 10.01 -21.45
C ILE A 4 10.10 10.64 -20.12
N LEU A 5 9.57 9.83 -19.20
CA LEU A 5 9.24 10.28 -17.86
C LEU A 5 10.40 9.98 -16.92
N VAL A 6 11.01 11.03 -16.39
CA VAL A 6 12.01 10.95 -15.33
C VAL A 6 11.28 11.11 -13.99
N THR A 7 11.44 10.10 -13.12
CA THR A 7 10.82 10.01 -11.80
C THR A 7 11.94 9.94 -10.75
N GLY A 8 11.65 10.46 -9.55
CA GLY A 8 12.60 10.52 -8.44
C GLY A 8 12.21 9.54 -7.37
N GLY A 9 13.23 8.87 -6.82
CA GLY A 9 13.05 7.80 -5.87
C GLY A 9 13.11 8.30 -4.44
N VAL A 10 14.23 8.02 -3.77
CA VAL A 10 14.40 8.08 -2.31
C VAL A 10 14.27 9.50 -1.72
N ILE A 11 14.81 10.48 -2.44
CA ILE A 11 14.88 11.88 -2.05
C ILE A 11 14.85 12.73 -3.32
N SER A 12 14.57 14.02 -3.15
CA SER A 12 14.82 15.07 -4.12
C SER A 12 16.27 15.58 -3.98
N GLY A 13 16.71 16.48 -4.87
CA GLY A 13 18.03 17.13 -4.76
C GLY A 13 19.17 16.29 -5.35
N ILE A 14 18.95 15.00 -5.58
CA ILE A 14 19.88 14.02 -6.14
C ILE A 14 20.13 14.13 -7.66
N GLY A 15 20.08 15.35 -8.19
CA GLY A 15 20.54 15.65 -9.54
C GLY A 15 19.58 15.23 -10.64
N LYS A 16 18.34 14.87 -10.30
CA LYS A 16 17.30 14.43 -11.23
C LYS A 16 17.03 15.40 -12.39
N GLY A 17 17.05 16.70 -12.10
CA GLY A 17 16.87 17.74 -13.09
C GLY A 17 18.10 17.89 -14.00
N ILE A 18 19.29 17.57 -13.50
CA ILE A 18 20.51 17.53 -14.29
C ILE A 18 20.52 16.29 -15.19
N ILE A 19 20.06 15.15 -14.67
CA ILE A 19 19.86 13.91 -15.42
C ILE A 19 18.85 14.09 -16.57
N ALA A 20 17.68 14.70 -16.28
CA ALA A 20 16.68 15.05 -17.28
C ALA A 20 17.23 15.96 -18.39
N SER A 21 17.95 17.01 -17.98
CA SER A 21 18.61 17.93 -18.90
C SER A 21 19.73 17.26 -19.72
N SER A 22 20.48 16.34 -19.10
CA SER A 22 21.54 15.56 -19.72
C SER A 22 20.99 14.57 -20.75
N VAL A 23 19.88 13.88 -20.43
CA VAL A 23 19.13 13.03 -21.34
C VAL A 23 18.61 13.84 -22.56
N GLY A 24 18.12 15.06 -22.30
CA GLY A 24 17.71 15.99 -23.34
C GLY A 24 18.86 16.42 -24.25
N THR A 25 20.03 16.77 -23.71
CA THR A 25 21.16 17.25 -24.51
C THR A 25 21.83 16.08 -25.31
N ILE A 26 21.79 14.86 -24.76
CA ILE A 26 22.14 13.61 -25.42
C ILE A 26 21.27 13.36 -26.67
N LEU A 27 19.95 13.46 -26.51
CA LEU A 27 19.01 13.28 -27.61
C LEU A 27 19.09 14.42 -28.64
N LYS A 28 19.39 15.64 -28.19
CA LYS A 28 19.67 16.78 -29.07
C LYS A 28 20.99 16.61 -29.84
N SER A 29 22.00 15.97 -29.22
CA SER A 29 23.23 15.55 -29.88
C SER A 29 23.02 14.43 -30.91
N CYS A 30 21.93 13.65 -30.76
CA CYS A 30 21.45 12.70 -31.77
C CYS A 30 20.71 13.39 -32.93
N GLY A 31 20.59 14.72 -32.90
CA GLY A 31 19.99 15.52 -33.95
C GLY A 31 18.47 15.66 -33.79
N LEU A 32 17.91 15.23 -32.67
CA LEU A 32 16.48 15.34 -32.40
C LEU A 32 16.14 16.75 -31.90
N HIS A 33 14.99 17.27 -32.33
CA HIS A 33 14.33 18.39 -31.68
C HIS A 33 13.67 17.88 -30.39
N VAL A 34 14.00 18.51 -29.27
CA VAL A 34 13.64 18.04 -27.95
C VAL A 34 13.02 19.22 -27.20
N THR A 35 11.89 18.94 -26.54
CA THR A 35 11.24 19.83 -25.61
C THR A 35 11.28 19.17 -24.22
N SER A 36 10.83 19.89 -23.20
CA SER A 36 10.82 19.40 -21.83
C SER A 36 9.63 20.00 -21.08
N ILE A 37 9.15 19.23 -20.11
CA ILE A 37 8.09 19.62 -19.19
C ILE A 37 8.58 19.27 -17.79
N LYS A 38 8.48 20.24 -16.87
CA LYS A 38 8.66 19.98 -15.45
C LYS A 38 7.25 19.90 -14.87
N ILE A 39 6.97 18.82 -14.15
CA ILE A 39 5.84 18.76 -13.26
C ILE A 39 6.38 19.02 -11.85
N ASP A 40 5.85 20.06 -11.21
CA ASP A 40 6.02 20.33 -9.79
C ASP A 40 4.70 19.97 -9.07
N PRO A 41 4.65 18.84 -8.35
CA PRO A 41 3.52 18.54 -7.44
C PRO A 41 3.43 19.51 -6.26
N TYR A 42 2.99 20.73 -6.52
CA TYR A 42 2.58 21.73 -5.53
C TYR A 42 1.36 22.45 -6.07
N ILE A 43 0.61 23.09 -5.17
CA ILE A 43 -0.70 23.70 -5.42
C ILE A 43 -0.54 25.12 -5.98
N ASN A 44 0.67 25.65 -5.96
CA ASN A 44 1.04 26.97 -6.45
C ASN A 44 0.89 27.04 -7.98
N ILE A 45 0.16 28.05 -8.45
CA ILE A 45 0.18 28.46 -9.84
C ILE A 45 1.32 29.46 -9.98
N ASP A 46 2.42 28.99 -10.58
CA ASP A 46 3.66 29.71 -10.82
C ASP A 46 4.50 29.89 -9.53
N ALA A 47 5.82 30.01 -9.73
CA ALA A 47 6.81 30.10 -8.65
C ALA A 47 7.01 31.54 -8.16
N GLY A 48 6.35 32.51 -8.79
CA GLY A 48 6.50 33.94 -8.56
C GLY A 48 6.16 34.40 -7.14
N THR A 49 5.45 33.56 -6.38
CA THR A 49 5.05 33.79 -5.00
C THR A 49 6.10 33.31 -3.99
N PHE A 50 7.12 32.56 -4.41
CA PHE A 50 8.05 31.89 -3.50
C PHE A 50 9.11 32.84 -2.92
N SER A 51 9.37 32.67 -1.63
CA SER A 51 10.58 33.13 -0.95
C SER A 51 11.77 32.30 -1.49
N PRO A 52 12.83 32.91 -2.06
CA PRO A 52 13.93 32.21 -2.73
C PRO A 52 14.71 31.16 -1.94
N TYR A 53 14.41 30.90 -0.66
CA TYR A 53 14.96 29.80 0.11
C TYR A 53 14.25 28.45 -0.17
N GLU A 54 13.02 28.46 -0.67
CA GLU A 54 12.26 27.27 -1.06
C GLU A 54 12.06 27.36 -2.57
N HIS A 55 12.54 26.35 -3.30
CA HIS A 55 12.56 26.28 -4.77
C HIS A 55 13.28 27.52 -5.34
N GLY A 56 14.53 27.68 -4.88
CA GLY A 56 15.28 28.93 -4.99
C GLY A 56 15.60 29.27 -6.44
N GLU A 57 15.71 30.58 -6.71
CA GLU A 57 15.89 31.18 -8.02
C GLU A 57 14.66 30.91 -8.90
N VAL A 58 13.66 31.80 -8.79
CA VAL A 58 12.52 31.74 -9.69
C VAL A 58 13.01 32.25 -11.06
N PHE A 59 12.96 31.35 -12.03
CA PHE A 59 13.45 31.55 -13.38
C PHE A 59 12.33 32.20 -14.18
N VAL A 60 12.65 33.21 -14.97
CA VAL A 60 11.67 34.00 -15.69
C VAL A 60 11.81 33.70 -17.18
N LEU A 61 10.72 33.22 -17.76
CA LEU A 61 10.57 32.90 -19.18
C LEU A 61 10.23 34.16 -20.00
N ASP A 62 10.32 34.06 -21.33
CA ASP A 62 9.98 35.13 -22.27
C ASP A 62 8.58 35.72 -22.08
N ASP A 63 7.60 34.84 -21.84
CA ASP A 63 6.19 35.18 -21.64
C ASP A 63 5.89 35.78 -20.25
N GLY A 64 6.88 35.83 -19.35
CA GLY A 64 6.71 36.36 -18.01
C GLY A 64 6.37 35.27 -17.00
N GLY A 65 6.42 33.99 -17.39
CA GLY A 65 6.24 32.88 -16.47
C GLY A 65 7.41 32.82 -15.50
N GLU A 66 7.11 32.92 -14.21
CA GLU A 66 8.01 32.74 -13.09
C GLU A 66 7.92 31.26 -12.70
N VAL A 67 8.96 30.49 -12.99
CA VAL A 67 8.97 29.03 -12.90
C VAL A 67 10.20 28.54 -12.11
N ASP A 68 10.23 27.23 -11.83
CA ASP A 68 11.32 26.56 -11.10
C ASP A 68 12.65 26.62 -11.88
N LEU A 69 13.79 26.59 -11.17
CA LEU A 69 15.13 26.65 -11.74
C LEU A 69 15.46 25.53 -12.75
N ASP A 70 14.78 24.37 -12.62
CA ASP A 70 14.88 23.26 -13.57
C ASP A 70 14.48 23.61 -15.00
N LEU A 71 13.53 24.54 -15.18
CA LEU A 71 13.18 25.07 -16.50
C LEU A 71 14.34 25.86 -17.12
N GLY A 72 15.16 26.47 -16.27
CA GLY A 72 16.37 27.17 -16.66
C GLY A 72 17.47 26.20 -17.00
N ASN A 73 17.56 25.05 -16.32
CA ASN A 73 18.48 23.98 -16.68
C ASN A 73 18.17 23.41 -18.07
N TYR A 74 16.89 23.23 -18.39
CA TYR A 74 16.43 22.85 -19.73
C TYR A 74 16.88 23.87 -20.79
N GLU A 75 16.65 25.18 -20.57
CA GLU A 75 17.12 26.22 -21.48
C GLU A 75 18.65 26.36 -21.60
N ARG A 76 19.43 25.83 -20.65
CA ARG A 76 20.88 25.89 -20.67
C ARG A 76 21.54 24.65 -21.29
N PHE A 77 20.96 23.47 -21.06
CA PHE A 77 21.41 22.21 -21.66
C PHE A 77 20.93 22.06 -23.11
N LEU A 78 19.82 22.68 -23.46
CA LEU A 78 19.19 22.64 -24.77
C LEU A 78 18.86 24.07 -25.16
N ASP A 79 19.19 24.48 -26.39
CA ASP A 79 18.85 25.80 -26.95
C ASP A 79 17.36 25.86 -27.34
N ILE A 80 16.53 25.88 -26.31
CA ILE A 80 15.09 26.03 -26.33
C ILE A 80 14.71 27.23 -25.45
N ARG A 81 13.55 27.83 -25.69
CA ARG A 81 12.95 28.82 -24.81
C ARG A 81 11.49 28.43 -24.58
N LEU A 82 11.13 28.26 -23.32
CA LEU A 82 9.91 27.58 -22.89
C LEU A 82 8.78 28.57 -22.60
N THR A 83 7.56 28.02 -22.46
CA THR A 83 6.35 28.76 -22.11
C THR A 83 5.92 28.39 -20.68
N LYS A 84 5.06 29.21 -20.06
CA LYS A 84 4.55 29.03 -18.67
C LYS A 84 4.12 27.60 -18.35
N ASP A 85 3.38 27.04 -19.30
CA ASP A 85 2.68 25.78 -19.18
C ASP A 85 3.59 24.56 -19.39
N ASN A 86 4.86 24.77 -19.75
CA ASN A 86 5.91 23.75 -19.62
C ASN A 86 6.30 23.50 -18.15
N ASN A 87 5.91 24.40 -17.24
CA ASN A 87 5.85 24.11 -15.81
C ASN A 87 4.39 23.74 -15.50
N LEU A 88 4.12 22.45 -15.36
CA LEU A 88 2.83 21.94 -14.91
C LEU A 88 2.85 21.84 -13.38
N THR A 89 1.71 22.11 -12.74
CA THR A 89 1.53 22.02 -11.30
C THR A 89 0.12 21.49 -11.01
N THR A 90 -0.12 20.99 -9.79
CA THR A 90 -1.46 20.59 -9.36
C THR A 90 -2.43 21.78 -9.31
N GLY A 91 -1.93 22.97 -9.00
CA GLY A 91 -2.72 24.20 -8.99
C GLY A 91 -3.26 24.50 -10.38
N LYS A 92 -2.37 24.48 -11.38
CA LYS A 92 -2.70 24.72 -12.78
C LYS A 92 -3.72 23.70 -13.33
N ILE A 93 -3.56 22.42 -12.97
CA ILE A 93 -4.37 21.35 -13.51
C ILE A 93 -5.73 21.19 -12.78
N TYR A 94 -5.76 21.35 -11.45
CA TYR A 94 -7.02 21.35 -10.69
C TYR A 94 -7.85 22.60 -11.00
N GLN A 95 -7.22 23.77 -11.16
CA GLN A 95 -7.90 24.99 -11.57
C GLN A 95 -8.50 24.88 -12.98
N TYR A 96 -7.77 24.25 -13.90
CA TYR A 96 -8.25 23.89 -15.24
C TYR A 96 -9.54 23.06 -15.19
N VAL A 97 -9.51 21.92 -14.48
CA VAL A 97 -10.65 21.03 -14.32
C VAL A 97 -11.84 21.69 -13.59
N ILE A 98 -11.57 22.47 -12.54
CA ILE A 98 -12.57 23.22 -11.79
C ILE A 98 -13.30 24.27 -12.65
N ASN A 99 -12.54 25.10 -13.38
CA ASN A 99 -13.10 26.13 -14.25
C ASN A 99 -13.88 25.51 -15.43
N LYS A 100 -13.37 24.40 -15.95
CA LYS A 100 -13.99 23.57 -16.99
C LYS A 100 -15.31 22.94 -16.53
N GLU A 101 -15.35 22.48 -15.27
CA GLU A 101 -16.55 21.98 -14.59
C GLU A 101 -17.60 23.08 -14.40
N ARG A 102 -17.20 24.26 -13.93
CA ARG A 102 -18.07 25.42 -13.76
C ARG A 102 -18.69 25.92 -15.08
N LYS A 103 -17.96 25.78 -16.20
CA LYS A 103 -18.49 26.04 -17.54
C LYS A 103 -19.38 24.90 -18.09
N GLY A 104 -19.43 23.75 -17.42
CA GLY A 104 -20.34 22.66 -17.74
C GLY A 104 -19.75 21.68 -18.76
N ASP A 105 -18.47 21.80 -19.13
CA ASP A 105 -17.81 21.02 -20.19
C ASP A 105 -17.78 19.51 -19.93
N TYR A 106 -17.89 19.10 -18.66
CA TYR A 106 -17.97 17.71 -18.24
C TYR A 106 -19.42 17.16 -18.24
N LEU A 107 -20.38 17.92 -18.78
CA LEU A 107 -21.71 17.48 -19.21
C LEU A 107 -22.55 16.84 -18.10
N GLY A 108 -22.50 17.45 -16.91
CA GLY A 108 -23.28 17.04 -15.74
C GLY A 108 -22.75 15.76 -15.07
N LYS A 109 -21.61 15.21 -15.52
CA LYS A 109 -20.96 14.07 -14.90
C LYS A 109 -20.17 14.51 -13.65
N THR A 110 -20.04 13.60 -12.69
CA THR A 110 -19.20 13.76 -11.51
C THR A 110 -17.71 13.81 -11.91
N VAL A 111 -17.06 14.95 -11.68
CA VAL A 111 -15.64 15.10 -11.90
C VAL A 111 -14.87 14.52 -10.71
N GLN A 112 -13.77 13.82 -11.00
CA GLN A 112 -12.98 13.08 -10.05
C GLN A 112 -11.57 12.89 -10.62
N VAL A 113 -10.62 12.51 -9.76
CA VAL A 113 -9.21 12.46 -10.08
C VAL A 113 -8.90 11.52 -11.26
N VAL A 114 -9.38 10.28 -11.16
CA VAL A 114 -9.41 9.35 -12.28
C VAL A 114 -10.89 9.28 -12.71
N PRO A 115 -11.24 9.62 -13.97
CA PRO A 115 -10.33 9.95 -15.08
C PRO A 115 -9.92 11.42 -15.24
N HIS A 116 -10.71 12.38 -14.73
CA HIS A 116 -10.74 13.75 -15.27
C HIS A 116 -9.47 14.58 -15.08
N ILE A 117 -8.83 14.44 -13.92
CA ILE A 117 -7.54 15.07 -13.62
C ILE A 117 -6.40 14.35 -14.35
N THR A 118 -6.44 13.02 -14.38
CA THR A 118 -5.45 12.20 -15.08
C THR A 118 -5.50 12.37 -16.61
N ASP A 119 -6.69 12.61 -17.17
CA ASP A 119 -6.88 13.03 -18.57
C ASP A 119 -6.31 14.41 -18.81
N ALA A 120 -6.63 15.38 -17.96
CA ALA A 120 -6.13 16.76 -18.02
C ALA A 120 -4.60 16.85 -18.05
N ILE A 121 -3.92 16.03 -17.24
CA ILE A 121 -2.47 15.88 -17.24
C ILE A 121 -1.93 15.37 -18.61
N GLN A 122 -2.58 14.35 -19.17
CA GLN A 122 -2.23 13.77 -20.47
C GLN A 122 -2.48 14.74 -21.63
N GLU A 123 -3.62 15.44 -21.62
CA GLU A 123 -3.96 16.52 -22.55
C GLU A 123 -2.90 17.63 -22.57
N TRP A 124 -2.50 18.06 -21.37
CA TRP A 124 -1.51 19.11 -21.14
C TRP A 124 -0.14 18.71 -21.68
N VAL A 125 0.31 17.51 -21.32
CA VAL A 125 1.57 16.92 -21.75
C VAL A 125 1.66 16.79 -23.28
N MET A 126 0.59 16.33 -23.92
CA MET A 126 0.50 16.25 -25.38
C MET A 126 0.51 17.63 -26.05
N ARG A 127 -0.30 18.57 -25.54
CA ARG A 127 -0.38 19.94 -26.04
C ARG A 127 0.97 20.67 -25.99
N GLN A 128 1.63 20.66 -24.82
CA GLN A 128 2.88 21.36 -24.60
C GLN A 128 4.08 20.73 -25.31
N ALA A 129 4.00 19.42 -25.58
CA ALA A 129 5.02 18.71 -26.34
C ALA A 129 5.02 19.07 -27.83
N LEU A 130 3.85 19.43 -28.38
CA LEU A 130 3.70 19.82 -29.77
C LEU A 130 4.14 21.26 -30.05
N ILE A 131 4.40 22.06 -29.00
CA ILE A 131 4.81 23.45 -29.14
C ILE A 131 6.32 23.50 -29.47
N PRO A 132 6.70 24.15 -30.59
CA PRO A 132 8.12 24.28 -30.97
C PRO A 132 8.85 25.33 -30.12
N VAL A 133 9.28 24.91 -28.94
CA VAL A 133 10.08 25.68 -27.99
C VAL A 133 11.54 25.89 -28.45
N ASP A 134 11.98 25.07 -29.40
CA ASP A 134 13.33 25.08 -29.99
C ASP A 134 13.59 26.38 -30.77
N GLU A 135 14.88 26.70 -30.95
CA GLU A 135 15.41 27.88 -31.63
C GLU A 135 14.95 28.10 -33.09
N ASP A 136 14.33 27.09 -33.70
CA ASP A 136 13.65 27.16 -34.99
C ASP A 136 12.36 26.35 -34.83
N GLY A 137 11.32 26.74 -35.58
CA GLY A 137 9.90 26.38 -35.39
C GLY A 137 9.54 24.92 -35.70
N LEU A 138 10.48 23.99 -35.66
CA LEU A 138 10.26 22.56 -35.91
C LEU A 138 9.58 21.90 -34.70
N GLU A 139 8.59 21.06 -34.99
CA GLU A 139 7.81 20.28 -34.02
C GLU A 139 8.74 19.25 -33.33
N PRO A 140 8.81 19.25 -31.98
CA PRO A 140 9.64 18.30 -31.20
C PRO A 140 9.42 16.81 -31.51
N GLN A 141 10.49 16.03 -31.39
CA GLN A 141 10.48 14.61 -31.65
C GLN A 141 10.45 13.80 -30.35
N VAL A 142 10.93 14.38 -29.24
CA VAL A 142 10.88 13.78 -27.93
C VAL A 142 10.67 14.86 -26.85
N CYS A 143 9.85 14.55 -25.83
CA CYS A 143 9.61 15.37 -24.66
C CYS A 143 10.17 14.61 -23.45
N VAL A 144 11.11 15.23 -22.75
CA VAL A 144 11.58 14.73 -21.46
C VAL A 144 10.70 15.39 -20.38
N ILE A 145 9.87 14.57 -19.73
CA ILE A 145 8.98 15.01 -18.68
C ILE A 145 9.69 14.66 -17.36
N GLU A 146 9.93 15.64 -16.51
CA GLU A 146 10.46 15.40 -15.18
C GLU A 146 9.32 15.55 -14.17
N LEU A 147 9.07 14.49 -13.42
CA LEU A 147 8.19 14.51 -12.28
C LEU A 147 8.99 14.83 -11.02
N GLY A 148 8.71 16.01 -10.46
CA GLY A 148 9.28 16.49 -9.21
C GLY A 148 8.69 15.75 -8.01
N GLY A 149 9.34 15.92 -6.85
CA GLY A 149 8.99 15.21 -5.63
C GLY A 149 9.63 13.83 -5.67
N THR A 150 9.07 12.91 -4.88
CA THR A 150 9.45 11.51 -4.84
C THR A 150 8.19 10.67 -5.10
N VAL A 151 8.39 9.46 -5.63
CA VAL A 151 7.30 8.53 -5.90
C VAL A 151 6.62 8.06 -4.61
N GLY A 152 5.29 7.94 -4.66
CA GLY A 152 4.49 7.47 -3.54
C GLY A 152 4.15 8.58 -2.54
N ASP A 153 4.56 9.82 -2.80
CA ASP A 153 3.96 11.02 -2.19
C ASP A 153 2.54 11.19 -2.70
N ILE A 154 1.62 11.59 -1.82
CA ILE A 154 0.22 11.81 -2.16
C ILE A 154 0.00 12.87 -3.27
N GLU A 155 0.91 13.85 -3.35
CA GLU A 155 0.99 14.86 -4.40
C GLU A 155 1.38 14.29 -5.78
N SER A 156 2.23 13.25 -5.83
CA SER A 156 2.76 12.72 -7.08
C SER A 156 1.86 11.63 -7.70
N MET A 157 0.99 11.01 -6.88
CA MET A 157 0.04 9.96 -7.26
C MET A 157 -0.85 10.23 -8.49
N PRO A 158 -1.47 11.42 -8.64
CA PRO A 158 -2.24 11.77 -9.86
C PRO A 158 -1.44 11.70 -11.16
N PHE A 159 -0.19 12.16 -11.11
CA PHE A 159 0.70 12.20 -12.27
C PHE A 159 1.19 10.80 -12.63
N ILE A 160 1.61 9.99 -11.64
CA ILE A 160 2.01 8.61 -11.89
C ILE A 160 0.85 7.77 -12.43
N GLU A 161 -0.36 7.96 -11.91
CA GLU A 161 -1.59 7.36 -12.43
C GLU A 161 -1.90 7.78 -13.87
N ALA A 162 -1.70 9.07 -14.20
CA ALA A 162 -1.78 9.58 -15.56
C ALA A 162 -0.77 8.93 -16.50
N PHE A 163 0.49 8.82 -16.08
CA PHE A 163 1.52 8.16 -16.87
C PHE A 163 1.37 6.65 -17.02
N ARG A 164 0.75 6.01 -16.02
CA ARG A 164 0.32 4.62 -16.07
C ARG A 164 -0.72 4.36 -17.17
N GLN A 165 -1.62 5.31 -17.40
CA GLN A 165 -2.56 5.28 -18.52
C GLN A 165 -1.87 5.63 -19.84
N PHE A 166 -1.01 6.67 -19.80
CA PHE A 166 -0.37 7.29 -20.96
C PHE A 166 0.45 6.30 -21.80
N GLN A 167 1.19 5.40 -21.13
CA GLN A 167 1.96 4.31 -21.74
C GLN A 167 1.12 3.25 -22.49
N PHE A 168 -0.21 3.33 -22.37
CA PHE A 168 -1.17 2.49 -23.09
C PHE A 168 -2.02 3.32 -24.08
N LYS A 169 -1.91 4.65 -24.03
CA LYS A 169 -2.61 5.61 -24.89
C LYS A 169 -1.71 5.90 -26.10
N VAL A 170 -0.50 6.39 -25.83
CA VAL A 170 0.61 6.28 -26.76
C VAL A 170 1.20 4.86 -26.58
N LYS A 171 1.83 4.33 -27.62
CA LYS A 171 2.37 2.96 -27.59
C LYS A 171 3.70 2.94 -26.82
N ARG A 172 4.15 1.73 -26.43
CA ARG A 172 5.33 1.57 -25.58
C ARG A 172 6.61 2.14 -26.20
N GLU A 173 6.74 2.06 -27.53
CA GLU A 173 7.82 2.71 -28.29
C GLU A 173 7.81 4.25 -28.20
N ASN A 174 6.75 4.85 -27.69
CA ASN A 174 6.61 6.29 -27.51
C ASN A 174 6.68 6.67 -26.02
N PHE A 175 6.85 5.74 -25.08
CA PHE A 175 6.92 6.06 -23.66
C PHE A 175 7.99 5.23 -22.97
N CYS A 176 9.03 5.91 -22.45
CA CYS A 176 10.08 5.35 -21.61
C CYS A 176 9.96 5.97 -20.19
N ASN A 177 10.27 5.20 -19.15
CA ASN A 177 10.36 5.67 -17.77
C ASN A 177 11.80 5.47 -17.26
N ILE A 178 12.41 6.56 -16.78
CA ILE A 178 13.66 6.55 -16.06
C ILE A 178 13.33 6.83 -14.58
N HIS A 179 13.91 6.03 -13.69
CA HIS A 179 13.81 6.20 -12.25
C HIS A 179 15.19 6.61 -11.74
N VAL A 180 15.28 7.85 -11.23
CA VAL A 180 16.50 8.39 -10.65
C VAL A 180 16.41 8.20 -9.13
N SER A 181 17.27 7.34 -8.60
CA SER A 181 17.26 6.92 -7.21
C SER A 181 18.54 7.37 -6.50
N LEU A 182 18.64 7.06 -5.20
CA LEU A 182 19.82 7.25 -4.39
C LEU A 182 20.29 5.87 -3.94
N VAL A 183 21.61 5.64 -4.02
CA VAL A 183 22.27 4.51 -3.39
C VAL A 183 23.22 5.12 -2.34
N PRO A 184 22.78 5.24 -1.06
CA PRO A 184 23.63 5.77 0.00
C PRO A 184 24.79 4.81 0.35
N GLN A 185 25.91 5.40 0.79
CA GLN A 185 27.08 4.68 1.26
C GLN A 185 27.44 5.22 2.65
N PRO A 186 26.80 4.68 3.72
CA PRO A 186 26.97 5.22 5.09
C PRO A 186 28.38 5.04 5.65
N SER A 187 28.83 6.02 6.44
CA SER A 187 29.96 5.93 7.36
C SER A 187 29.80 4.76 8.36
N SER A 188 28.55 4.51 8.75
CA SER A 188 28.09 3.43 9.61
C SER A 188 28.27 2.01 9.01
N THR A 189 28.56 1.88 7.70
CA THR A 189 28.43 0.61 7.01
C THR A 189 29.49 0.34 5.92
N GLY A 190 29.95 1.38 5.21
CA GLY A 190 30.97 1.29 4.15
C GLY A 190 30.43 0.73 2.82
N GLU A 191 29.48 -0.21 2.89
CA GLU A 191 28.70 -0.74 1.78
C GLU A 191 27.85 0.33 1.10
N GLN A 192 27.62 0.15 -0.22
CA GLN A 192 26.64 0.90 -0.99
C GLN A 192 25.30 0.17 -0.85
N LYS A 193 24.32 0.84 -0.24
CA LYS A 193 23.08 0.22 0.20
C LYS A 193 21.98 0.46 -0.85
N THR A 194 21.65 -0.59 -1.62
CA THR A 194 20.67 -0.55 -2.69
C THR A 194 19.20 -0.69 -2.21
N LYS A 195 18.96 -1.18 -0.99
CA LYS A 195 17.62 -1.36 -0.38
C LYS A 195 16.57 -0.25 -0.65
N PRO A 196 16.88 1.04 -0.42
CA PRO A 196 15.94 2.13 -0.73
C PRO A 196 15.61 2.29 -2.22
N THR A 197 16.55 2.00 -3.12
CA THR A 197 16.29 1.95 -4.55
C THR A 197 15.33 0.81 -4.93
N GLN A 198 15.54 -0.38 -4.34
CA GLN A 198 14.70 -1.57 -4.53
C GLN A 198 13.26 -1.32 -4.07
N ASN A 199 13.13 -0.71 -2.89
CA ASN A 199 11.84 -0.32 -2.30
C ASN A 199 11.14 0.76 -3.12
N SER A 200 11.89 1.74 -3.63
CA SER A 200 11.36 2.81 -4.48
C SER A 200 10.89 2.31 -5.85
N VAL A 201 11.63 1.39 -6.48
CA VAL A 201 11.21 0.72 -7.69
C VAL A 201 9.95 -0.16 -7.47
N ARG A 202 9.91 -0.87 -6.34
CA ARG A 202 8.75 -1.66 -5.90
C ARG A 202 7.51 -0.79 -5.68
N GLU A 203 7.69 0.37 -5.03
CA GLU A 203 6.69 1.42 -4.84
C GLU A 203 6.16 1.97 -6.16
N LEU A 204 7.06 2.33 -7.09
CA LEU A 204 6.75 2.81 -8.43
C LEU A 204 5.96 1.80 -9.27
N ARG A 205 6.33 0.50 -9.17
CA ARG A 205 5.60 -0.60 -9.80
C ARG A 205 4.23 -0.86 -9.17
N GLY A 206 4.07 -0.57 -7.86
CA GLY A 206 2.78 -0.56 -7.17
C GLY A 206 1.86 0.54 -7.72
N LEU A 207 2.44 1.62 -8.23
CA LEU A 207 1.76 2.71 -8.91
C LEU A 207 1.67 2.49 -10.44
N GLY A 208 2.24 1.38 -10.93
CA GLY A 208 2.01 0.86 -12.28
C GLY A 208 3.05 1.29 -13.32
N LEU A 209 4.20 1.86 -12.92
CA LEU A 209 5.31 2.19 -13.83
C LEU A 209 6.47 1.26 -13.49
N SER A 210 7.11 0.69 -14.51
CA SER A 210 8.29 -0.14 -14.33
C SER A 210 9.46 0.61 -14.97
N PRO A 211 10.53 0.90 -14.18
CA PRO A 211 11.78 1.49 -14.71
C PRO A 211 12.36 0.79 -15.93
N ASP A 212 12.44 1.54 -17.03
CA ASP A 212 13.21 1.16 -18.22
C ASP A 212 14.70 1.43 -17.98
N LEU A 213 15.03 2.50 -17.26
CA LEU A 213 16.36 2.72 -16.70
C LEU A 213 16.23 3.01 -15.21
N VAL A 214 17.11 2.40 -14.41
CA VAL A 214 17.34 2.77 -13.03
C VAL A 214 18.69 3.51 -12.99
N VAL A 215 18.61 4.82 -12.77
CA VAL A 215 19.76 5.69 -12.67
C VAL A 215 20.01 5.94 -11.17
N CYS A 216 21.09 5.38 -10.66
CA CYS A 216 21.49 5.47 -9.27
C CYS A 216 22.32 6.74 -9.12
N ARG A 217 21.86 7.69 -8.28
CA ARG A 217 22.72 8.76 -7.77
C ARG A 217 23.60 8.14 -6.69
N CYS A 218 24.85 7.93 -7.06
CA CYS A 218 25.90 7.41 -6.21
C CYS A 218 26.76 8.61 -5.80
N SER A 219 27.55 8.48 -4.73
CA SER A 219 28.66 9.41 -4.50
C SER A 219 29.88 8.86 -5.25
N ASN A 220 30.41 7.74 -4.77
CA ASN A 220 31.41 6.91 -5.45
C ASN A 220 30.72 6.02 -6.49
N PRO A 221 31.40 5.65 -7.60
CA PRO A 221 30.92 4.63 -8.56
C PRO A 221 30.40 3.33 -7.94
N LEU A 222 29.34 2.73 -8.53
CA LEU A 222 28.79 1.44 -8.11
C LEU A 222 29.82 0.31 -8.28
N ASP A 223 29.90 -0.57 -7.28
CA ASP A 223 30.51 -1.89 -7.47
C ASP A 223 29.56 -2.76 -8.32
N THR A 224 30.17 -3.71 -9.04
CA THR A 224 29.54 -4.77 -9.81
C THR A 224 28.49 -5.56 -9.00
N SER A 225 28.84 -5.95 -7.76
CA SER A 225 27.97 -6.69 -6.84
C SER A 225 26.68 -5.93 -6.50
N VAL A 226 26.80 -4.62 -6.32
CA VAL A 226 25.72 -3.71 -5.98
C VAL A 226 24.84 -3.46 -7.21
N LYS A 227 25.45 -3.27 -8.38
CA LYS A 227 24.75 -3.19 -9.67
C LYS A 227 23.95 -4.46 -10.00
N GLU A 228 24.52 -5.64 -9.73
CA GLU A 228 23.84 -6.92 -9.91
C GLU A 228 22.72 -7.17 -8.88
N LYS A 229 22.86 -6.62 -7.68
CA LYS A 229 21.81 -6.63 -6.68
C LYS A 229 20.65 -5.70 -7.08
N ILE A 230 20.96 -4.52 -7.63
CA ILE A 230 19.97 -3.60 -8.20
C ILE A 230 19.23 -4.24 -9.38
N SER A 231 19.97 -4.83 -10.34
CA SER A 231 19.40 -5.48 -11.53
C SER A 231 18.43 -6.61 -11.16
N MET A 232 18.84 -7.46 -10.20
CA MET A 232 18.05 -8.50 -9.58
C MET A 232 16.75 -7.96 -8.94
N PHE A 233 16.88 -7.20 -7.86
CA PHE A 233 15.73 -6.75 -7.05
C PHE A 233 14.85 -5.67 -7.69
N CYS A 234 15.37 -4.96 -8.69
CA CYS A 234 14.61 -4.03 -9.53
C CYS A 234 14.10 -4.73 -10.82
N HIS A 235 14.43 -6.01 -11.00
CA HIS A 235 14.01 -6.93 -12.06
C HIS A 235 14.20 -6.35 -13.46
N VAL A 236 15.43 -5.88 -13.72
CA VAL A 236 15.82 -5.21 -14.94
C VAL A 236 17.25 -5.64 -15.31
N GLU A 237 17.59 -5.55 -16.59
CA GLU A 237 18.90 -5.85 -17.17
C GLU A 237 20.03 -4.98 -16.58
N PRO A 238 21.20 -5.55 -16.22
CA PRO A 238 22.42 -4.78 -15.86
C PRO A 238 22.80 -3.55 -16.71
N GLU A 239 22.70 -3.64 -18.05
CA GLU A 239 22.86 -2.53 -19.00
C GLU A 239 21.89 -1.35 -18.75
N GLN A 240 20.74 -1.64 -18.14
CA GLN A 240 19.71 -0.67 -17.79
C GLN A 240 19.84 -0.14 -16.35
N VAL A 241 20.90 -0.53 -15.64
CA VAL A 241 21.28 0.05 -14.36
C VAL A 241 22.49 0.94 -14.59
N ILE A 242 22.32 2.22 -14.24
CA ILE A 242 23.30 3.27 -14.47
C ILE A 242 23.69 3.89 -13.13
N CYS A 243 24.98 4.23 -12.97
CA CYS A 243 25.45 5.05 -11.87
C CYS A 243 25.75 6.44 -12.43
N VAL A 244 25.14 7.47 -11.84
CA VAL A 244 25.60 8.84 -11.94
C VAL A 244 26.28 9.15 -10.60
N HIS A 245 27.61 9.02 -10.61
CA HIS A 245 28.47 9.34 -9.48
C HIS A 245 28.81 10.84 -9.48
N ASP A 246 29.48 11.28 -8.41
CA ASP A 246 30.08 12.61 -8.33
C ASP A 246 31.18 12.78 -9.40
N VAL A 247 31.15 13.92 -10.09
CA VAL A 247 32.06 14.32 -11.15
C VAL A 247 32.48 15.79 -10.91
N SER A 248 33.60 16.20 -11.52
CA SER A 248 34.23 17.50 -11.34
C SER A 248 33.40 18.69 -11.83
N SER A 249 32.83 18.56 -13.02
CA SER A 249 32.06 19.59 -13.68
C SER A 249 30.79 19.00 -14.25
N ILE A 250 29.76 19.85 -14.34
CA ILE A 250 28.44 19.59 -14.91
C ILE A 250 28.51 19.00 -16.33
N TYR A 251 29.54 19.44 -17.06
CA TYR A 251 29.82 19.11 -18.44
C TYR A 251 30.09 17.62 -18.66
N ARG A 252 30.47 16.90 -17.59
CA ARG A 252 30.73 15.47 -17.64
C ARG A 252 29.48 14.59 -17.50
N VAL A 253 28.35 15.11 -17.00
CA VAL A 253 27.18 14.27 -16.75
C VAL A 253 26.53 13.64 -18.01
N PRO A 254 26.39 14.38 -19.14
CA PRO A 254 26.01 13.77 -20.42
C PRO A 254 26.99 12.71 -20.94
N LEU A 255 28.28 12.91 -20.69
CA LEU A 255 29.37 12.04 -21.13
C LEU A 255 29.39 10.72 -20.36
N LEU A 256 29.10 10.82 -19.05
CA LEU A 256 28.95 9.73 -18.12
C LEU A 256 27.74 8.85 -18.50
N LEU A 257 26.61 9.49 -18.81
CA LEU A 257 25.41 8.83 -19.32
C LEU A 257 25.63 8.18 -20.69
N GLU A 258 26.36 8.88 -21.57
CA GLU A 258 26.81 8.37 -22.87
C GLU A 258 27.66 7.09 -22.75
N GLU A 259 28.69 7.14 -21.89
CA GLU A 259 29.54 6.01 -21.52
C GLU A 259 28.75 4.82 -20.97
N GLN A 260 27.79 5.12 -20.07
CA GLN A 260 26.83 4.17 -19.53
C GLN A 260 25.79 3.61 -20.54
N GLY A 261 25.78 4.11 -21.78
CA GLY A 261 25.10 3.49 -22.91
C GLY A 261 23.66 3.97 -23.11
N VAL A 262 23.20 4.99 -22.37
CA VAL A 262 21.79 5.39 -22.37
C VAL A 262 21.29 5.89 -23.74
N VAL A 263 22.19 6.48 -24.53
CA VAL A 263 21.91 6.99 -25.87
C VAL A 263 21.45 5.84 -26.80
N ASP A 264 22.24 4.76 -26.78
CA ASP A 264 22.03 3.54 -27.54
C ASP A 264 20.76 2.85 -27.08
N TYR A 265 20.52 2.87 -25.76
CA TYR A 265 19.29 2.41 -25.14
C TYR A 265 18.06 3.19 -25.66
N PHE A 266 18.05 4.52 -25.55
CA PHE A 266 16.95 5.37 -26.01
C PHE A 266 16.66 5.21 -27.50
N LEU A 267 17.71 5.13 -28.33
CA LEU A 267 17.60 4.97 -29.77
C LEU A 267 16.86 3.68 -30.16
N ARG A 268 17.19 2.56 -29.51
CA ARG A 268 16.50 1.29 -29.73
C ARG A 268 15.13 1.25 -29.01
N ARG A 269 15.08 1.71 -27.76
CA ARG A 269 13.91 1.64 -26.89
C ARG A 269 12.74 2.52 -27.35
N LEU A 270 13.03 3.67 -27.95
CA LEU A 270 12.04 4.61 -28.46
C LEU A 270 11.94 4.58 -29.99
N ASP A 271 12.71 3.72 -30.66
CA ASP A 271 12.76 3.54 -32.12
C ASP A 271 13.02 4.88 -32.86
N LEU A 272 14.06 5.60 -32.41
CA LEU A 272 14.37 6.94 -32.89
C LEU A 272 15.31 6.87 -34.11
N PRO A 273 15.12 7.76 -35.10
CA PRO A 273 16.06 7.90 -36.22
C PRO A 273 17.40 8.56 -35.84
N LEU A 282 28.07 16.68 -28.58
CA LEU A 282 28.49 16.35 -27.22
C LEU A 282 30.02 16.36 -27.00
N MET A 283 30.80 16.44 -28.08
CA MET A 283 32.24 16.71 -28.06
C MET A 283 32.59 18.10 -27.50
N LYS A 284 31.67 19.08 -27.61
CA LYS A 284 31.80 20.36 -26.93
C LYS A 284 31.77 20.22 -25.40
N TRP A 285 31.02 19.23 -24.90
CA TRP A 285 30.91 18.94 -23.47
C TRP A 285 32.14 18.21 -22.94
N LYS A 286 32.85 17.45 -23.79
CA LYS A 286 34.20 16.94 -23.51
C LYS A 286 35.17 18.12 -23.37
N GLU A 287 35.16 19.00 -24.38
CA GLU A 287 35.99 20.20 -24.45
C GLU A 287 35.80 21.11 -23.23
N MET A 288 34.56 21.53 -22.96
CA MET A 288 34.22 22.39 -21.82
C MET A 288 34.62 21.78 -20.47
N ALA A 289 34.44 20.47 -20.29
CA ALA A 289 34.85 19.75 -19.09
C ALA A 289 36.37 19.77 -18.91
N ASP A 290 37.10 19.37 -19.95
CA ASP A 290 38.57 19.33 -19.96
C ASP A 290 39.17 20.72 -19.81
N ARG A 291 38.57 21.73 -20.47
CA ARG A 291 38.91 23.14 -20.32
C ARG A 291 38.73 23.62 -18.87
N TYR A 292 37.61 23.25 -18.24
CA TYR A 292 37.27 23.62 -16.87
C TYR A 292 38.26 23.05 -15.85
N ASP A 293 38.55 21.75 -15.99
CA ASP A 293 39.42 21.00 -15.08
C ASP A 293 40.90 21.38 -15.17
N ARG A 294 41.30 22.20 -16.16
CA ARG A 294 42.66 22.69 -16.31
C ARG A 294 42.76 24.23 -16.17
N LEU A 295 41.71 24.90 -15.68
CA LEU A 295 41.78 26.32 -15.32
C LEU A 295 42.64 26.50 -14.07
N LEU A 296 43.68 27.33 -14.15
CA LEU A 296 44.65 27.53 -13.07
C LEU A 296 44.43 28.89 -12.39
N GLU A 297 44.56 29.98 -13.15
CA GLU A 297 44.33 31.35 -12.68
C GLU A 297 42.84 31.58 -12.40
N THR A 298 42.58 32.35 -11.34
CA THR A 298 41.26 32.57 -10.78
C THR A 298 40.94 34.05 -10.78
N CYS A 299 39.74 34.35 -11.21
CA CYS A 299 39.05 35.58 -10.88
C CYS A 299 38.38 35.43 -9.52
N SER A 300 37.89 36.52 -8.92
CA SER A 300 37.07 36.48 -7.72
C SER A 300 35.99 37.54 -7.77
N ILE A 301 34.73 37.14 -7.65
CA ILE A 301 33.57 38.04 -7.61
C ILE A 301 32.96 38.00 -6.21
N ALA A 302 32.75 39.18 -5.62
CA ALA A 302 31.91 39.37 -4.45
C ALA A 302 30.44 39.35 -4.87
N LEU A 303 29.70 38.33 -4.44
CA LEU A 303 28.26 38.26 -4.63
C LEU A 303 27.59 38.74 -3.35
N VAL A 304 27.27 40.03 -3.30
CA VAL A 304 26.69 40.71 -2.12
C VAL A 304 25.17 40.62 -2.16
N GLY A 305 24.62 39.54 -1.64
CA GLY A 305 23.21 39.16 -1.74
C GLY A 305 22.52 38.89 -0.42
N LYS A 306 21.18 38.72 -0.41
CA LYS A 306 20.37 38.44 0.78
C LYS A 306 20.15 36.94 1.04
N TYR A 307 20.05 36.17 -0.06
CA TYR A 307 19.45 34.85 -0.06
C TYR A 307 20.51 33.75 0.09
N ASP A 312 21.89 28.54 -3.80
CA ASP A 312 20.86 28.05 -4.73
C ASP A 312 19.90 29.13 -5.24
N SER A 313 19.66 30.16 -4.43
CA SER A 313 18.88 31.33 -4.81
C SER A 313 19.52 32.17 -5.92
N TYR A 314 20.81 31.98 -6.16
CA TYR A 314 21.61 32.66 -7.16
C TYR A 314 22.07 31.68 -8.23
N ALA A 315 21.33 30.60 -8.44
CA ALA A 315 21.65 29.52 -9.37
C ALA A 315 22.00 29.98 -10.78
N SER A 316 21.08 30.68 -11.46
CA SER A 316 21.33 31.29 -12.77
C SER A 316 22.50 32.29 -12.78
N VAL A 317 22.62 33.08 -11.72
CA VAL A 317 23.64 34.12 -11.53
C VAL A 317 25.02 33.50 -11.45
N ILE A 318 25.19 32.52 -10.59
CA ILE A 318 26.41 31.73 -10.45
C ILE A 318 26.82 31.06 -11.77
N LYS A 319 25.85 30.42 -12.44
CA LYS A 319 26.05 29.75 -13.72
C LYS A 319 26.53 30.72 -14.82
N ALA A 320 25.95 31.93 -14.88
CA ALA A 320 26.34 32.99 -15.78
C ALA A 320 27.79 33.49 -15.56
N LEU A 321 28.22 33.58 -14.31
CA LEU A 321 29.60 33.88 -13.95
C LEU A 321 30.54 32.73 -14.34
N GLU A 322 30.16 31.48 -14.14
CA GLU A 322 30.94 30.30 -14.52
C GLU A 322 31.10 30.14 -16.04
N HIS A 323 30.05 30.49 -16.81
CA HIS A 323 30.10 30.57 -18.28
C HIS A 323 31.13 31.62 -18.72
N SER A 324 31.04 32.81 -18.09
CA SER A 324 31.92 33.94 -18.32
C SER A 324 33.38 33.63 -17.96
N ALA A 325 33.60 32.97 -16.82
CA ALA A 325 34.89 32.50 -16.32
C ALA A 325 35.55 31.51 -17.27
N LEU A 326 34.79 30.50 -17.72
CA LEU A 326 35.26 29.51 -18.68
C LEU A 326 35.60 30.12 -20.05
N ALA A 327 34.87 31.17 -20.45
CA ALA A 327 35.08 31.93 -21.67
C ALA A 327 36.35 32.80 -21.65
N ILE A 328 36.63 33.47 -20.52
CA ILE A 328 37.87 34.23 -20.36
C ILE A 328 39.09 33.34 -20.02
N ASN A 329 38.83 32.07 -19.68
CA ASN A 329 39.76 31.01 -19.31
C ASN A 329 40.38 31.20 -17.93
N HIS A 330 39.56 31.56 -16.95
CA HIS A 330 39.93 31.58 -15.54
C HIS A 330 38.97 30.69 -14.75
N LYS A 331 39.43 30.21 -13.59
CA LYS A 331 38.56 29.79 -12.49
C LYS A 331 37.74 30.96 -11.95
N LEU A 332 36.69 30.62 -11.21
CA LEU A 332 35.88 31.56 -10.47
C LEU A 332 35.89 31.09 -9.02
N GLU A 333 36.08 32.05 -8.12
CA GLU A 333 35.91 31.89 -6.70
C GLU A 333 34.88 32.96 -6.32
N ILE A 334 33.64 32.54 -6.01
CA ILE A 334 32.56 33.46 -5.65
C ILE A 334 32.59 33.68 -4.15
N LYS A 335 32.83 34.92 -3.75
CA LYS A 335 32.77 35.34 -2.35
C LYS A 335 31.33 35.68 -2.01
N TYR A 336 30.58 34.67 -1.58
CA TYR A 336 29.22 34.85 -1.07
C TYR A 336 29.24 35.74 0.17
N ILE A 337 28.68 36.93 0.06
CA ILE A 337 28.60 37.88 1.17
C ILE A 337 27.12 38.08 1.49
N ASP A 338 26.72 37.73 2.70
CA ASP A 338 25.42 38.14 3.21
C ASP A 338 25.40 39.67 3.34
N SER A 339 24.57 40.34 2.57
CA SER A 339 24.45 41.79 2.56
C SER A 339 24.09 42.35 3.93
N ALA A 340 23.34 41.60 4.74
CA ALA A 340 23.01 41.98 6.11
C ALA A 340 24.24 42.01 7.05
N ASP A 341 25.38 41.44 6.66
CA ASP A 341 26.64 41.55 7.40
C ASP A 341 27.44 42.84 7.09
N LEU A 342 27.22 43.46 5.92
CA LEU A 342 27.86 44.73 5.55
C LEU A 342 27.17 45.98 6.13
N GLU A 343 25.99 45.82 6.72
CA GLU A 343 25.28 46.87 7.48
C GLU A 343 26.06 47.27 8.76
N PRO A 344 26.10 48.57 9.13
CA PRO A 344 26.86 49.04 10.29
C PRO A 344 26.31 48.50 11.62
N ILE A 345 25.02 48.18 11.70
CA ILE A 345 24.42 47.53 12.87
C ILE A 345 25.06 46.17 13.17
N THR A 346 25.51 45.40 12.16
CA THR A 346 26.25 44.16 12.39
C THR A 346 27.65 44.41 12.97
N SER A 347 28.22 45.60 12.79
CA SER A 347 29.43 46.00 13.53
C SER A 347 29.17 46.12 15.03
N GLN A 348 27.95 46.53 15.42
CA GLN A 348 27.52 46.58 16.82
C GLN A 348 27.28 45.17 17.37
N GLU A 349 26.38 44.40 16.77
CA GLU A 349 25.97 43.11 17.35
C GLU A 349 26.99 41.97 17.16
N GLU A 350 27.73 41.91 16.05
CA GLU A 350 28.64 40.80 15.74
C GLU A 350 29.85 41.28 14.91
N PRO A 351 30.87 41.89 15.54
CA PRO A 351 32.00 42.44 14.80
C PRO A 351 32.79 41.36 14.05
N VAL A 352 32.72 40.08 14.45
CA VAL A 352 33.28 38.97 13.65
C VAL A 352 32.56 38.78 12.31
N ARG A 353 31.23 38.90 12.25
CA ARG A 353 30.48 38.85 10.99
C ARG A 353 30.84 40.05 10.12
N TYR A 354 30.86 41.25 10.72
CA TYR A 354 31.12 42.48 10.00
C TYR A 354 32.51 42.51 9.35
N HIS A 355 33.57 42.09 10.04
CA HIS A 355 34.91 42.18 9.46
C HIS A 355 35.18 41.07 8.46
N GLU A 356 34.72 39.84 8.69
CA GLU A 356 34.86 38.78 7.68
C GLU A 356 34.16 39.16 6.37
N ALA A 357 32.99 39.78 6.40
CA ALA A 357 32.32 40.24 5.19
C ALA A 357 33.10 41.30 4.43
N TRP A 358 33.75 42.24 5.12
CA TRP A 358 34.56 43.28 4.49
C TRP A 358 35.94 42.80 4.03
N GLN A 359 36.53 41.80 4.68
CA GLN A 359 37.69 41.10 4.12
C GLN A 359 37.33 40.45 2.77
N LYS A 360 36.20 39.73 2.71
CA LYS A 360 35.70 39.13 1.47
C LYS A 360 35.43 40.17 0.39
N LEU A 361 34.77 41.28 0.72
CA LEU A 361 34.43 42.30 -0.27
C LEU A 361 35.64 43.06 -0.80
N CYS A 362 36.65 43.30 0.03
CA CYS A 362 37.84 44.04 -0.38
C CYS A 362 38.81 43.18 -1.22
N SER A 363 38.98 41.91 -0.85
CA SER A 363 39.81 40.95 -1.59
C SER A 363 39.24 40.52 -2.95
N ALA A 364 37.95 40.74 -3.19
CA ALA A 364 37.27 40.47 -4.45
C ALA A 364 37.79 41.37 -5.59
N HIS A 365 37.93 40.80 -6.78
CA HIS A 365 38.45 41.50 -7.95
C HIS A 365 37.38 42.35 -8.65
N GLY A 366 36.10 42.00 -8.49
CA GLY A 366 34.93 42.79 -8.85
C GLY A 366 33.74 42.44 -7.94
N VAL A 367 32.65 43.21 -7.99
CA VAL A 367 31.46 42.96 -7.17
C VAL A 367 30.20 42.91 -8.02
N LEU A 368 29.31 42.00 -7.66
CA LEU A 368 28.02 41.78 -8.29
C LEU A 368 26.94 41.96 -7.23
N VAL A 369 26.06 42.94 -7.43
CA VAL A 369 24.85 43.11 -6.63
C VAL A 369 23.66 42.54 -7.40
N PRO A 370 23.16 41.35 -7.04
CA PRO A 370 22.10 40.68 -7.76
C PRO A 370 20.71 41.28 -7.44
N GLY A 371 19.67 40.86 -8.16
CA GLY A 371 18.29 41.26 -7.84
C GLY A 371 17.78 40.74 -6.50
N GLY A 372 16.60 41.20 -6.08
CA GLY A 372 15.89 40.72 -4.90
C GLY A 372 14.73 41.65 -4.50
N PHE A 373 14.08 41.35 -3.38
CA PHE A 373 12.94 42.10 -2.84
C PHE A 373 13.05 42.35 -1.33
N GLY A 374 12.44 43.43 -0.85
CA GLY A 374 12.38 43.76 0.58
C GLY A 374 13.58 44.57 1.11
N VAL A 375 13.40 45.26 2.23
CA VAL A 375 14.40 46.20 2.78
C VAL A 375 15.66 45.46 3.23
N ARG A 376 15.50 44.29 3.85
CA ARG A 376 16.52 43.57 4.62
C ARG A 376 17.84 43.44 3.85
N GLY A 377 18.92 44.03 4.35
CA GLY A 377 20.23 43.99 3.71
C GLY A 377 20.46 45.01 2.58
N THR A 378 19.46 45.80 2.18
CA THR A 378 19.62 46.86 1.16
C THR A 378 20.67 47.91 1.52
N GLU A 379 20.80 48.26 2.79
CA GLU A 379 21.82 49.23 3.21
C GLU A 379 23.23 48.64 3.10
N GLY A 380 23.38 47.32 3.24
CA GLY A 380 24.61 46.59 2.97
C GLY A 380 24.93 46.50 1.47
N LYS A 381 23.91 46.41 0.61
CA LYS A 381 24.08 46.52 -0.85
C LYS A 381 24.57 47.92 -1.18
N ILE A 382 23.96 48.98 -0.62
CA ILE A 382 24.33 50.38 -0.86
C ILE A 382 25.77 50.65 -0.43
N GLN A 383 26.22 50.12 0.71
CA GLN A 383 27.61 50.23 1.12
C GLN A 383 28.58 49.41 0.26
N ALA A 384 28.18 48.23 -0.24
CA ALA A 384 28.99 47.48 -1.20
C ALA A 384 29.15 48.20 -2.55
N ILE A 385 28.11 48.87 -3.03
CA ILE A 385 28.16 49.71 -4.23
C ILE A 385 29.01 50.97 -4.01
N ALA A 386 28.96 51.57 -2.82
CA ALA A 386 29.80 52.72 -2.49
C ALA A 386 31.28 52.36 -2.57
N TRP A 387 31.66 51.22 -1.98
CA TRP A 387 32.98 50.62 -2.12
C TRP A 387 33.34 50.45 -3.59
N ALA A 388 32.47 49.84 -4.39
CA ALA A 388 32.79 49.58 -5.78
C ALA A 388 32.91 50.84 -6.65
N ARG A 389 32.12 51.89 -6.40
CA ARG A 389 32.32 53.18 -7.09
C ARG A 389 33.69 53.77 -6.76
N ASN A 390 33.95 54.02 -5.48
CA ASN A 390 34.99 54.95 -5.08
C ASN A 390 36.39 54.31 -5.11
N GLN A 391 36.47 53.00 -4.95
CA GLN A 391 37.69 52.20 -5.12
C GLN A 391 37.83 51.56 -6.50
N LYS A 392 37.02 52.00 -7.48
CA LYS A 392 37.13 51.66 -8.90
C LYS A 392 37.12 50.16 -9.17
N LYS A 393 36.46 49.38 -8.31
CA LYS A 393 36.22 47.93 -8.49
C LYS A 393 35.17 47.75 -9.57
N PRO A 394 35.37 46.87 -10.56
CA PRO A 394 34.35 46.51 -11.51
C PRO A 394 33.06 46.09 -10.82
N PHE A 395 31.95 46.71 -11.22
CA PHE A 395 30.64 46.56 -10.61
C PHE A 395 29.61 46.12 -11.63
N LEU A 396 28.82 45.10 -11.29
CA LEU A 396 27.56 44.84 -11.95
C LEU A 396 26.41 44.88 -10.95
N GLY A 397 25.43 45.73 -11.17
CA GLY A 397 24.16 45.75 -10.48
C GLY A 397 23.09 45.16 -11.36
N VAL A 398 22.40 44.13 -10.87
CA VAL A 398 21.32 43.45 -11.60
C VAL A 398 20.00 43.78 -10.94
N CYS A 399 19.06 44.31 -11.71
CA CYS A 399 17.72 44.72 -11.28
C CYS A 399 17.75 45.65 -10.06
N LEU A 400 17.66 45.11 -8.84
CA LEU A 400 17.82 45.87 -7.61
C LEU A 400 19.21 46.52 -7.51
N GLY A 401 20.25 45.87 -7.98
CA GLY A 401 21.58 46.47 -8.05
C GLY A 401 21.64 47.75 -8.88
N MET A 402 20.85 47.91 -9.94
CA MET A 402 20.76 49.17 -10.68
C MET A 402 20.04 50.24 -9.86
N GLN A 403 18.92 49.88 -9.25
CA GLN A 403 18.11 50.79 -8.45
C GLN A 403 18.92 51.35 -7.30
N LEU A 404 19.66 50.49 -6.60
CA LEU A 404 20.54 50.89 -5.52
C LEU A 404 21.84 51.55 -5.99
N ALA A 405 22.31 51.35 -7.22
CA ALA A 405 23.39 52.14 -7.78
C ALA A 405 22.98 53.59 -8.09
N VAL A 406 21.70 53.82 -8.43
CA VAL A 406 21.09 55.16 -8.52
C VAL A 406 20.81 55.76 -7.14
N VAL A 407 20.42 54.97 -6.13
CA VAL A 407 20.36 55.46 -4.74
C VAL A 407 21.73 55.87 -4.22
N GLU A 408 22.77 55.08 -4.42
CA GLU A 408 24.12 55.36 -3.92
C GLU A 408 24.74 56.59 -4.59
N PHE A 409 24.66 56.71 -5.91
CA PHE A 409 25.08 57.90 -6.62
C PHE A 409 24.28 59.15 -6.19
N SER A 410 22.99 58.99 -5.92
CA SER A 410 22.18 60.06 -5.33
C SER A 410 22.64 60.46 -3.93
N ARG A 411 22.91 59.51 -3.04
CA ARG A 411 23.33 59.82 -1.66
C ARG A 411 24.71 60.46 -1.61
N ASN A 412 25.70 59.87 -2.28
CA ASN A 412 27.12 60.20 -2.03
C ASN A 412 27.82 60.94 -3.16
N VAL A 413 27.20 61.12 -4.32
CA VAL A 413 27.65 62.07 -5.36
C VAL A 413 26.75 63.31 -5.40
N LEU A 414 25.44 63.15 -5.50
CA LEU A 414 24.52 64.29 -5.54
C LEU A 414 24.24 64.91 -4.17
N GLY A 415 24.51 64.20 -3.07
CA GLY A 415 24.35 64.69 -1.70
C GLY A 415 22.91 64.65 -1.17
N TRP A 416 21.99 64.04 -1.90
CA TRP A 416 20.61 63.73 -1.51
C TRP A 416 20.62 62.55 -0.52
N GLN A 417 21.23 62.76 0.66
CA GLN A 417 21.55 61.72 1.64
C GLN A 417 20.34 60.92 2.14
N ASP A 418 19.13 61.49 2.01
CA ASP A 418 17.85 60.85 2.31
C ASP A 418 17.49 59.74 1.31
N ALA A 419 17.99 59.77 0.08
CA ALA A 419 17.46 59.03 -1.06
C ALA A 419 17.29 57.54 -0.81
N ASN A 420 16.17 57.02 -1.30
CA ASN A 420 15.86 55.61 -1.36
C ASN A 420 14.80 55.36 -2.43
N SER A 421 14.43 54.09 -2.62
CA SER A 421 13.23 53.73 -3.36
C SER A 421 11.95 53.90 -2.52
N THR A 422 10.83 54.01 -3.22
CA THR A 422 9.47 53.99 -2.69
C THR A 422 9.03 52.59 -2.19
N GLU A 423 9.82 51.54 -2.47
CA GLU A 423 9.64 50.20 -1.90
C GLU A 423 9.98 50.18 -0.41
N PHE A 424 11.08 50.83 -0.05
CA PHE A 424 11.65 50.81 1.30
C PHE A 424 11.25 52.03 2.13
N ASP A 425 11.39 53.23 1.58
CA ASP A 425 11.16 54.49 2.29
C ASP A 425 10.27 55.43 1.44
N PRO A 426 8.95 55.17 1.36
CA PRO A 426 8.02 56.03 0.58
C PRO A 426 7.89 57.49 1.08
N THR A 427 8.33 57.76 2.31
CA THR A 427 8.34 59.06 2.97
C THR A 427 9.50 59.98 2.51
N THR A 428 10.43 59.47 1.71
CA THR A 428 11.65 60.17 1.28
C THR A 428 11.36 61.37 0.36
N SER A 429 12.12 62.47 0.52
CA SER A 429 11.98 63.68 -0.29
C SER A 429 12.62 63.54 -1.69
N HIS A 430 13.53 62.57 -1.84
CA HIS A 430 14.13 62.17 -3.11
C HIS A 430 13.80 60.69 -3.39
N PRO A 431 12.56 60.39 -3.86
CA PRO A 431 12.21 59.04 -4.33
C PRO A 431 12.81 58.81 -5.73
N VAL A 432 14.10 58.50 -5.79
CA VAL A 432 14.93 58.44 -7.02
C VAL A 432 14.64 57.20 -7.86
N VAL A 433 14.07 56.17 -7.24
CA VAL A 433 13.51 55.02 -7.90
C VAL A 433 12.10 54.80 -7.35
N VAL A 434 11.13 54.72 -8.23
CA VAL A 434 9.70 54.78 -7.93
C VAL A 434 9.00 53.53 -8.46
N ASP A 435 7.91 53.15 -7.78
CA ASP A 435 6.93 52.15 -8.20
C ASP A 435 6.29 52.63 -9.51
N MET A 436 6.52 51.88 -10.59
CA MET A 436 6.15 52.25 -11.95
C MET A 436 5.64 50.98 -12.64
N PRO A 437 4.38 50.57 -12.35
CA PRO A 437 3.83 49.34 -12.92
C PRO A 437 3.56 49.46 -14.43
N GLU A 438 3.45 48.31 -15.10
CA GLU A 438 3.00 48.25 -16.47
C GLU A 438 1.51 48.58 -16.55
N HIS A 439 1.22 49.71 -17.19
CA HIS A 439 -0.10 50.23 -17.53
C HIS A 439 -0.72 49.45 -18.71
N THR A 447 0.59 46.06 -13.27
CA THR A 447 1.33 44.83 -13.00
C THR A 447 2.86 45.06 -13.05
N MET A 448 3.61 44.02 -12.68
CA MET A 448 5.06 43.95 -12.75
C MET A 448 5.56 43.98 -14.19
N ARG A 449 6.71 44.62 -14.45
CA ARG A 449 7.44 44.51 -15.71
C ARG A 449 8.17 43.17 -15.70
N LEU A 450 7.53 42.19 -16.36
CA LEU A 450 7.76 40.79 -16.16
C LEU A 450 7.79 40.10 -17.52
N GLY A 451 8.91 39.44 -17.82
CA GLY A 451 9.13 38.72 -19.06
C GLY A 451 10.01 39.53 -20.00
N LYS A 452 10.07 39.09 -21.26
CA LYS A 452 10.86 39.66 -22.34
C LYS A 452 10.31 41.04 -22.75
N ARG A 453 11.10 42.09 -22.53
CA ARG A 453 10.87 43.42 -23.08
C ARG A 453 12.07 43.76 -23.96
N ARG A 454 11.85 44.67 -24.92
CA ARG A 454 12.89 45.24 -25.75
C ARG A 454 13.42 46.53 -25.10
N THR A 455 14.75 46.59 -24.98
CA THR A 455 15.50 47.76 -24.57
C THR A 455 16.17 48.34 -25.82
N LEU A 456 16.12 49.66 -25.98
CA LEU A 456 16.83 50.39 -27.02
C LEU A 456 18.08 51.00 -26.40
N PHE A 457 19.20 50.92 -27.12
CA PHE A 457 20.39 51.70 -26.80
C PHE A 457 20.23 53.11 -27.36
N GLN A 458 20.26 54.12 -26.49
CA GLN A 458 20.04 55.52 -26.85
C GLN A 458 21.29 56.21 -27.45
N THR A 459 22.37 55.47 -27.67
CA THR A 459 23.66 55.99 -28.10
C THR A 459 24.55 54.86 -28.64
N LYS A 460 25.72 55.25 -29.17
CA LYS A 460 26.87 54.38 -29.40
C LYS A 460 27.86 54.39 -28.21
N ASN A 461 27.86 55.43 -27.37
CA ASN A 461 28.84 55.55 -26.27
C ASN A 461 28.41 54.68 -25.05
N SER A 462 28.67 53.39 -25.18
CA SER A 462 28.38 52.39 -24.17
C SER A 462 29.33 51.20 -24.39
N VAL A 463 30.03 50.77 -23.32
CA VAL A 463 30.76 49.51 -23.32
C VAL A 463 29.80 48.31 -23.39
N MET A 464 28.62 48.47 -22.79
CA MET A 464 27.55 47.48 -22.82
C MET A 464 27.02 47.23 -24.24
N ARG A 465 26.85 48.30 -25.02
CA ARG A 465 26.49 48.16 -26.43
C ARG A 465 27.54 47.38 -27.25
N LYS A 466 28.83 47.62 -26.97
CA LYS A 466 29.93 46.88 -27.61
C LYS A 466 29.94 45.40 -27.23
N LEU A 467 29.70 45.08 -25.95
CA LEU A 467 29.55 43.72 -25.45
C LEU A 467 28.31 43.00 -26.05
N TYR A 468 27.20 43.74 -26.23
CA TYR A 468 26.01 43.32 -26.96
C TYR A 468 26.16 43.40 -28.51
N GLY A 469 27.40 43.45 -29.04
CA GLY A 469 27.69 43.25 -30.45
C GLY A 469 27.39 44.47 -31.34
N ASP A 470 27.19 45.65 -30.73
CA ASP A 470 26.89 46.93 -31.37
C ASP A 470 25.48 46.99 -31.99
N ALA A 471 24.58 46.12 -31.53
CA ALA A 471 23.15 46.18 -31.82
C ALA A 471 22.51 47.45 -31.22
N ASP A 472 21.51 47.99 -31.93
CA ASP A 472 20.74 49.17 -31.53
C ASP A 472 19.71 48.87 -30.44
N TYR A 473 19.32 47.60 -30.31
CA TYR A 473 18.42 47.12 -29.28
C TYR A 473 18.92 45.76 -28.79
N LEU A 474 18.35 45.35 -27.66
CA LEU A 474 18.45 44.00 -27.12
C LEU A 474 17.08 43.67 -26.53
N GLU A 475 16.81 42.38 -26.32
CA GLU A 475 15.58 41.89 -25.72
C GLU A 475 15.99 40.98 -24.57
N GLU A 476 15.54 41.31 -23.35
CA GLU A 476 15.96 40.67 -22.12
C GLU A 476 14.78 40.49 -21.17
N ARG A 477 14.90 39.49 -20.28
CA ARG A 477 13.87 39.12 -19.34
C ARG A 477 13.96 39.96 -18.06
N HIS A 478 12.88 40.70 -17.82
CA HIS A 478 12.69 41.62 -16.71
C HIS A 478 11.81 40.95 -15.65
N ARG A 479 11.85 41.41 -14.39
CA ARG A 479 10.99 41.00 -13.27
C ARG A 479 11.08 42.02 -12.14
N HIS A 480 10.48 43.19 -12.31
CA HIS A 480 10.55 44.27 -11.32
C HIS A 480 9.33 45.18 -11.38
N ARG A 481 9.03 45.86 -10.27
CA ARG A 481 7.92 46.82 -10.14
C ARG A 481 8.38 48.28 -10.11
N PHE A 482 9.66 48.54 -9.88
CA PHE A 482 10.24 49.86 -9.60
C PHE A 482 11.24 50.26 -10.68
N GLU A 483 11.40 51.56 -10.91
CA GLU A 483 12.20 52.16 -11.97
C GLU A 483 12.80 53.50 -11.55
N VAL A 484 13.88 53.92 -12.19
CA VAL A 484 14.44 55.27 -12.02
C VAL A 484 13.39 56.33 -12.32
N ASN A 485 13.21 57.27 -11.39
CA ASN A 485 12.35 58.43 -11.53
C ASN A 485 12.84 59.37 -12.67
N PRO A 486 12.01 59.65 -13.68
CA PRO A 486 12.37 60.52 -14.81
C PRO A 486 12.54 62.01 -14.46
N VAL A 487 12.06 62.47 -13.30
CA VAL A 487 12.30 63.82 -12.80
C VAL A 487 13.77 63.96 -12.37
N TRP A 488 14.18 63.12 -11.41
CA TRP A 488 15.52 63.12 -10.83
C TRP A 488 16.63 62.72 -11.82
N LYS A 489 16.26 61.95 -12.87
CA LYS A 489 17.11 61.55 -14.00
C LYS A 489 17.93 62.71 -14.59
N LYS A 490 17.31 63.90 -14.65
CA LYS A 490 17.92 65.12 -15.18
C LYS A 490 19.14 65.60 -14.36
N CYS A 491 19.19 65.27 -13.07
CA CYS A 491 20.30 65.59 -12.18
C CYS A 491 21.29 64.43 -12.08
N LEU A 492 20.79 63.19 -12.19
CA LEU A 492 21.60 61.96 -12.19
C LEU A 492 22.51 61.87 -13.44
N LEU A 497 26.03 59.55 -14.51
CA LEU A 497 25.26 58.32 -14.40
C LEU A 497 24.40 58.20 -15.67
N LYS A 498 25.04 57.74 -16.75
CA LYS A 498 24.51 57.79 -18.12
C LYS A 498 23.59 56.59 -18.37
N PHE A 499 22.30 56.86 -18.52
CA PHE A 499 21.28 55.86 -18.79
C PHE A 499 21.29 55.45 -20.27
N VAL A 500 22.29 54.65 -20.66
CA VAL A 500 22.55 54.21 -22.02
C VAL A 500 21.48 53.28 -22.64
N GLY A 501 20.72 52.57 -21.83
CA GLY A 501 19.65 51.69 -22.28
C GLY A 501 18.32 52.18 -21.73
N GLN A 502 17.32 52.32 -22.57
CA GLN A 502 15.97 52.78 -22.24
C GLN A 502 14.98 51.80 -22.87
N ASP A 503 13.73 51.79 -22.39
CA ASP A 503 12.65 51.09 -23.09
C ASP A 503 12.26 51.83 -24.39
N VAL A 504 11.47 51.15 -25.21
CA VAL A 504 10.91 51.69 -26.45
C VAL A 504 10.04 52.96 -26.27
N GLU A 505 9.40 53.12 -25.11
CA GLU A 505 8.61 54.31 -24.78
C GLU A 505 9.47 55.51 -24.34
N GLY A 506 10.72 55.26 -23.89
CA GLY A 506 11.60 56.25 -23.26
C GLY A 506 11.18 56.57 -21.80
N GLU A 507 10.14 55.91 -21.30
CA GLU A 507 9.57 56.05 -19.96
C GLU A 507 10.50 55.48 -18.87
N ARG A 508 11.22 54.42 -19.23
CA ARG A 508 11.90 53.53 -18.29
C ARG A 508 13.37 53.43 -18.70
N MET A 509 14.24 53.65 -17.72
CA MET A 509 15.69 53.45 -17.85
C MET A 509 15.99 51.99 -17.54
N GLU A 510 16.76 51.33 -18.38
CA GLU A 510 16.97 49.88 -18.33
C GLU A 510 18.45 49.46 -18.37
N ILE A 511 19.36 50.32 -18.82
CA ILE A 511 20.79 50.20 -18.52
C ILE A 511 21.31 51.55 -18.07
N VAL A 512 22.06 51.59 -16.96
CA VAL A 512 22.89 52.71 -16.53
C VAL A 512 24.35 52.32 -16.54
N GLU A 513 25.19 53.22 -17.02
CA GLU A 513 26.62 53.03 -17.11
C GLU A 513 27.25 54.32 -16.56
N LEU A 514 28.14 54.24 -15.58
CA LEU A 514 28.82 55.40 -14.99
C LEU A 514 30.06 55.79 -15.80
N GLU A 515 30.16 57.06 -16.19
CA GLU A 515 31.38 57.66 -16.75
C GLU A 515 32.52 57.76 -15.71
N ASP A 516 33.77 57.77 -16.17
CA ASP A 516 34.98 57.87 -15.33
C ASP A 516 35.13 56.73 -14.28
N HIS A 517 34.76 55.51 -14.68
CA HIS A 517 35.01 54.26 -13.96
C HIS A 517 35.38 53.12 -14.94
N PRO A 518 36.27 52.17 -14.61
CA PRO A 518 36.61 51.01 -15.44
C PRO A 518 35.42 50.24 -16.03
N PHE A 519 34.46 49.87 -15.20
CA PHE A 519 33.22 49.19 -15.55
C PHE A 519 32.30 49.29 -14.34
N PHE A 520 31.24 50.08 -14.42
CA PHE A 520 30.22 50.23 -13.38
C PHE A 520 28.86 50.32 -14.05
N VAL A 521 28.14 49.21 -14.04
CA VAL A 521 26.93 49.01 -14.82
C VAL A 521 25.78 48.61 -13.91
N GLY A 522 24.61 49.21 -14.11
CA GLY A 522 23.34 48.69 -13.65
C GLY A 522 22.47 48.27 -14.83
N VAL A 523 21.98 47.05 -14.86
CA VAL A 523 20.95 46.58 -15.81
C VAL A 523 19.64 46.36 -15.06
N GLN A 524 18.50 46.80 -15.59
CA GLN A 524 17.21 46.63 -14.92
C GLN A 524 16.57 45.25 -15.14
N TYR A 525 17.06 44.49 -16.11
CA TYR A 525 16.68 43.12 -16.42
C TYR A 525 17.56 42.08 -15.70
N HIS A 526 17.34 40.79 -15.96
CA HIS A 526 18.14 39.66 -15.49
C HIS A 526 18.92 39.04 -16.66
N PRO A 527 20.20 39.38 -16.87
CA PRO A 527 20.98 38.83 -17.98
C PRO A 527 21.18 37.31 -17.89
N GLU A 528 21.24 36.77 -16.67
CA GLU A 528 21.63 35.40 -16.41
C GLU A 528 20.70 34.36 -17.01
N PHE A 529 19.40 34.66 -17.14
CA PHE A 529 18.39 33.77 -17.69
C PHE A 529 18.60 33.42 -19.17
N LEU A 530 19.41 34.22 -19.87
CA LEU A 530 19.78 34.00 -21.27
C LEU A 530 21.25 33.58 -21.43
N SER A 531 21.97 33.31 -20.33
CA SER A 531 23.33 32.79 -20.41
C SER A 531 23.31 31.30 -20.74
N ARG A 532 24.16 30.89 -21.67
CA ARG A 532 24.40 29.52 -22.07
C ARG A 532 25.93 29.30 -21.99
N PRO A 533 26.42 28.07 -21.77
CA PRO A 533 27.89 27.81 -21.77
C PRO A 533 28.64 28.30 -23.02
N ILE A 534 28.01 28.13 -24.17
CA ILE A 534 28.46 28.58 -25.48
C ILE A 534 28.31 30.10 -25.73
N LYS A 535 27.64 30.84 -24.84
CA LYS A 535 27.37 32.27 -24.99
C LYS A 535 27.00 32.85 -23.60
N PRO A 536 28.00 33.27 -22.78
CA PRO A 536 27.71 34.03 -21.55
C PRO A 536 27.02 35.37 -21.83
N SER A 537 26.12 35.80 -20.94
CA SER A 537 25.51 37.11 -21.07
C SER A 537 26.55 38.25 -20.91
N PRO A 538 26.56 39.21 -21.86
CA PRO A 538 27.59 40.25 -21.91
C PRO A 538 27.91 41.08 -20.66
N PRO A 539 26.99 41.44 -19.76
CA PRO A 539 27.38 42.17 -18.55
C PRO A 539 28.13 41.28 -17.55
N TYR A 540 27.80 39.99 -17.43
CA TYR A 540 28.55 39.05 -16.62
C TYR A 540 29.92 38.75 -17.23
N PHE A 541 29.99 38.73 -18.55
CA PHE A 541 31.25 38.57 -19.27
C PHE A 541 32.15 39.80 -19.14
N GLY A 542 31.56 40.99 -19.28
CA GLY A 542 32.21 42.28 -19.08
C GLY A 542 32.73 42.47 -17.67
N LEU A 543 31.99 42.03 -16.65
CA LEU A 543 32.43 42.02 -15.25
C LEU A 543 33.65 41.12 -15.05
N LEU A 544 33.63 39.90 -15.58
CA LEU A 544 34.72 38.93 -15.55
C LEU A 544 35.96 39.44 -16.31
N LEU A 545 35.75 39.99 -17.50
CA LEU A 545 36.79 40.63 -18.31
C LEU A 545 37.43 41.83 -17.60
N ALA A 546 36.64 42.71 -17.01
CA ALA A 546 37.09 43.91 -16.32
C ALA A 546 37.84 43.58 -15.04
N SER A 547 37.34 42.66 -14.23
CA SER A 547 37.99 42.22 -12.99
C SER A 547 39.27 41.40 -13.19
N VAL A 548 39.63 41.03 -14.41
CA VAL A 548 40.96 40.53 -14.78
C VAL A 548 41.74 41.46 -15.71
N GLY A 549 41.24 42.67 -15.95
CA GLY A 549 41.86 43.71 -16.78
C GLY A 549 41.87 43.45 -18.30
N ARG A 550 41.09 42.50 -18.81
CA ARG A 550 41.10 42.05 -20.20
C ARG A 550 40.04 42.79 -21.06
N LEU A 551 39.12 43.53 -20.43
CA LEU A 551 38.02 44.23 -21.10
C LEU A 551 38.48 45.26 -22.14
N SER A 552 39.49 46.06 -21.77
CA SER A 552 40.12 47.07 -22.61
C SER A 552 40.90 46.49 -23.80
N HIS A 553 41.27 45.20 -23.74
CA HIS A 553 41.80 44.45 -24.86
C HIS A 553 40.66 43.91 -25.74
N TYR A 554 39.61 43.37 -25.09
CA TYR A 554 38.43 42.82 -25.76
C TYR A 554 37.68 43.86 -26.60
N LEU A 555 37.43 45.05 -26.03
CA LEU A 555 36.78 46.18 -26.70
C LEU A 555 37.65 46.82 -27.79
N GLN A 556 38.98 46.64 -27.69
CA GLN A 556 39.97 47.14 -28.64
C GLN A 556 40.08 46.23 -29.88
N MET B 1 6.48 -6.97 33.01
CA MET B 1 7.45 -7.08 31.93
C MET B 1 7.17 -6.06 30.80
N LYS B 2 8.10 -5.12 30.59
CA LYS B 2 7.98 -4.06 29.59
C LYS B 2 8.70 -4.45 28.30
N TYR B 3 8.23 -3.96 27.16
CA TYR B 3 8.78 -4.27 25.86
C TYR B 3 9.12 -2.97 25.14
N ILE B 4 10.27 -2.96 24.47
CA ILE B 4 10.66 -1.90 23.55
C ILE B 4 10.98 -2.58 22.21
N LEU B 5 10.21 -2.27 21.16
CA LEU B 5 10.50 -2.73 19.81
C LEU B 5 11.31 -1.68 19.08
N VAL B 6 12.54 -2.02 18.73
CA VAL B 6 13.40 -1.23 17.86
C VAL B 6 13.20 -1.74 16.42
N THR B 7 12.80 -0.83 15.53
CA THR B 7 12.52 -1.08 14.12
C THR B 7 13.46 -0.23 13.26
N GLY B 8 13.80 -0.72 12.07
CA GLY B 8 14.72 -0.07 11.16
C GLY B 8 13.98 0.48 9.97
N GLY B 9 14.36 1.68 9.56
CA GLY B 9 13.70 2.43 8.53
C GLY B 9 14.31 2.19 7.16
N VAL B 10 15.06 3.18 6.67
CA VAL B 10 15.47 3.35 5.28
C VAL B 10 16.42 2.24 4.76
N ILE B 11 17.35 1.82 5.63
CA ILE B 11 18.39 0.85 5.35
C ILE B 11 18.72 0.11 6.66
N SER B 12 19.39 -1.03 6.52
CA SER B 12 20.10 -1.71 7.59
C SER B 12 21.52 -1.11 7.74
N GLY B 13 22.28 -1.55 8.74
CA GLY B 13 23.69 -1.17 8.91
C GLY B 13 23.88 0.19 9.62
N ILE B 14 22.82 0.99 9.73
CA ILE B 14 22.75 2.29 10.37
C ILE B 14 22.74 2.28 11.92
N GLY B 15 23.42 1.30 12.51
CA GLY B 15 23.74 1.29 13.94
C GLY B 15 22.55 0.89 14.82
N LYS B 16 21.47 0.36 14.25
CA LYS B 16 20.26 -0.06 14.96
C LYS B 16 20.50 -1.02 16.12
N GLY B 17 21.44 -1.97 15.92
CA GLY B 17 21.83 -2.93 16.94
C GLY B 17 22.66 -2.30 18.05
N ILE B 18 23.41 -1.23 17.74
CA ILE B 18 24.13 -0.45 18.72
C ILE B 18 23.16 0.42 19.53
N ILE B 19 22.16 1.02 18.86
CA ILE B 19 21.06 1.75 19.49
C ILE B 19 20.25 0.87 20.46
N ALA B 20 19.85 -0.34 20.01
CA ALA B 20 19.18 -1.33 20.83
C ALA B 20 19.98 -1.72 22.09
N SER B 21 21.28 -1.98 21.88
CA SER B 21 22.22 -2.31 22.95
C SER B 21 22.45 -1.12 23.91
N SER B 22 22.49 0.10 23.37
CA SER B 22 22.63 1.34 24.11
C SER B 22 21.40 1.65 24.97
N VAL B 23 20.20 1.46 24.41
CA VAL B 23 18.93 1.53 25.12
C VAL B 23 18.87 0.51 26.28
N GLY B 24 19.38 -0.71 26.03
CA GLY B 24 19.51 -1.75 27.03
C GLY B 24 20.47 -1.37 28.16
N THR B 25 21.66 -0.82 27.85
CA THR B 25 22.65 -0.47 28.86
C THR B 25 22.24 0.78 29.69
N ILE B 26 21.49 1.70 29.06
CA ILE B 26 20.81 2.83 29.69
C ILE B 26 19.80 2.36 30.75
N LEU B 27 18.93 1.42 30.38
CA LEU B 27 17.93 0.85 31.28
C LEU B 27 18.57 0.00 32.39
N LYS B 28 19.67 -0.70 32.07
CA LYS B 28 20.47 -1.41 33.06
C LYS B 28 21.19 -0.46 34.04
N SER B 29 21.61 0.71 33.56
CA SER B 29 22.12 1.81 34.39
C SER B 29 21.04 2.44 35.29
N CYS B 30 19.76 2.31 34.90
CA CYS B 30 18.61 2.63 35.75
C CYS B 30 18.33 1.55 36.81
N GLY B 31 19.13 0.48 36.85
CA GLY B 31 19.04 -0.59 37.84
C GLY B 31 18.05 -1.69 37.42
N LEU B 32 17.54 -1.65 36.19
CA LEU B 32 16.63 -2.68 35.68
C LEU B 32 17.39 -3.92 35.22
N HIS B 33 16.83 -5.10 35.48
CA HIS B 33 17.21 -6.33 34.81
C HIS B 33 16.60 -6.30 33.40
N VAL B 34 17.46 -6.48 32.39
CA VAL B 34 17.10 -6.28 31.01
C VAL B 34 17.56 -7.52 30.24
N THR B 35 16.68 -8.01 29.39
CA THR B 35 16.94 -9.05 28.41
C THR B 35 16.78 -8.44 27.00
N SER B 36 17.10 -9.21 25.97
CA SER B 36 17.01 -8.76 24.59
C SER B 36 16.66 -9.94 23.70
N ILE B 37 15.97 -9.63 22.60
CA ILE B 37 15.61 -10.56 21.55
C ILE B 37 15.99 -9.88 20.22
N LYS B 38 16.71 -10.59 19.37
CA LYS B 38 16.90 -10.19 17.99
C LYS B 38 15.93 -11.03 17.17
N ILE B 39 15.13 -10.37 16.35
CA ILE B 39 14.42 -11.02 15.27
C ILE B 39 15.22 -10.76 14.00
N ASP B 40 15.64 -11.84 13.34
CA ASP B 40 16.18 -11.83 12.00
C ASP B 40 15.11 -12.40 11.05
N PRO B 41 14.45 -11.53 10.24
CA PRO B 41 13.59 -12.00 9.14
C PRO B 41 14.37 -12.71 8.02
N TYR B 42 14.81 -13.93 8.28
CA TYR B 42 15.34 -14.87 7.31
C TYR B 42 14.84 -16.27 7.68
N ILE B 43 14.86 -17.17 6.70
CA ILE B 43 14.27 -18.51 6.78
C ILE B 43 15.24 -19.52 7.44
N ASN B 44 16.48 -19.09 7.66
CA ASN B 44 17.53 -19.87 8.30
C ASN B 44 17.20 -20.12 9.77
N ILE B 45 17.26 -21.38 10.19
CA ILE B 45 17.30 -21.77 11.58
C ILE B 45 18.78 -21.77 11.97
N ASP B 46 19.17 -20.73 12.72
CA ASP B 46 20.51 -20.47 13.22
C ASP B 46 21.46 -19.96 12.12
N ALA B 47 22.47 -19.19 12.54
CA ALA B 47 23.43 -18.53 11.66
C ALA B 47 24.62 -19.43 11.30
N GLY B 48 24.67 -20.64 11.88
CA GLY B 48 25.77 -21.60 11.76
C GLY B 48 26.07 -22.07 10.34
N THR B 49 25.13 -21.86 9.42
CA THR B 49 25.22 -22.21 8.02
C THR B 49 25.85 -21.09 7.15
N PHE B 50 26.02 -19.88 7.71
CA PHE B 50 26.42 -18.71 6.93
C PHE B 50 27.91 -18.67 6.60
N SER B 51 28.22 -18.29 5.37
CA SER B 51 29.52 -17.79 4.94
C SER B 51 29.75 -16.42 5.62
N PRO B 52 30.82 -16.20 6.40
CA PRO B 52 31.04 -15.00 7.21
C PRO B 52 31.05 -13.64 6.48
N TYR B 53 30.89 -13.57 5.16
CA TYR B 53 30.68 -12.33 4.42
C TYR B 53 29.24 -11.81 4.49
N GLU B 54 28.24 -12.66 4.77
CA GLU B 54 26.84 -12.31 4.93
C GLU B 54 26.50 -12.61 6.40
N HIS B 55 26.05 -11.58 7.14
CA HIS B 55 25.77 -11.63 8.58
C HIS B 55 27.01 -12.10 9.34
N GLY B 56 28.11 -11.36 9.12
CA GLY B 56 29.46 -11.80 9.45
C GLY B 56 29.68 -11.94 10.94
N GLU B 57 30.57 -12.86 11.31
CA GLU B 57 30.88 -13.28 12.68
C GLU B 57 29.66 -13.95 13.30
N VAL B 58 29.53 -15.27 13.09
CA VAL B 58 28.51 -16.04 13.77
C VAL B 58 28.96 -16.19 15.23
N PHE B 59 28.16 -15.61 16.12
CA PHE B 59 28.43 -15.53 17.54
C PHE B 59 27.90 -16.80 18.18
N VAL B 60 28.67 -17.40 19.08
CA VAL B 60 28.34 -18.68 19.67
C VAL B 60 27.99 -18.46 21.13
N LEU B 61 26.78 -18.87 21.50
CA LEU B 61 26.22 -18.82 22.84
C LEU B 61 26.66 -20.04 23.66
N ASP B 62 26.43 -20.00 24.98
CA ASP B 62 26.74 -21.08 25.92
C ASP B 62 26.13 -22.44 25.53
N ASP B 63 24.88 -22.41 25.07
CA ASP B 63 24.11 -23.59 24.66
C ASP B 63 24.53 -24.15 23.27
N GLY B 64 25.43 -23.47 22.57
CA GLY B 64 25.90 -23.89 21.25
C GLY B 64 25.09 -23.23 20.13
N GLY B 65 24.22 -22.26 20.44
CA GLY B 65 23.52 -21.50 19.43
C GLY B 65 24.50 -20.60 18.67
N GLU B 66 24.56 -20.81 17.36
CA GLU B 66 25.28 -20.00 16.40
C GLU B 66 24.30 -18.93 15.89
N VAL B 67 24.50 -17.68 16.32
CA VAL B 67 23.57 -16.57 16.14
C VAL B 67 24.27 -15.35 15.53
N ASP B 68 23.49 -14.33 15.18
CA ASP B 68 23.96 -13.06 14.61
C ASP B 68 24.83 -12.27 15.61
N LEU B 69 25.77 -11.45 15.10
CA LEU B 69 26.69 -10.65 15.90
C LEU B 69 26.00 -9.66 16.87
N ASP B 70 24.77 -9.23 16.55
CA ASP B 70 23.94 -8.40 17.43
C ASP B 70 23.63 -9.03 18.78
N LEU B 71 23.52 -10.36 18.87
CA LEU B 71 23.39 -11.08 20.14
C LEU B 71 24.65 -10.94 21.00
N GLY B 72 25.80 -10.80 20.34
CA GLY B 72 27.08 -10.54 20.98
C GLY B 72 27.19 -9.10 21.45
N ASN B 73 26.61 -8.15 20.71
CA ASN B 73 26.51 -6.75 21.15
C ASN B 73 25.67 -6.64 22.42
N TYR B 74 24.56 -7.38 22.51
CA TYR B 74 23.74 -7.47 23.72
C TYR B 74 24.56 -8.01 24.91
N GLU B 75 25.29 -9.12 24.74
CA GLU B 75 26.18 -9.65 25.78
C GLU B 75 27.36 -8.74 26.18
N ARG B 76 27.74 -7.77 25.34
CA ARG B 76 28.83 -6.85 25.61
C ARG B 76 28.39 -5.54 26.25
N PHE B 77 27.23 -5.02 25.85
CA PHE B 77 26.62 -3.83 26.44
C PHE B 77 25.92 -4.11 27.78
N LEU B 78 25.46 -5.36 27.96
CA LEU B 78 24.75 -5.82 29.13
C LEU B 78 25.39 -7.14 29.56
N ASP B 79 25.69 -7.30 30.85
CA ASP B 79 26.22 -8.55 31.43
C ASP B 79 25.11 -9.61 31.56
N ILE B 80 24.69 -10.11 30.40
CA ILE B 80 23.72 -11.17 30.19
C ILE B 80 24.40 -12.26 29.34
N ARG B 81 23.91 -13.49 29.41
CA ARG B 81 24.29 -14.57 28.51
C ARG B 81 23.00 -15.23 28.01
N LEU B 82 22.84 -15.26 26.69
CA LEU B 82 21.58 -15.53 26.02
C LEU B 82 21.45 -17.01 25.61
N THR B 83 20.23 -17.39 25.21
CA THR B 83 19.90 -18.72 24.73
C THR B 83 19.58 -18.63 23.21
N LYS B 84 19.60 -19.77 22.50
CA LYS B 84 19.36 -19.89 21.05
C LYS B 84 18.15 -19.09 20.56
N ASP B 85 17.07 -19.22 21.33
CA ASP B 85 15.74 -18.73 21.01
C ASP B 85 15.56 -17.24 21.29
N ASN B 86 16.57 -16.57 21.88
CA ASN B 86 16.68 -15.11 21.86
C ASN B 86 17.05 -14.57 20.47
N ASN B 87 17.52 -15.44 19.56
CA ASN B 87 17.53 -15.15 18.14
C ASN B 87 16.29 -15.83 17.55
N LEU B 88 15.25 -15.04 17.28
CA LEU B 88 14.05 -15.49 16.58
C LEU B 88 14.26 -15.30 15.08
N THR B 89 13.72 -16.21 14.28
CA THR B 89 13.78 -16.17 12.82
C THR B 89 12.44 -16.69 12.26
N THR B 90 12.15 -16.40 10.99
CA THR B 90 10.98 -16.95 10.31
C THR B 90 11.07 -18.48 10.16
N GLY B 91 12.28 -19.02 10.02
CA GLY B 91 12.52 -20.45 9.96
C GLY B 91 12.09 -21.13 11.25
N LYS B 92 12.54 -20.59 12.39
CA LYS B 92 12.22 -21.10 13.73
C LYS B 92 10.72 -21.04 14.03
N ILE B 93 10.05 -19.96 13.61
CA ILE B 93 8.64 -19.72 13.93
C ILE B 93 7.68 -20.45 12.97
N TYR B 94 7.99 -20.51 11.67
CA TYR B 94 7.21 -21.29 10.70
C TYR B 94 7.37 -22.80 10.95
N GLN B 95 8.58 -23.26 11.29
CA GLN B 95 8.82 -24.65 11.66
C GLN B 95 8.07 -25.06 12.93
N TYR B 96 8.03 -24.16 13.93
CA TYR B 96 7.21 -24.30 15.14
C TYR B 96 5.73 -24.53 14.80
N VAL B 97 5.12 -23.61 14.04
CA VAL B 97 3.72 -23.69 13.63
C VAL B 97 3.41 -24.93 12.75
N ILE B 98 4.31 -25.26 11.82
CA ILE B 98 4.20 -26.44 10.95
C ILE B 98 4.22 -27.75 11.75
N ASN B 99 5.20 -27.92 12.64
CA ASN B 99 5.32 -29.12 13.48
C ASN B 99 4.14 -29.25 14.45
N LYS B 100 3.68 -28.12 14.99
CA LYS B 100 2.51 -27.98 15.85
C LYS B 100 1.20 -28.35 15.12
N GLU B 101 1.09 -27.96 13.84
CA GLU B 101 0.00 -28.33 12.94
C GLU B 101 -0.02 -29.84 12.64
N ARG B 102 1.15 -30.42 12.32
CA ARG B 102 1.31 -31.85 12.09
C ARG B 102 0.97 -32.72 13.32
N LYS B 103 1.21 -32.20 14.53
CA LYS B 103 0.76 -32.83 15.78
C LYS B 103 -0.73 -32.61 16.10
N GLY B 104 -1.41 -31.75 15.34
CA GLY B 104 -2.86 -31.55 15.42
C GLY B 104 -3.26 -30.50 16.47
N ASP B 105 -2.30 -29.77 17.06
CA ASP B 105 -2.52 -28.83 18.16
C ASP B 105 -3.44 -27.65 17.81
N TYR B 106 -3.58 -27.34 16.52
CA TYR B 106 -4.50 -26.33 16.00
C TYR B 106 -5.91 -26.87 15.72
N LEU B 107 -6.20 -28.11 16.13
CA LEU B 107 -7.54 -28.69 16.30
C LEU B 107 -8.39 -28.69 15.02
N GLY B 108 -7.75 -29.05 13.90
CA GLY B 108 -8.38 -29.17 12.59
C GLY B 108 -8.72 -27.83 11.94
N LYS B 109 -8.33 -26.69 12.54
CA LYS B 109 -8.51 -25.37 11.95
C LYS B 109 -7.42 -25.10 10.90
N THR B 110 -7.76 -24.26 9.92
CA THR B 110 -6.85 -23.74 8.92
C THR B 110 -5.79 -22.83 9.57
N VAL B 111 -4.53 -23.24 9.53
CA VAL B 111 -3.42 -22.42 10.00
C VAL B 111 -3.05 -21.39 8.92
N GLN B 112 -2.76 -20.17 9.35
CA GLN B 112 -2.51 -19.02 8.50
C GLN B 112 -1.70 -18.00 9.30
N VAL B 113 -1.12 -17.02 8.59
CA VAL B 113 -0.17 -16.06 9.15
C VAL B 113 -0.77 -15.23 10.29
N VAL B 114 -1.93 -14.63 10.03
CA VAL B 114 -2.75 -14.02 11.06
C VAL B 114 -3.95 -14.99 11.23
N PRO B 115 -4.20 -15.54 12.43
CA PRO B 115 -3.52 -15.26 13.70
C PRO B 115 -2.27 -16.10 14.02
N HIS B 116 -2.12 -17.31 13.46
CA HIS B 116 -1.33 -18.38 14.06
C HIS B 116 0.18 -18.15 14.14
N ILE B 117 0.76 -17.54 13.10
CA ILE B 117 2.16 -17.14 13.08
C ILE B 117 2.39 -15.90 13.94
N THR B 118 1.47 -14.93 13.89
CA THR B 118 1.54 -13.71 14.69
C THR B 118 1.36 -13.98 16.19
N ASP B 119 0.55 -14.97 16.56
CA ASP B 119 0.44 -15.51 17.92
C ASP B 119 1.73 -16.18 18.36
N ALA B 120 2.28 -17.06 17.52
CA ALA B 120 3.55 -17.75 17.77
C ALA B 120 4.73 -16.81 18.07
N ILE B 121 4.82 -15.70 17.33
CA ILE B 121 5.77 -14.62 17.57
C ILE B 121 5.59 -13.98 18.97
N GLN B 122 4.34 -13.68 19.34
CA GLN B 122 3.99 -13.11 20.64
C GLN B 122 4.25 -14.07 21.81
N GLU B 123 3.89 -15.35 21.65
CA GLU B 123 4.19 -16.44 22.57
C GLU B 123 5.70 -16.57 22.84
N TRP B 124 6.49 -16.55 21.76
CA TRP B 124 7.94 -16.66 21.77
C TRP B 124 8.59 -15.49 22.52
N VAL B 125 8.18 -14.27 22.15
CA VAL B 125 8.63 -13.03 22.76
C VAL B 125 8.35 -12.96 24.27
N MET B 126 7.15 -13.37 24.68
CA MET B 126 6.77 -13.48 26.10
C MET B 126 7.58 -14.55 26.85
N ARG B 127 7.71 -15.75 26.27
CA ARG B 127 8.47 -16.85 26.85
C ARG B 127 9.95 -16.50 27.07
N GLN B 128 10.62 -15.98 26.03
CA GLN B 128 12.04 -15.66 26.08
C GLN B 128 12.37 -14.44 26.95
N ALA B 129 11.40 -13.53 27.11
CA ALA B 129 11.54 -12.38 27.98
C ALA B 129 11.52 -12.74 29.47
N LEU B 130 10.82 -13.83 29.83
CA LEU B 130 10.71 -14.31 31.20
C LEU B 130 11.95 -15.10 31.64
N ILE B 131 12.84 -15.47 30.71
CA ILE B 131 14.05 -16.23 31.02
C ILE B 131 15.13 -15.30 31.59
N PRO B 132 15.64 -15.60 32.82
CA PRO B 132 16.69 -14.79 33.44
C PRO B 132 18.07 -15.03 32.79
N VAL B 133 18.31 -14.35 31.67
CA VAL B 133 19.56 -14.34 30.94
C VAL B 133 20.68 -13.55 31.65
N ASP B 134 20.31 -12.71 32.61
CA ASP B 134 21.19 -11.88 33.43
C ASP B 134 22.11 -12.72 34.32
N GLU B 135 23.22 -12.12 34.73
CA GLU B 135 24.28 -12.69 35.58
C GLU B 135 23.84 -13.25 36.95
N ASP B 136 22.61 -12.96 37.38
CA ASP B 136 21.94 -13.54 38.53
C ASP B 136 20.49 -13.78 38.09
N GLY B 137 19.86 -14.80 38.68
CA GLY B 137 18.63 -15.46 38.22
C GLY B 137 17.35 -14.64 38.38
N LEU B 138 17.41 -13.30 38.43
CA LEU B 138 16.26 -12.42 38.55
C LEU B 138 15.55 -12.28 37.19
N GLU B 139 14.21 -12.34 37.26
CA GLU B 139 13.30 -12.20 36.12
C GLU B 139 13.40 -10.77 35.53
N PRO B 140 13.70 -10.64 34.21
CA PRO B 140 13.80 -9.34 33.52
C PRO B 140 12.60 -8.40 33.69
N GLN B 141 12.89 -7.10 33.70
CA GLN B 141 11.89 -6.04 33.86
C GLN B 141 11.55 -5.38 32.53
N VAL B 142 12.49 -5.42 31.57
CA VAL B 142 12.28 -4.92 30.22
C VAL B 142 13.02 -5.80 29.19
N CYS B 143 12.39 -6.04 28.05
CA CYS B 143 12.97 -6.72 26.90
C CYS B 143 13.07 -5.72 25.76
N VAL B 144 14.30 -5.51 25.28
CA VAL B 144 14.53 -4.74 24.05
C VAL B 144 14.51 -5.74 22.89
N ILE B 145 13.48 -5.64 22.05
CA ILE B 145 13.30 -6.49 20.89
C ILE B 145 13.80 -5.66 19.70
N GLU B 146 14.78 -6.19 18.96
CA GLU B 146 15.23 -5.57 17.73
C GLU B 146 14.68 -6.37 16.56
N LEU B 147 13.93 -5.69 15.70
CA LEU B 147 13.49 -6.23 14.44
C LEU B 147 14.51 -5.84 13.36
N GLY B 148 15.18 -6.87 12.83
CA GLY B 148 16.12 -6.77 11.73
C GLY B 148 15.41 -6.54 10.40
N GLY B 149 16.19 -6.15 9.39
CA GLY B 149 15.69 -5.77 8.07
C GLY B 149 15.22 -4.32 8.13
N THR B 150 14.35 -3.96 7.21
CA THR B 150 13.71 -2.66 7.13
C THR B 150 12.19 -2.88 7.12
N VAL B 151 11.44 -1.88 7.60
CA VAL B 151 9.98 -1.92 7.61
C VAL B 151 9.40 -1.94 6.19
N GLY B 152 8.34 -2.73 6.01
CA GLY B 152 7.63 -2.84 4.74
C GLY B 152 8.28 -3.83 3.77
N ASP B 153 9.37 -4.50 4.18
CA ASP B 153 9.83 -5.74 3.55
C ASP B 153 8.82 -6.85 3.82
N ILE B 154 8.57 -7.70 2.83
CA ILE B 154 7.63 -8.82 2.93
C ILE B 154 7.99 -9.83 4.06
N GLU B 155 9.28 -9.95 4.36
CA GLU B 155 9.83 -10.72 5.47
C GLU B 155 9.50 -10.14 6.85
N SER B 156 9.42 -8.81 6.98
CA SER B 156 9.24 -8.14 8.27
C SER B 156 7.76 -7.96 8.65
N MET B 157 6.86 -8.02 7.65
CA MET B 157 5.40 -7.89 7.80
C MET B 157 4.72 -8.77 8.88
N PRO B 158 5.02 -10.09 8.99
CA PRO B 158 4.48 -10.92 10.08
C PRO B 158 4.81 -10.42 11.48
N PHE B 159 6.03 -9.93 11.68
CA PHE B 159 6.50 -9.45 12.98
C PHE B 159 5.88 -8.11 13.33
N ILE B 160 5.81 -7.16 12.37
CA ILE B 160 5.15 -5.88 12.60
C ILE B 160 3.64 -6.06 12.88
N GLU B 161 2.98 -6.98 12.16
CA GLU B 161 1.59 -7.36 12.43
C GLU B 161 1.40 -7.98 13.82
N ALA B 162 2.34 -8.84 14.26
CA ALA B 162 2.39 -9.36 15.61
C ALA B 162 2.53 -8.26 16.68
N PHE B 163 3.44 -7.31 16.46
CA PHE B 163 3.64 -6.20 17.38
C PHE B 163 2.49 -5.19 17.40
N ARG B 164 1.79 -5.05 16.27
CA ARG B 164 0.55 -4.30 16.15
C ARG B 164 -0.57 -4.86 17.04
N GLN B 165 -0.64 -6.18 17.17
CA GLN B 165 -1.54 -6.86 18.10
C GLN B 165 -1.02 -6.75 19.55
N PHE B 166 0.29 -6.95 19.72
CA PHE B 166 0.97 -7.06 21.01
C PHE B 166 0.76 -5.84 21.91
N GLN B 167 0.83 -4.64 21.32
CA GLN B 167 0.56 -3.35 21.98
C GLN B 167 -0.88 -3.18 22.52
N PHE B 168 -1.78 -4.10 22.18
CA PHE B 168 -3.16 -4.15 22.66
C PHE B 168 -3.39 -5.41 23.53
N LYS B 169 -2.42 -6.32 23.59
CA LYS B 169 -2.44 -7.55 24.37
C LYS B 169 -1.81 -7.26 25.74
N VAL B 170 -0.55 -6.80 25.71
CA VAL B 170 0.03 -6.05 26.81
C VAL B 170 -0.45 -4.58 26.65
N LYS B 171 -0.52 -3.84 27.75
CA LYS B 171 -1.03 -2.46 27.72
C LYS B 171 0.05 -1.51 27.19
N ARG B 172 -0.35 -0.28 26.80
CA ARG B 172 0.55 0.67 26.16
C ARG B 172 1.76 1.05 27.03
N GLU B 173 1.58 1.11 28.35
CA GLU B 173 2.65 1.29 29.32
C GLU B 173 3.68 0.14 29.34
N ASN B 174 3.39 -0.98 28.70
CA ASN B 174 4.27 -2.14 28.59
C ASN B 174 4.83 -2.28 27.17
N PHE B 175 4.50 -1.40 26.21
CA PHE B 175 5.01 -1.51 24.84
C PHE B 175 5.37 -0.13 24.29
N CYS B 176 6.65 0.08 24.00
CA CYS B 176 7.20 1.25 23.32
C CYS B 176 7.76 0.80 21.96
N ASN B 177 7.67 1.66 20.92
CA ASN B 177 8.28 1.45 19.62
C ASN B 177 9.28 2.59 19.35
N ILE B 178 10.53 2.21 19.07
CA ILE B 178 11.56 3.10 18.56
C ILE B 178 11.75 2.76 17.08
N HIS B 179 11.80 3.81 16.24
CA HIS B 179 12.09 3.70 14.82
C HIS B 179 13.46 4.35 14.58
N VAL B 180 14.44 3.52 14.19
CA VAL B 180 15.77 3.96 13.86
C VAL B 180 15.85 4.14 12.33
N SER B 181 15.99 5.38 11.90
CA SER B 181 15.95 5.78 10.50
C SER B 181 17.30 6.35 10.06
N LEU B 182 17.39 6.73 8.79
CA LEU B 182 18.53 7.42 8.19
C LEU B 182 18.03 8.80 7.75
N VAL B 183 18.81 9.83 8.04
CA VAL B 183 18.67 11.15 7.46
C VAL B 183 19.94 11.40 6.63
N PRO B 184 19.91 11.10 5.30
CA PRO B 184 21.08 11.34 4.44
C PRO B 184 21.35 12.85 4.24
N GLN B 185 22.62 13.18 4.03
CA GLN B 185 23.09 14.52 3.73
C GLN B 185 23.95 14.45 2.45
N PRO B 186 23.31 14.50 1.26
CA PRO B 186 24.03 14.29 -0.02
C PRO B 186 25.03 15.40 -0.35
N SER B 187 26.14 15.02 -0.97
CA SER B 187 27.06 15.90 -1.70
C SER B 187 26.34 16.73 -2.79
N SER B 188 25.33 16.11 -3.39
CA SER B 188 24.43 16.68 -4.38
C SER B 188 23.52 17.81 -3.86
N THR B 189 23.42 18.01 -2.54
CA THR B 189 22.35 18.83 -1.96
C THR B 189 22.77 19.66 -0.73
N GLY B 190 23.68 19.15 0.12
CA GLY B 190 24.19 19.82 1.33
C GLY B 190 23.18 19.78 2.50
N GLU B 191 21.87 19.87 2.22
CA GLU B 191 20.76 19.67 3.13
C GLU B 191 20.75 18.26 3.73
N GLN B 192 20.23 18.16 4.96
CA GLN B 192 19.87 16.90 5.62
C GLN B 192 18.43 16.56 5.20
N LYS B 193 18.27 15.46 4.47
CA LYS B 193 17.04 15.13 3.79
C LYS B 193 16.22 14.15 4.65
N THR B 194 15.15 14.67 5.27
CA THR B 194 14.26 13.92 6.15
C THR B 194 13.18 13.08 5.43
N LYS B 195 12.89 13.37 4.14
CA LYS B 195 11.90 12.66 3.32
C LYS B 195 11.83 11.11 3.48
N PRO B 196 12.95 10.36 3.38
CA PRO B 196 12.94 8.91 3.60
C PRO B 196 12.54 8.47 5.01
N THR B 197 12.88 9.26 6.05
CA THR B 197 12.40 9.03 7.41
C THR B 197 10.88 9.22 7.52
N GLN B 198 10.36 10.29 6.91
CA GLN B 198 8.93 10.61 6.88
C GLN B 198 8.13 9.49 6.19
N ASN B 199 8.63 9.03 5.04
CA ASN B 199 8.05 7.93 4.27
C ASN B 199 8.11 6.60 5.03
N SER B 200 9.22 6.33 5.72
CA SER B 200 9.41 5.13 6.53
C SER B 200 8.49 5.10 7.77
N VAL B 201 8.32 6.24 8.46
CA VAL B 201 7.34 6.37 9.53
C VAL B 201 5.89 6.21 9.04
N ARG B 202 5.57 6.79 7.87
CA ARG B 202 4.30 6.64 7.19
C ARG B 202 4.00 5.18 6.82
N GLU B 203 5.00 4.48 6.29
CA GLU B 203 5.00 3.04 5.99
C GLU B 203 4.75 2.19 7.25
N LEU B 204 5.49 2.47 8.33
CA LEU B 204 5.36 1.82 9.63
C LEU B 204 3.96 1.99 10.25
N ARG B 205 3.39 3.21 10.13
CA ARG B 205 2.02 3.50 10.56
C ARG B 205 0.96 2.82 9.67
N GLY B 206 1.27 2.60 8.39
CA GLY B 206 0.45 1.79 7.48
C GLY B 206 0.41 0.31 7.93
N LEU B 207 1.47 -0.15 8.61
CA LEU B 207 1.57 -1.47 9.23
C LEU B 207 1.10 -1.44 10.71
N GLY B 208 0.69 -0.27 11.22
CA GLY B 208 -0.05 -0.12 12.46
C GLY B 208 0.82 0.18 13.70
N LEU B 209 2.10 0.53 13.54
CA LEU B 209 2.96 0.97 14.64
C LEU B 209 3.25 2.45 14.45
N SER B 210 3.17 3.23 15.52
CA SER B 210 3.51 4.65 15.49
C SER B 210 4.75 4.82 16.38
N PRO B 211 5.86 5.36 15.81
CA PRO B 211 7.07 5.71 16.57
C PRO B 211 6.82 6.54 17.83
N ASP B 212 7.17 5.97 18.97
CA ASP B 212 7.29 6.68 20.25
C ASP B 212 8.59 7.49 20.29
N LEU B 213 9.66 6.95 19.71
CA LEU B 213 10.88 7.70 19.40
C LEU B 213 11.23 7.50 17.94
N VAL B 214 11.61 8.59 17.27
CA VAL B 214 12.26 8.56 15.97
C VAL B 214 13.74 8.90 16.21
N VAL B 215 14.59 7.88 16.07
CA VAL B 215 16.03 8.00 16.22
C VAL B 215 16.62 8.08 14.81
N CYS B 216 17.13 9.25 14.46
CA CYS B 216 17.72 9.53 13.17
C CYS B 216 19.20 9.14 13.23
N ARG B 217 19.64 8.19 12.40
CA ARG B 217 21.05 7.99 12.12
C ARG B 217 21.47 9.11 11.16
N CYS B 218 22.19 10.06 11.74
CA CYS B 218 22.75 11.22 11.05
C CYS B 218 24.25 10.91 10.87
N SER B 219 24.92 11.60 9.95
CA SER B 219 26.38 11.67 9.96
C SER B 219 26.77 12.83 10.89
N ASN B 220 26.50 14.05 10.42
CA ASN B 220 26.56 15.29 11.22
C ASN B 220 25.29 15.42 12.07
N PRO B 221 25.35 16.08 13.24
CA PRO B 221 24.16 16.45 14.04
C PRO B 221 23.01 17.12 13.24
N LEU B 222 21.76 16.82 13.60
CA LEU B 222 20.59 17.45 13.02
C LEU B 222 20.55 18.97 13.29
N ASP B 223 20.19 19.74 12.26
CA ASP B 223 19.72 21.11 12.46
C ASP B 223 18.32 21.08 13.08
N THR B 224 18.01 22.14 13.82
CA THR B 224 16.71 22.47 14.40
C THR B 224 15.57 22.43 13.36
N SER B 225 15.78 23.03 12.19
CA SER B 225 14.81 23.06 11.09
C SER B 225 14.43 21.66 10.57
N VAL B 226 15.42 20.77 10.52
CA VAL B 226 15.29 19.40 10.05
C VAL B 226 14.60 18.55 11.13
N LYS B 227 14.97 18.75 12.40
CA LYS B 227 14.29 18.14 13.54
C LYS B 227 12.81 18.52 13.65
N GLU B 228 12.49 19.81 13.41
CA GLU B 228 11.12 20.29 13.39
C GLU B 228 10.32 19.81 12.17
N LYS B 229 10.99 19.57 11.04
CA LYS B 229 10.38 18.94 9.88
C LYS B 229 10.08 17.46 10.13
N ILE B 230 11.00 16.74 10.80
CA ILE B 230 10.80 15.36 11.25
C ILE B 230 9.62 15.29 12.24
N SER B 231 9.61 16.14 13.28
CA SER B 231 8.56 16.18 14.30
C SER B 231 7.16 16.40 13.70
N MET B 232 7.07 17.37 12.77
CA MET B 232 5.91 17.66 11.95
C MET B 232 5.42 16.45 11.13
N PHE B 233 6.21 16.03 10.14
CA PHE B 233 5.81 14.99 9.18
C PHE B 233 5.77 13.56 9.73
N CYS B 234 6.45 13.30 10.86
CA CYS B 234 6.36 12.05 11.61
C CYS B 234 5.31 12.15 12.74
N HIS B 235 4.67 13.32 12.89
CA HIS B 235 3.58 13.65 13.81
C HIS B 235 3.86 13.25 15.25
N VAL B 236 5.02 13.69 15.75
CA VAL B 236 5.54 13.38 17.06
C VAL B 236 6.23 14.62 17.64
N GLU B 237 6.32 14.70 18.97
CA GLU B 237 6.97 15.75 19.74
C GLU B 237 8.49 15.89 19.41
N PRO B 238 9.02 17.11 19.23
CA PRO B 238 10.48 17.37 19.12
C PRO B 238 11.42 16.65 20.11
N GLU B 239 11.05 16.56 21.39
CA GLU B 239 11.75 15.77 22.43
C GLU B 239 11.86 14.27 22.10
N GLN B 240 10.93 13.76 21.28
CA GLN B 240 10.88 12.38 20.84
C GLN B 240 11.58 12.17 19.47
N VAL B 241 12.22 13.21 18.93
CA VAL B 241 13.09 13.11 17.78
C VAL B 241 14.54 13.23 18.26
N ILE B 242 15.33 12.18 17.99
CA ILE B 242 16.69 12.03 18.44
C ILE B 242 17.62 11.93 17.23
N CYS B 243 18.80 12.54 17.32
CA CYS B 243 19.88 12.29 16.37
C CYS B 243 20.93 11.43 17.07
N VAL B 244 21.27 10.29 16.46
CA VAL B 244 22.49 9.56 16.72
C VAL B 244 23.42 9.87 15.54
N HIS B 245 24.30 10.86 15.76
CA HIS B 245 25.34 11.25 14.83
C HIS B 245 26.58 10.37 14.98
N ASP B 246 27.55 10.54 14.07
CA ASP B 246 28.88 9.95 14.19
C ASP B 246 29.60 10.49 15.44
N VAL B 247 30.22 9.57 16.19
CA VAL B 247 30.97 9.81 17.42
C VAL B 247 32.28 9.01 17.35
N SER B 248 33.27 9.40 18.17
CA SER B 248 34.62 8.87 18.19
C SER B 248 34.72 7.38 18.59
N SER B 249 34.02 7.03 19.67
CA SER B 249 34.03 5.70 20.25
C SER B 249 32.60 5.26 20.56
N ILE B 250 32.40 3.94 20.53
CA ILE B 250 31.17 3.22 20.84
C ILE B 250 30.59 3.61 22.21
N TYR B 251 31.51 3.92 23.13
CA TYR B 251 31.25 4.26 24.50
C TYR B 251 30.42 5.54 24.67
N ARG B 252 30.40 6.40 23.64
CA ARG B 252 29.64 7.63 23.63
C ARG B 252 28.17 7.48 23.23
N VAL B 253 27.78 6.38 22.58
CA VAL B 253 26.41 6.24 22.07
C VAL B 253 25.31 6.20 23.17
N PRO B 254 25.50 5.48 24.30
CA PRO B 254 24.60 5.60 25.45
C PRO B 254 24.51 7.01 26.05
N LEU B 255 25.64 7.73 26.05
CA LEU B 255 25.77 9.06 26.62
C LEU B 255 25.06 10.11 25.77
N LEU B 256 25.14 9.94 24.45
CA LEU B 256 24.44 10.72 23.43
C LEU B 256 22.93 10.54 23.53
N LEU B 257 22.48 9.29 23.68
CA LEU B 257 21.08 8.96 23.93
C LEU B 257 20.57 9.50 25.28
N GLU B 258 21.42 9.42 26.32
CA GLU B 258 21.19 10.00 27.64
C GLU B 258 20.98 11.52 27.58
N GLU B 259 21.91 12.22 26.93
CA GLU B 259 21.85 13.66 26.63
C GLU B 259 20.57 14.05 25.87
N GLN B 260 20.23 13.27 24.84
CA GLN B 260 18.99 13.36 24.08
C GLN B 260 17.70 13.03 24.85
N GLY B 261 17.80 12.57 26.11
CA GLY B 261 16.69 12.51 27.06
C GLY B 261 15.93 11.18 27.04
N VAL B 262 16.40 10.17 26.30
CA VAL B 262 15.63 8.93 26.09
C VAL B 262 15.36 8.13 27.38
N VAL B 263 16.27 8.23 28.35
CA VAL B 263 16.17 7.59 29.66
C VAL B 263 14.92 8.08 30.41
N ASP B 264 14.79 9.41 30.46
CA ASP B 264 13.69 10.13 31.09
C ASP B 264 12.38 9.83 30.38
N TYR B 265 12.45 9.75 29.04
CA TYR B 265 11.36 9.31 28.19
C TYR B 265 10.89 7.90 28.54
N PHE B 266 11.79 6.90 28.50
CA PHE B 266 11.46 5.50 28.83
C PHE B 266 10.88 5.33 30.23
N LEU B 267 11.48 6.03 31.22
CA LEU B 267 11.03 5.97 32.61
C LEU B 267 9.57 6.42 32.78
N ARG B 268 9.18 7.53 32.13
CA ARG B 268 7.79 8.00 32.14
C ARG B 268 6.89 7.18 31.20
N ARG B 269 7.37 6.87 29.99
CA ARG B 269 6.62 6.21 28.92
C ARG B 269 6.27 4.76 29.23
N LEU B 270 7.14 4.05 29.96
CA LEU B 270 6.95 2.65 30.34
C LEU B 270 6.60 2.51 31.83
N ASP B 271 6.48 3.62 32.56
CA ASP B 271 6.15 3.70 33.99
C ASP B 271 7.10 2.81 34.85
N LEU B 272 8.40 3.00 34.65
CA LEU B 272 9.43 2.17 35.26
C LEU B 272 9.87 2.76 36.61
N PRO B 273 10.15 1.90 37.61
CA PRO B 273 10.74 2.35 38.88
C PRO B 273 12.22 2.78 38.79
N LEU B 282 26.62 4.25 34.01
CA LEU B 282 26.94 4.88 32.72
C LEU B 282 28.11 5.89 32.78
N MET B 283 28.54 6.27 33.98
CA MET B 283 29.76 7.03 34.22
C MET B 283 31.04 6.26 33.83
N LYS B 284 31.00 4.92 33.84
CA LYS B 284 32.06 4.08 33.28
C LYS B 284 32.20 4.28 31.76
N TRP B 285 31.10 4.56 31.08
CA TRP B 285 31.06 4.78 29.64
C TRP B 285 31.58 6.18 29.27
N LYS B 286 31.45 7.16 30.18
CA LYS B 286 32.13 8.45 30.11
C LYS B 286 33.65 8.23 30.21
N GLU B 287 34.06 7.49 31.25
CA GLU B 287 35.43 7.15 31.55
C GLU B 287 36.11 6.42 30.38
N MET B 288 35.53 5.30 29.93
CA MET B 288 36.04 4.51 28.80
C MET B 288 36.17 5.32 27.51
N ALA B 289 35.19 6.18 27.22
CA ALA B 289 35.23 7.08 26.06
C ALA B 289 36.38 8.08 26.14
N ASP B 290 36.48 8.80 27.27
CA ASP B 290 37.51 9.79 27.53
C ASP B 290 38.91 9.16 27.57
N ARG B 291 39.02 7.98 28.18
CA ARG B 291 40.23 7.16 28.19
C ARG B 291 40.66 6.77 26.77
N TYR B 292 39.70 6.34 25.93
CA TYR B 292 39.94 5.94 24.54
C TYR B 292 40.46 7.08 23.67
N ASP B 293 39.79 8.23 23.78
CA ASP B 293 40.08 9.43 22.99
C ASP B 293 41.40 10.13 23.35
N ARG B 294 42.06 9.72 24.45
CA ARG B 294 43.36 10.24 24.87
C ARG B 294 44.47 9.17 24.83
N LEU B 295 44.24 8.00 24.22
CA LEU B 295 45.28 7.01 23.99
C LEU B 295 46.24 7.54 22.90
N LEU B 296 47.54 7.60 23.22
CA LEU B 296 48.57 8.15 22.35
C LEU B 296 49.42 7.05 21.72
N GLU B 297 50.11 6.26 22.57
CA GLU B 297 50.93 5.12 22.15
C GLU B 297 50.04 3.99 21.63
N THR B 298 50.54 3.30 20.61
CA THR B 298 49.83 2.30 19.84
C THR B 298 50.58 0.98 19.89
N CYS B 299 49.82 -0.06 20.12
CA CYS B 299 50.19 -1.42 19.76
C CYS B 299 49.84 -1.66 18.29
N SER B 300 50.31 -2.75 17.70
CA SER B 300 49.89 -3.19 16.37
C SER B 300 49.80 -4.70 16.30
N ILE B 301 48.63 -5.23 15.94
CA ILE B 301 48.39 -6.67 15.76
C ILE B 301 48.16 -6.95 14.27
N ALA B 302 48.89 -7.93 13.74
CA ALA B 302 48.60 -8.55 12.45
C ALA B 302 47.44 -9.53 12.62
N LEU B 303 46.30 -9.24 12.00
CA LEU B 303 45.17 -10.15 11.93
C LEU B 303 45.22 -10.87 10.59
N VAL B 304 45.85 -12.03 10.57
CA VAL B 304 46.07 -12.84 9.36
C VAL B 304 44.90 -13.79 9.13
N GLY B 305 43.87 -13.31 8.45
CA GLY B 305 42.58 -13.98 8.29
C GLY B 305 42.13 -14.15 6.84
N LYS B 306 41.05 -14.90 6.60
CA LYS B 306 40.46 -15.16 5.26
C LYS B 306 39.37 -14.16 4.88
N TYR B 307 38.60 -13.73 5.88
CA TYR B 307 37.28 -13.14 5.70
C TYR B 307 37.35 -11.60 5.67
N ASP B 312 34.23 -7.05 9.38
CA ASP B 312 33.00 -7.43 10.09
C ASP B 312 32.92 -8.91 10.50
N SER B 313 33.57 -9.79 9.72
CA SER B 313 33.71 -11.21 10.03
C SER B 313 34.54 -11.48 11.30
N TYR B 314 35.32 -10.50 11.73
CA TYR B 314 36.17 -10.54 12.91
C TYR B 314 35.67 -9.57 13.97
N ALA B 315 34.39 -9.27 13.98
CA ALA B 315 33.74 -8.32 14.87
C ALA B 315 34.07 -8.52 16.35
N SER B 316 33.75 -9.70 16.91
CA SER B 316 34.10 -10.08 18.28
C SER B 316 35.62 -10.04 18.56
N VAL B 317 36.41 -10.48 17.59
CA VAL B 317 37.87 -10.57 17.64
C VAL B 317 38.49 -9.19 17.76
N ILE B 318 38.10 -8.29 16.88
CA ILE B 318 38.49 -6.87 16.90
C ILE B 318 38.12 -6.20 18.23
N LYS B 319 36.88 -6.40 18.68
CA LYS B 319 36.36 -5.86 19.93
C LYS B 319 37.17 -6.34 21.15
N ALA B 320 37.53 -7.62 21.18
CA ALA B 320 38.37 -8.22 22.22
C ALA B 320 39.79 -7.63 22.28
N LEU B 321 40.37 -7.32 21.12
CA LEU B 321 41.64 -6.60 21.03
C LEU B 321 41.50 -5.16 21.50
N GLU B 322 40.43 -4.46 21.16
CA GLU B 322 40.16 -3.09 21.59
C GLU B 322 39.90 -2.96 23.10
N HIS B 323 39.23 -3.96 23.70
CA HIS B 323 39.08 -4.09 25.16
C HIS B 323 40.44 -4.23 25.84
N SER B 324 41.27 -5.12 25.28
CA SER B 324 42.62 -5.40 25.73
C SER B 324 43.54 -4.18 25.61
N ALA B 325 43.46 -3.47 24.47
CA ALA B 325 44.18 -2.23 24.19
C ALA B 325 43.84 -1.11 25.17
N LEU B 326 42.54 -0.90 25.41
CA LEU B 326 42.06 0.09 26.37
C LEU B 326 42.48 -0.23 27.81
N ALA B 327 42.57 -1.53 28.15
CA ALA B 327 43.02 -2.03 29.44
C ALA B 327 44.51 -1.84 29.69
N ILE B 328 45.37 -2.07 28.67
CA ILE B 328 46.81 -1.81 28.77
C ILE B 328 47.17 -0.32 28.60
N ASN B 329 46.19 0.47 28.14
CA ASN B 329 46.22 1.92 27.87
C ASN B 329 47.05 2.28 26.62
N HIS B 330 46.85 1.52 25.54
CA HIS B 330 47.39 1.84 24.22
C HIS B 330 46.23 1.93 23.22
N LYS B 331 46.45 2.67 22.13
CA LYS B 331 45.72 2.48 20.88
C LYS B 331 45.99 1.09 20.27
N LEU B 332 45.12 0.70 19.35
CA LEU B 332 45.29 -0.48 18.55
C LEU B 332 45.23 -0.04 17.09
N GLU B 333 46.16 -0.57 16.29
CA GLU B 333 46.18 -0.47 14.86
C GLU B 333 46.20 -1.92 14.38
N ILE B 334 45.07 -2.40 13.84
CA ILE B 334 44.95 -3.79 13.36
C ILE B 334 45.38 -3.83 11.91
N LYS B 335 46.45 -4.57 11.63
CA LYS B 335 46.92 -4.83 10.27
C LYS B 335 46.16 -6.01 9.71
N TYR B 336 45.02 -5.74 9.09
CA TYR B 336 44.23 -6.73 8.38
C TYR B 336 45.04 -7.29 7.21
N ILE B 337 45.42 -8.57 7.31
CA ILE B 337 46.16 -9.26 6.27
C ILE B 337 45.28 -10.37 5.71
N ASP B 338 44.97 -10.30 4.43
CA ASP B 338 44.37 -11.42 3.73
C ASP B 338 45.39 -12.56 3.69
N SER B 339 45.09 -13.67 4.36
CA SER B 339 45.97 -14.83 4.44
C SER B 339 46.31 -15.41 3.07
N ALA B 340 45.41 -15.28 2.10
CA ALA B 340 45.65 -15.70 0.71
C ALA B 340 46.73 -14.85 0.01
N ASP B 341 47.12 -13.68 0.55
CA ASP B 341 48.24 -12.89 0.04
C ASP B 341 49.61 -13.33 0.58
N LEU B 342 49.67 -14.03 1.72
CA LEU B 342 50.92 -14.57 2.28
C LEU B 342 51.34 -15.93 1.68
N GLU B 343 50.47 -16.55 0.89
CA GLU B 343 50.79 -17.75 0.08
C GLU B 343 51.84 -17.46 -1.01
N PRO B 344 52.80 -18.37 -1.29
CA PRO B 344 53.86 -18.14 -2.27
C PRO B 344 53.33 -18.01 -3.70
N ILE B 345 52.19 -18.63 -4.03
CA ILE B 345 51.52 -18.46 -5.32
C ILE B 345 51.14 -17.00 -5.59
N THR B 346 50.79 -16.20 -4.58
CA THR B 346 50.54 -14.76 -4.76
C THR B 346 51.82 -13.99 -5.06
N SER B 347 53.00 -14.51 -4.71
CA SER B 347 54.27 -13.96 -5.20
C SER B 347 54.42 -14.13 -6.72
N GLN B 348 53.87 -15.21 -7.28
CA GLN B 348 53.83 -15.44 -8.72
C GLN B 348 52.82 -14.51 -9.40
N GLU B 349 51.55 -14.56 -9.01
CA GLU B 349 50.50 -13.83 -9.73
C GLU B 349 50.44 -12.33 -9.45
N GLU B 350 50.76 -11.86 -8.24
CA GLU B 350 50.63 -10.45 -7.85
C GLU B 350 51.69 -10.06 -6.80
N PRO B 351 52.94 -9.81 -7.20
CA PRO B 351 54.01 -9.52 -6.25
C PRO B 351 53.74 -8.24 -5.45
N VAL B 352 52.91 -7.30 -5.93
CA VAL B 352 52.45 -6.16 -5.12
C VAL B 352 51.57 -6.58 -3.94
N ARG B 353 50.67 -7.55 -4.10
CA ARG B 353 49.87 -8.09 -2.99
C ARG B 353 50.78 -8.81 -2.01
N TYR B 354 51.69 -9.65 -2.50
CA TYR B 354 52.57 -10.44 -1.67
C TYR B 354 53.48 -9.58 -0.80
N HIS B 355 54.11 -8.53 -1.33
CA HIS B 355 55.04 -7.74 -0.51
C HIS B 355 54.34 -6.80 0.43
N GLU B 356 53.22 -6.17 0.06
CA GLU B 356 52.45 -5.36 1.00
C GLU B 356 51.96 -6.19 2.20
N ALA B 357 51.52 -7.42 2.00
CA ALA B 357 51.13 -8.29 3.10
C ALA B 357 52.28 -8.62 4.07
N TRP B 358 53.49 -8.83 3.56
CA TRP B 358 54.66 -9.13 4.39
C TRP B 358 55.26 -7.89 5.05
N GLN B 359 55.15 -6.70 4.44
CA GLN B 359 55.42 -5.44 5.14
C GLN B 359 54.51 -5.29 6.37
N LYS B 360 53.20 -5.50 6.18
CA LYS B 360 52.23 -5.47 7.28
C LYS B 360 52.53 -6.50 8.36
N LEU B 361 52.84 -7.74 8.00
CA LEU B 361 53.10 -8.79 8.98
C LEU B 361 54.40 -8.59 9.76
N CYS B 362 55.44 -8.05 9.12
CA CYS B 362 56.72 -7.84 9.79
C CYS B 362 56.71 -6.61 10.72
N SER B 363 56.05 -5.53 10.31
CA SER B 363 55.90 -4.30 11.11
C SER B 363 54.97 -4.45 12.32
N ALA B 364 54.13 -5.49 12.34
CA ALA B 364 53.24 -5.82 13.45
C ALA B 364 54.02 -6.21 14.72
N HIS B 365 53.53 -5.78 15.88
CA HIS B 365 54.18 -6.04 17.17
C HIS B 365 53.83 -7.43 17.72
N GLY B 366 52.70 -8.00 17.33
CA GLY B 366 52.31 -9.40 17.52
C GLY B 366 51.37 -9.85 16.41
N VAL B 367 51.07 -11.15 16.32
CA VAL B 367 50.18 -11.71 15.29
C VAL B 367 49.08 -12.57 15.90
N LEU B 368 47.89 -12.45 15.34
CA LEU B 368 46.70 -13.17 15.71
C LEU B 368 46.22 -13.95 14.50
N VAL B 369 46.18 -15.27 14.61
CA VAL B 369 45.55 -16.15 13.63
C VAL B 369 44.18 -16.57 14.15
N PRO B 370 43.08 -16.00 13.63
CA PRO B 370 41.75 -16.25 14.11
C PRO B 370 41.18 -17.59 13.59
N GLY B 371 40.02 -18.01 14.09
CA GLY B 371 39.34 -19.20 13.58
C GLY B 371 38.84 -19.05 12.13
N GLY B 372 38.37 -20.16 11.55
CA GLY B 372 37.73 -20.20 10.23
C GLY B 372 37.57 -21.62 9.71
N PHE B 373 37.08 -21.76 8.47
CA PHE B 373 36.85 -23.05 7.79
C PHE B 373 37.36 -23.06 6.35
N GLY B 374 37.71 -24.23 5.82
CA GLY B 374 38.14 -24.43 4.44
C GLY B 374 39.62 -24.20 4.19
N VAL B 375 40.15 -24.77 3.10
CA VAL B 375 41.59 -24.77 2.79
C VAL B 375 42.11 -23.35 2.51
N ARG B 376 41.31 -22.54 1.80
CA ARG B 376 41.72 -21.28 1.17
C ARG B 376 42.46 -20.36 2.15
N GLY B 377 43.73 -20.05 1.88
CA GLY B 377 44.55 -19.19 2.73
C GLY B 377 45.19 -19.88 3.95
N THR B 378 44.93 -21.16 4.23
CA THR B 378 45.57 -21.91 5.33
C THR B 378 47.09 -21.97 5.22
N GLU B 379 47.63 -22.07 4.01
CA GLU B 379 49.09 -22.09 3.85
C GLU B 379 49.71 -20.72 4.16
N GLY B 380 48.96 -19.63 3.95
CA GLY B 380 49.33 -18.28 4.40
C GLY B 380 49.25 -18.10 5.91
N LYS B 381 48.29 -18.76 6.58
CA LYS B 381 48.25 -18.83 8.04
C LYS B 381 49.48 -19.58 8.55
N ILE B 382 49.81 -20.73 7.95
CA ILE B 382 50.98 -21.55 8.35
C ILE B 382 52.29 -20.77 8.19
N GLN B 383 52.45 -20.00 7.12
CA GLN B 383 53.62 -19.14 6.95
C GLN B 383 53.63 -17.94 7.92
N ALA B 384 52.48 -17.36 8.26
CA ALA B 384 52.39 -16.32 9.30
C ALA B 384 52.76 -16.84 10.70
N ILE B 385 52.36 -18.07 11.03
CA ILE B 385 52.75 -18.74 12.29
C ILE B 385 54.24 -19.09 12.29
N ALA B 386 54.80 -19.51 11.16
CA ALA B 386 56.23 -19.79 11.05
C ALA B 386 57.07 -18.54 11.36
N TRP B 387 56.69 -17.40 10.76
CA TRP B 387 57.24 -16.08 11.09
C TRP B 387 57.13 -15.82 12.60
N ALA B 388 55.95 -15.99 13.18
CA ALA B 388 55.77 -15.67 14.59
C ALA B 388 56.54 -16.60 15.54
N ARG B 389 56.71 -17.88 15.24
CA ARG B 389 57.60 -18.75 16.03
C ARG B 389 59.03 -18.26 15.98
N ASN B 390 59.61 -18.20 14.78
CA ASN B 390 61.06 -18.18 14.63
C ASN B 390 61.65 -16.78 14.87
N GLN B 391 60.86 -15.73 14.64
CA GLN B 391 61.19 -14.34 14.95
C GLN B 391 60.64 -13.86 16.30
N LYS B 392 60.17 -14.79 17.14
CA LYS B 392 59.78 -14.56 18.54
C LYS B 392 58.73 -13.46 18.71
N LYS B 393 57.88 -13.26 17.69
CA LYS B 393 56.73 -12.35 17.74
C LYS B 393 55.63 -12.98 18.60
N PRO B 394 55.04 -12.25 19.55
CA PRO B 394 53.89 -12.73 20.29
C PRO B 394 52.79 -13.22 19.36
N PHE B 395 52.33 -14.45 19.59
CA PHE B 395 51.37 -15.16 18.77
C PHE B 395 50.15 -15.59 19.57
N LEU B 396 48.97 -15.32 19.03
CA LEU B 396 47.76 -16.00 19.45
C LEU B 396 47.12 -16.72 18.25
N GLY B 397 46.93 -18.02 18.38
CA GLY B 397 46.14 -18.84 17.47
C GLY B 397 44.81 -19.17 18.11
N VAL B 398 43.71 -18.83 17.46
CA VAL B 398 42.35 -19.08 17.94
C VAL B 398 41.72 -20.16 17.08
N CYS B 399 41.25 -21.22 17.70
CA CYS B 399 40.62 -22.38 17.09
C CYS B 399 41.47 -22.99 15.95
N LEU B 400 41.25 -22.56 14.71
CA LEU B 400 42.08 -22.95 13.57
C LEU B 400 43.54 -22.50 13.75
N GLY B 401 43.79 -21.34 14.35
CA GLY B 401 45.15 -20.93 14.69
C GLY B 401 45.91 -21.89 15.59
N MET B 402 45.24 -22.61 16.52
CA MET B 402 45.89 -23.66 17.30
C MET B 402 46.22 -24.88 16.45
N GLN B 403 45.26 -25.31 15.64
CA GLN B 403 45.41 -26.47 14.77
C GLN B 403 46.58 -26.28 13.82
N LEU B 404 46.66 -25.10 13.20
CA LEU B 404 47.76 -24.75 12.31
C LEU B 404 49.06 -24.41 13.04
N ALA B 405 49.05 -24.03 14.31
CA ALA B 405 50.28 -23.94 15.11
C ALA B 405 50.87 -25.32 15.43
N VAL B 406 50.04 -26.36 15.56
CA VAL B 406 50.47 -27.76 15.65
C VAL B 406 50.90 -28.31 14.27
N VAL B 407 50.26 -27.91 13.17
CA VAL B 407 50.79 -28.23 11.81
C VAL B 407 52.15 -27.59 11.56
N GLU B 408 52.35 -26.32 11.89
CA GLU B 408 53.60 -25.61 11.65
C GLU B 408 54.75 -26.16 12.50
N PHE B 409 54.54 -26.38 13.80
CA PHE B 409 55.52 -27.04 14.65
C PHE B 409 55.84 -28.47 14.16
N SER B 410 54.83 -29.20 13.67
CA SER B 410 55.05 -30.50 13.01
C SER B 410 55.90 -30.40 11.75
N ARG B 411 55.62 -29.45 10.84
CA ARG B 411 56.37 -29.31 9.59
C ARG B 411 57.81 -28.87 9.82
N ASN B 412 58.03 -27.82 10.61
CA ASN B 412 59.30 -27.11 10.63
C ASN B 412 60.13 -27.28 11.90
N VAL B 413 59.59 -27.89 12.96
CA VAL B 413 60.37 -28.38 14.12
C VAL B 413 60.53 -29.88 14.09
N LEU B 414 59.44 -30.65 13.94
CA LEU B 414 59.52 -32.12 13.90
C LEU B 414 59.97 -32.67 12.54
N GLY B 415 59.87 -31.88 11.47
CA GLY B 415 60.33 -32.27 10.13
C GLY B 415 59.34 -33.17 9.36
N TRP B 416 58.14 -33.37 9.88
CA TRP B 416 57.00 -34.02 9.23
C TRP B 416 56.40 -33.07 8.18
N GLN B 417 57.18 -32.74 7.15
CA GLN B 417 56.90 -31.69 6.17
C GLN B 417 55.57 -31.86 5.40
N ASP B 418 55.04 -33.10 5.36
CA ASP B 418 53.74 -33.46 4.81
C ASP B 418 52.56 -32.92 5.65
N ALA B 419 52.74 -32.70 6.96
CA ALA B 419 51.67 -32.57 7.94
C ALA B 419 50.60 -31.55 7.56
N ASN B 420 49.35 -31.94 7.82
CA ASN B 420 48.18 -31.10 7.72
C ASN B 420 47.06 -31.68 8.59
N SER B 421 45.92 -30.99 8.62
CA SER B 421 44.67 -31.56 9.11
C SER B 421 44.00 -32.48 8.08
N THR B 422 43.12 -33.36 8.59
CA THR B 422 42.21 -34.21 7.83
C THR B 422 41.06 -33.42 7.18
N GLU B 423 40.89 -32.13 7.50
CA GLU B 423 39.97 -31.22 6.83
C GLU B 423 40.46 -30.88 5.42
N PHE B 424 41.76 -30.61 5.30
CA PHE B 424 42.38 -30.12 4.08
C PHE B 424 43.05 -31.25 3.27
N ASP B 425 43.86 -32.10 3.92
CA ASP B 425 44.65 -33.13 3.26
C ASP B 425 44.47 -34.48 4.01
N PRO B 426 43.32 -35.17 3.84
CA PRO B 426 43.08 -36.48 4.50
C PRO B 426 44.04 -37.61 4.09
N THR B 427 44.75 -37.44 2.97
CA THR B 427 45.73 -38.37 2.41
C THR B 427 47.10 -38.32 3.12
N THR B 428 47.30 -37.37 4.03
CA THR B 428 48.58 -37.11 4.71
C THR B 428 49.01 -38.26 5.65
N SER B 429 50.32 -38.57 5.69
CA SER B 429 50.88 -39.62 6.54
C SER B 429 51.01 -39.19 8.02
N HIS B 430 51.01 -37.87 8.27
CA HIS B 430 50.97 -37.25 9.59
C HIS B 430 49.70 -36.38 9.71
N PRO B 431 48.52 -37.01 9.93
CA PRO B 431 47.29 -36.27 10.25
C PRO B 431 47.33 -35.80 11.71
N VAL B 432 48.06 -34.71 11.97
CA VAL B 432 48.40 -34.20 13.31
C VAL B 432 47.24 -33.52 14.02
N VAL B 433 46.24 -33.08 13.24
CA VAL B 433 44.94 -32.65 13.72
C VAL B 433 43.88 -33.38 12.92
N VAL B 434 42.95 -34.02 13.61
CA VAL B 434 42.01 -34.99 13.07
C VAL B 434 40.58 -34.56 13.40
N ASP B 435 39.65 -34.94 12.52
CA ASP B 435 38.20 -34.88 12.69
C ASP B 435 37.83 -35.75 13.90
N MET B 436 37.31 -35.11 14.95
CA MET B 436 37.06 -35.71 16.25
C MET B 436 35.72 -35.15 16.76
N PRO B 437 34.59 -35.65 16.23
CA PRO B 437 33.27 -35.14 16.61
C PRO B 437 32.89 -35.51 18.05
N GLU B 438 31.94 -34.77 18.61
CA GLU B 438 31.33 -35.11 19.89
C GLU B 438 30.44 -36.35 19.73
N HIS B 439 30.88 -37.43 20.38
CA HIS B 439 30.20 -38.71 20.53
C HIS B 439 29.03 -38.62 21.52
N THR B 447 28.67 -34.86 16.19
CA THR B 447 28.44 -33.44 15.96
C THR B 447 29.70 -32.60 16.29
N MET B 448 29.62 -31.30 16.00
CA MET B 448 30.62 -30.29 16.29
C MET B 448 30.76 -30.08 17.80
N ARG B 449 31.98 -29.82 18.30
CA ARG B 449 32.22 -29.33 19.65
C ARG B 449 31.87 -27.85 19.68
N LEU B 450 30.65 -27.59 20.15
CA LEU B 450 29.92 -26.37 19.90
C LEU B 450 29.24 -25.93 21.20
N GLY B 451 29.58 -24.71 21.64
CA GLY B 451 29.04 -24.12 22.86
C GLY B 451 30.06 -24.19 23.99
N LYS B 452 29.60 -23.91 25.20
CA LYS B 452 30.37 -23.88 26.44
C LYS B 452 30.80 -25.30 26.84
N ARG B 453 32.11 -25.55 26.82
CA ARG B 453 32.74 -26.72 27.42
C ARG B 453 33.69 -26.25 28.51
N ARG B 454 33.96 -27.13 29.47
CA ARG B 454 34.96 -26.92 30.52
C ARG B 454 36.30 -27.49 30.05
N THR B 455 37.33 -26.66 30.16
CA THR B 455 38.73 -27.00 29.96
C THR B 455 39.38 -27.07 31.35
N LEU B 456 40.19 -28.10 31.58
CA LEU B 456 41.01 -28.25 32.78
C LEU B 456 42.44 -27.84 32.42
N PHE B 457 43.09 -27.08 33.31
CA PHE B 457 44.53 -26.85 33.25
C PHE B 457 45.24 -28.05 33.87
N GLN B 458 46.08 -28.73 33.08
CA GLN B 458 46.80 -29.94 33.50
C GLN B 458 48.05 -29.67 34.35
N THR B 459 48.31 -28.41 34.71
CA THR B 459 49.53 -27.98 35.38
C THR B 459 49.33 -26.57 35.99
N LYS B 460 50.35 -26.12 36.74
CA LYS B 460 50.58 -24.73 37.10
C LYS B 460 51.50 -24.01 36.10
N ASN B 461 52.35 -24.73 35.34
CA ASN B 461 53.32 -24.09 34.43
C ASN B 461 52.64 -23.66 33.12
N SER B 462 51.96 -22.51 33.19
CA SER B 462 51.26 -21.90 32.09
C SER B 462 51.13 -20.40 32.38
N VAL B 463 51.53 -19.55 31.43
CA VAL B 463 51.23 -18.11 31.48
C VAL B 463 49.73 -17.87 31.30
N MET B 464 49.07 -18.74 30.51
CA MET B 464 47.63 -18.70 30.29
C MET B 464 46.84 -18.96 31.58
N ARG B 465 47.28 -19.92 32.40
CA ARG B 465 46.68 -20.14 33.72
C ARG B 465 46.80 -18.92 34.64
N LYS B 466 47.93 -18.22 34.61
CA LYS B 466 48.15 -16.99 35.37
C LYS B 466 47.23 -15.85 34.90
N LEU B 467 47.08 -15.69 33.58
CA LEU B 467 46.15 -14.74 32.98
C LEU B 467 44.67 -15.07 33.30
N TYR B 468 44.31 -16.37 33.34
CA TYR B 468 43.03 -16.88 33.83
C TYR B 468 42.94 -16.95 35.38
N GLY B 469 43.78 -16.20 36.11
CA GLY B 469 43.62 -15.95 37.55
C GLY B 469 44.04 -17.12 38.44
N ASP B 470 44.78 -18.09 37.89
CA ASP B 470 45.31 -19.28 38.55
C ASP B 470 44.22 -20.31 38.92
N ALA B 471 43.07 -20.22 38.25
CA ALA B 471 42.02 -21.23 38.30
C ALA B 471 42.48 -22.56 37.69
N ASP B 472 41.99 -23.67 38.24
CA ASP B 472 42.29 -25.04 37.79
C ASP B 472 41.52 -25.44 36.53
N TYR B 473 40.42 -24.74 36.25
CA TYR B 473 39.63 -24.90 35.06
C TYR B 473 39.17 -23.53 34.57
N LEU B 474 38.68 -23.52 33.34
CA LEU B 474 37.95 -22.42 32.73
C LEU B 474 36.83 -23.04 31.89
N GLU B 475 35.81 -22.24 31.56
CA GLU B 475 34.70 -22.64 30.72
C GLU B 475 34.59 -21.62 29.59
N GLU B 476 34.70 -22.08 28.35
CA GLU B 476 34.79 -21.25 27.16
C GLU B 476 33.97 -21.84 26.02
N ARG B 477 33.56 -20.94 25.10
CA ARG B 477 32.72 -21.28 23.96
C ARG B 477 33.56 -21.77 22.79
N HIS B 478 33.30 -23.03 22.41
CA HIS B 478 33.96 -23.77 21.35
C HIS B 478 33.05 -23.78 20.10
N ARG B 479 33.61 -24.00 18.90
CA ARG B 479 32.89 -24.20 17.64
C ARG B 479 33.85 -24.83 16.61
N HIS B 480 34.15 -26.11 16.75
CA HIS B 480 35.08 -26.80 15.87
C HIS B 480 34.79 -28.30 15.77
N ARG B 481 35.22 -28.92 14.67
CA ARG B 481 35.06 -30.36 14.42
C ARG B 481 36.36 -31.16 14.57
N PHE B 482 37.51 -30.48 14.57
CA PHE B 482 38.85 -31.06 14.49
C PHE B 482 39.66 -30.78 15.75
N GLU B 483 40.61 -31.65 16.08
CA GLU B 483 41.40 -31.64 17.31
C GLU B 483 42.80 -32.22 17.08
N VAL B 484 43.76 -31.86 17.93
CA VAL B 484 45.09 -32.48 17.94
C VAL B 484 44.97 -33.99 18.12
N ASN B 485 45.64 -34.75 17.25
CA ASN B 485 45.74 -36.20 17.31
C ASN B 485 46.52 -36.64 18.57
N PRO B 486 45.93 -37.47 19.44
CA PRO B 486 46.58 -37.96 20.68
C PRO B 486 47.76 -38.93 20.46
N VAL B 487 47.90 -39.52 19.26
CA VAL B 487 49.06 -40.33 18.91
C VAL B 487 50.30 -39.43 18.75
N TRP B 488 50.20 -38.48 17.81
CA TRP B 488 51.29 -37.55 17.48
C TRP B 488 51.64 -36.58 18.61
N LYS B 489 50.70 -36.32 19.53
CA LYS B 489 50.85 -35.53 20.76
C LYS B 489 52.11 -35.90 21.56
N LYS B 490 52.44 -37.20 21.60
CA LYS B 490 53.60 -37.74 22.29
C LYS B 490 54.96 -37.22 21.73
N CYS B 491 55.00 -36.87 20.45
CA CYS B 491 56.17 -36.32 19.78
C CYS B 491 56.13 -34.78 19.78
N LEU B 492 54.93 -34.19 19.72
CA LEU B 492 54.71 -32.75 19.79
C LEU B 492 55.10 -32.17 21.16
N LEU B 497 55.95 -28.18 22.66
CA LEU B 497 54.59 -27.75 22.35
C LEU B 497 53.68 -28.31 23.44
N LYS B 498 53.64 -27.62 24.58
CA LYS B 498 53.05 -28.08 25.84
C LYS B 498 51.54 -27.82 25.85
N PHE B 499 50.75 -28.90 25.79
CA PHE B 499 49.30 -28.84 25.81
C PHE B 499 48.77 -28.63 27.24
N VAL B 500 48.92 -27.40 27.74
CA VAL B 500 48.57 -26.98 29.10
C VAL B 500 47.07 -27.04 29.46
N GLY B 501 46.18 -26.96 28.48
CA GLY B 501 44.74 -27.04 28.68
C GLY B 501 44.20 -28.24 27.95
N GLN B 502 43.42 -29.07 28.61
CA GLN B 502 42.80 -30.29 28.09
C GLN B 502 41.32 -30.25 28.46
N ASP B 503 40.47 -31.04 27.78
CA ASP B 503 39.10 -31.27 28.23
C ASP B 503 39.09 -32.18 29.49
N VAL B 504 37.92 -32.25 30.13
CA VAL B 504 37.65 -33.10 31.29
C VAL B 504 37.90 -34.61 31.05
N GLU B 505 37.73 -35.08 29.80
CA GLU B 505 38.00 -36.47 29.42
C GLU B 505 39.51 -36.75 29.20
N GLY B 506 40.32 -35.72 28.97
CA GLY B 506 41.72 -35.84 28.57
C GLY B 506 41.89 -36.25 27.09
N GLU B 507 40.77 -36.42 26.36
CA GLU B 507 40.68 -36.82 24.96
C GLU B 507 41.18 -35.69 24.01
N ARG B 508 40.94 -34.44 24.42
CA ARG B 508 41.00 -33.28 23.56
C ARG B 508 41.94 -32.26 24.20
N MET B 509 42.89 -31.78 23.40
CA MET B 509 43.78 -30.69 23.76
C MET B 509 43.10 -29.38 23.42
N GLU B 510 43.08 -28.42 24.34
CA GLU B 510 42.28 -27.20 24.22
C GLU B 510 43.06 -25.91 24.49
N ILE B 511 44.23 -25.98 25.14
CA ILE B 511 45.25 -24.92 25.09
C ILE B 511 46.60 -25.56 24.82
N VAL B 512 47.36 -25.01 23.87
CA VAL B 512 48.77 -25.28 23.65
C VAL B 512 49.59 -24.02 23.89
N GLU B 513 50.70 -24.15 24.58
CA GLU B 513 51.61 -23.08 24.89
C GLU B 513 53.02 -23.59 24.54
N LEU B 514 53.78 -22.88 23.72
CA LEU B 514 55.15 -23.25 23.35
C LEU B 514 56.18 -22.78 24.38
N GLU B 515 57.02 -23.68 24.86
CA GLU B 515 58.21 -23.35 25.66
C GLU B 515 59.29 -22.61 24.84
N ASP B 516 60.13 -21.82 25.51
CA ASP B 516 61.22 -21.04 24.90
C ASP B 516 60.76 -20.02 23.82
N HIS B 517 59.62 -19.38 24.07
CA HIS B 517 59.09 -18.23 23.32
C HIS B 517 58.43 -17.21 24.27
N PRO B 518 58.51 -15.88 24.04
CA PRO B 518 57.84 -14.84 24.83
C PRO B 518 56.36 -15.09 25.16
N PHE B 519 55.56 -15.41 24.15
CA PHE B 519 54.14 -15.74 24.24
C PHE B 519 53.75 -16.35 22.89
N PHE B 520 53.49 -17.65 22.85
CA PHE B 520 53.02 -18.35 21.66
C PHE B 520 51.98 -19.38 22.09
N VAL B 521 50.71 -19.02 21.89
CA VAL B 521 49.56 -19.73 22.43
C VAL B 521 48.61 -20.12 21.30
N GLY B 522 48.14 -21.36 21.35
CA GLY B 522 46.94 -21.79 20.64
C GLY B 522 45.83 -22.12 21.63
N VAL B 523 44.65 -21.55 21.48
CA VAL B 523 43.42 -21.93 22.21
C VAL B 523 42.46 -22.59 21.24
N GLN B 524 41.82 -23.70 21.59
CA GLN B 524 40.89 -24.39 20.70
C GLN B 524 39.46 -23.79 20.71
N TYR B 525 39.15 -22.97 21.70
CA TYR B 525 37.92 -22.22 21.85
C TYR B 525 37.99 -20.82 21.23
N HIS B 526 36.93 -20.02 21.35
CA HIS B 526 36.84 -18.61 20.96
C HIS B 526 36.80 -17.71 22.21
N PRO B 527 37.93 -17.13 22.66
CA PRO B 527 37.94 -16.27 23.83
C PRO B 527 37.10 -15.00 23.69
N GLU B 528 36.99 -14.48 22.47
CA GLU B 528 36.43 -13.18 22.19
C GLU B 528 34.94 -13.06 22.55
N PHE B 529 34.18 -14.15 22.46
CA PHE B 529 32.76 -14.20 22.78
C PHE B 529 32.41 -13.88 24.24
N LEU B 530 33.41 -13.99 25.13
CA LEU B 530 33.30 -13.68 26.55
C LEU B 530 34.07 -12.41 26.94
N SER B 531 34.61 -11.65 25.96
CA SER B 531 35.24 -10.37 26.23
C SER B 531 34.18 -9.29 26.45
N ARG B 532 34.37 -8.49 27.49
CA ARG B 532 33.57 -7.32 27.83
C ARG B 532 34.55 -6.15 28.00
N PRO B 533 34.13 -4.88 27.79
CA PRO B 533 35.03 -3.72 28.03
C PRO B 533 35.69 -3.67 29.42
N ILE B 534 34.91 -4.05 30.43
CA ILE B 534 35.32 -4.16 31.82
C ILE B 534 36.17 -5.42 32.15
N LYS B 535 36.32 -6.36 31.21
CA LYS B 535 37.06 -7.60 31.39
C LYS B 535 37.41 -8.20 30.00
N PRO B 536 38.55 -7.79 29.40
CA PRO B 536 39.06 -8.46 28.19
C PRO B 536 39.39 -9.93 28.44
N SER B 537 39.18 -10.80 27.43
CA SER B 537 39.58 -12.20 27.54
C SER B 537 41.11 -12.34 27.64
N PRO B 538 41.60 -13.11 28.64
CA PRO B 538 43.02 -13.20 28.94
C PRO B 538 44.03 -13.54 27.82
N PRO B 539 43.75 -14.37 26.79
CA PRO B 539 44.71 -14.56 25.72
C PRO B 539 44.85 -13.34 24.82
N TYR B 540 43.77 -12.60 24.56
CA TYR B 540 43.83 -11.33 23.82
C TYR B 540 44.54 -10.26 24.63
N PHE B 541 44.35 -10.27 25.94
CA PHE B 541 45.03 -9.37 26.87
C PHE B 541 46.53 -9.68 26.97
N GLY B 542 46.88 -10.96 27.07
CA GLY B 542 48.23 -11.49 27.08
C GLY B 542 48.97 -11.18 25.79
N LEU B 543 48.32 -11.29 24.63
CA LEU B 543 48.87 -10.90 23.34
C LEU B 543 49.20 -9.40 23.29
N LEU B 544 48.30 -8.54 23.72
CA LEU B 544 48.46 -7.09 23.82
C LEU B 544 49.56 -6.70 24.81
N LEU B 545 49.56 -7.33 25.99
CA LEU B 545 50.60 -7.17 27.00
C LEU B 545 52.00 -7.59 26.50
N ALA B 546 52.09 -8.73 25.83
CA ALA B 546 53.34 -9.29 25.31
C ALA B 546 53.90 -8.46 24.16
N SER B 547 53.06 -8.05 23.21
CA SER B 547 53.45 -7.21 22.08
C SER B 547 53.81 -5.77 22.44
N VAL B 548 53.61 -5.34 23.69
CA VAL B 548 54.19 -4.09 24.24
C VAL B 548 55.22 -4.35 25.36
N GLY B 549 55.61 -5.60 25.59
CA GLY B 549 56.61 -6.00 26.58
C GLY B 549 56.18 -5.91 28.05
N ARG B 550 54.89 -5.75 28.36
CA ARG B 550 54.37 -5.50 29.69
C ARG B 550 53.94 -6.80 30.41
N LEU B 551 53.87 -7.93 29.68
CA LEU B 551 53.41 -9.23 30.19
C LEU B 551 54.25 -9.76 31.36
N SER B 552 55.57 -9.66 31.23
CA SER B 552 56.56 -10.06 32.22
C SER B 552 56.54 -9.18 33.49
N HIS B 553 55.97 -7.98 33.41
CA HIS B 553 55.67 -7.13 34.56
C HIS B 553 54.32 -7.54 35.18
N TYR B 554 53.31 -7.79 34.34
CA TYR B 554 51.97 -8.21 34.75
C TYR B 554 51.97 -9.55 35.52
N LEU B 555 52.68 -10.55 34.99
CA LEU B 555 52.83 -11.87 35.62
C LEU B 555 53.70 -11.84 36.88
N GLN B 556 54.57 -10.83 37.00
CA GLN B 556 55.46 -10.61 38.13
C GLN B 556 54.73 -9.92 39.31
N MET C 1 -17.11 20.68 21.45
CA MET C 1 -17.63 20.19 20.16
C MET C 1 -17.06 18.81 19.82
N LYS C 2 -17.94 17.80 19.74
CA LYS C 2 -17.57 16.41 19.45
C LYS C 2 -17.74 16.10 17.96
N TYR C 3 -16.94 15.18 17.42
CA TYR C 3 -16.96 14.81 16.02
C TYR C 3 -17.15 13.30 15.91
N ILE C 4 -17.98 12.89 14.96
CA ILE C 4 -18.12 11.49 14.56
C ILE C 4 -17.87 11.46 13.05
N LEU C 5 -16.81 10.77 12.60
CA LEU C 5 -16.56 10.54 11.19
C LEU C 5 -17.15 9.19 10.78
N VAL C 6 -18.14 9.22 9.90
CA VAL C 6 -18.70 8.06 9.25
C VAL C 6 -17.95 7.87 7.91
N THR C 7 -17.34 6.69 7.75
CA THR C 7 -16.56 6.29 6.59
C THR C 7 -17.22 5.06 5.94
N GLY C 8 -17.06 4.92 4.62
CA GLY C 8 -17.67 3.85 3.84
C GLY C 8 -16.58 2.88 3.40
N GLY C 9 -16.92 1.59 3.47
CA GLY C 9 -15.99 0.52 3.22
C GLY C 9 -16.06 0.05 1.77
N VAL C 10 -16.67 -1.11 1.55
CA VAL C 10 -16.58 -1.93 0.35
C VAL C 10 -17.18 -1.28 -0.92
N ILE C 11 -18.31 -0.59 -0.73
CA ILE C 11 -19.09 0.06 -1.77
C ILE C 11 -19.79 1.27 -1.16
N SER C 12 -20.27 2.16 -2.03
CA SER C 12 -21.25 3.19 -1.72
C SER C 12 -22.68 2.60 -1.83
N GLY C 13 -23.70 3.38 -1.49
CA GLY C 13 -25.11 2.99 -1.67
C GLY C 13 -25.65 2.10 -0.54
N ILE C 14 -24.77 1.54 0.29
CA ILE C 14 -25.06 0.67 1.44
C ILE C 14 -25.59 1.40 2.69
N GLY C 15 -26.35 2.48 2.48
CA GLY C 15 -27.15 3.10 3.53
C GLY C 15 -26.34 3.97 4.49
N LYS C 16 -25.07 4.27 4.17
CA LYS C 16 -24.15 5.08 4.99
C LYS C 16 -24.71 6.45 5.40
N GLY C 17 -25.43 7.10 4.48
CA GLY C 17 -26.06 8.40 4.73
C GLY C 17 -27.28 8.26 5.63
N ILE C 18 -27.97 7.11 5.60
CA ILE C 18 -29.06 6.80 6.50
C ILE C 18 -28.52 6.48 7.91
N ILE C 19 -27.41 5.75 7.98
CA ILE C 19 -26.68 5.49 9.22
C ILE C 19 -26.18 6.78 9.89
N ALA C 20 -25.55 7.67 9.12
CA ALA C 20 -25.13 8.99 9.57
C ALA C 20 -26.29 9.83 10.13
N SER C 21 -27.39 9.87 9.38
CA SER C 21 -28.62 10.56 9.78
C SER C 21 -29.28 9.91 11.02
N SER C 22 -29.23 8.59 11.12
CA SER C 22 -29.75 7.81 12.24
C SER C 22 -28.92 8.05 13.52
N VAL C 23 -27.59 8.06 13.41
CA VAL C 23 -26.67 8.44 14.47
C VAL C 23 -26.95 9.88 14.96
N GLY C 24 -27.21 10.80 14.02
CA GLY C 24 -27.59 12.17 14.33
C GLY C 24 -28.93 12.26 15.08
N THR C 25 -29.97 11.53 14.65
CA THR C 25 -31.28 11.60 15.29
C THR C 25 -31.30 10.90 16.67
N ILE C 26 -30.46 9.86 16.84
CA ILE C 26 -30.16 9.22 18.11
C ILE C 26 -29.55 10.21 19.13
N LEU C 27 -28.52 10.94 18.70
CA LEU C 27 -27.86 11.95 19.54
C LEU C 27 -28.78 13.16 19.82
N LYS C 28 -29.62 13.53 18.86
CA LYS C 28 -30.66 14.54 19.05
C LYS C 28 -31.76 14.08 20.03
N SER C 29 -32.09 12.78 20.02
CA SER C 29 -32.96 12.15 21.02
C SER C 29 -32.33 12.10 22.42
N CYS C 30 -30.99 12.16 22.51
CA CYS C 30 -30.24 12.35 23.75
C CYS C 30 -30.26 13.83 24.22
N GLY C 31 -30.92 14.72 23.48
CA GLY C 31 -31.09 16.12 23.83
C GLY C 31 -29.93 16.99 23.34
N LEU C 32 -29.02 16.45 22.53
CA LEU C 32 -27.90 17.19 21.99
C LEU C 32 -28.34 18.02 20.77
N HIS C 33 -27.80 19.23 20.64
CA HIS C 33 -27.79 19.99 19.39
C HIS C 33 -26.74 19.36 18.46
N VAL C 34 -27.17 18.98 17.26
CA VAL C 34 -26.36 18.21 16.34
C VAL C 34 -26.40 18.91 14.99
N THR C 35 -25.23 19.03 14.38
CA THR C 35 -25.03 19.49 13.01
C THR C 35 -24.43 18.32 12.22
N SER C 36 -24.30 18.49 10.91
CA SER C 36 -23.77 17.47 10.02
C SER C 36 -23.02 18.14 8.87
N ILE C 37 -22.02 17.42 8.36
CA ILE C 37 -21.23 17.80 7.20
C ILE C 37 -21.16 16.56 6.31
N LYS C 38 -21.47 16.75 5.03
CA LYS C 38 -21.20 15.74 4.01
C LYS C 38 -19.93 16.19 3.31
N ILE C 39 -18.95 15.29 3.22
CA ILE C 39 -17.85 15.44 2.30
C ILE C 39 -18.17 14.55 1.09
N ASP C 40 -18.22 15.17 -0.08
CA ASP C 40 -18.25 14.51 -1.37
C ASP C 40 -16.87 14.66 -2.02
N PRO C 41 -16.05 13.59 -2.05
CA PRO C 41 -14.81 13.58 -2.85
C PRO C 41 -15.08 13.62 -4.36
N TYR C 42 -15.47 14.78 -4.87
CA TYR C 42 -15.54 15.13 -6.27
C TYR C 42 -15.08 16.58 -6.43
N ILE C 43 -14.67 16.93 -7.66
CA ILE C 43 -14.03 18.20 -8.00
C ILE C 43 -15.06 19.31 -8.25
N ASN C 44 -16.34 18.93 -8.32
CA ASN C 44 -17.48 19.80 -8.53
C ASN C 44 -17.67 20.73 -7.33
N ILE C 45 -17.75 22.03 -7.59
CA ILE C 45 -18.25 23.01 -6.65
C ILE C 45 -19.77 23.06 -6.85
N ASP C 46 -20.48 22.45 -5.90
CA ASP C 46 -21.94 22.33 -5.85
C ASP C 46 -22.47 21.28 -6.86
N ALA C 47 -23.63 20.70 -6.52
CA ALA C 47 -24.27 19.63 -7.28
C ALA C 47 -25.17 20.16 -8.41
N GLY C 48 -25.31 21.49 -8.51
CA GLY C 48 -26.21 22.20 -9.43
C GLY C 48 -25.94 21.94 -10.92
N THR C 49 -24.76 21.41 -11.23
CA THR C 49 -24.32 21.07 -12.57
C THR C 49 -24.69 19.62 -12.97
N PHE C 50 -25.16 18.80 -12.04
CA PHE C 50 -25.36 17.36 -12.27
C PHE C 50 -26.64 17.05 -13.05
N SER C 51 -26.52 16.12 -14.00
CA SER C 51 -27.62 15.37 -14.57
C SER C 51 -28.20 14.44 -13.48
N PRO C 52 -29.50 14.52 -13.13
CA PRO C 52 -30.10 13.80 -12.00
C PRO C 52 -29.98 12.27 -11.97
N TYR C 53 -29.35 11.62 -12.95
CA TYR C 53 -29.01 10.19 -12.92
C TYR C 53 -27.73 9.90 -12.11
N GLU C 54 -26.84 10.87 -11.92
CA GLU C 54 -25.62 10.75 -11.12
C GLU C 54 -25.80 11.72 -9.95
N HIS C 55 -25.73 11.19 -8.72
CA HIS C 55 -25.97 11.90 -7.46
C HIS C 55 -27.36 12.57 -7.49
N GLY C 56 -28.37 11.72 -7.73
CA GLY C 56 -29.71 12.13 -8.15
C GLY C 56 -30.43 12.91 -7.07
N GLU C 57 -31.31 13.83 -7.51
CA GLU C 57 -32.05 14.79 -6.70
C GLU C 57 -31.06 15.79 -6.05
N VAL C 58 -30.76 16.86 -6.79
CA VAL C 58 -29.97 17.95 -6.23
C VAL C 58 -30.90 18.71 -5.26
N PHE C 59 -30.53 18.67 -3.99
CA PHE C 59 -31.28 19.22 -2.89
C PHE C 59 -30.90 20.69 -2.77
N VAL C 60 -31.88 21.56 -2.58
CA VAL C 60 -31.67 23.00 -2.56
C VAL C 60 -31.89 23.50 -1.14
N LEU C 61 -30.85 24.14 -0.60
CA LEU C 61 -30.81 24.76 0.71
C LEU C 61 -31.40 26.18 0.67
N ASP C 62 -31.67 26.76 1.85
CA ASP C 62 -32.19 28.13 2.02
C ASP C 62 -31.36 29.19 1.28
N ASP C 63 -30.03 29.07 1.36
CA ASP C 63 -29.07 29.99 0.76
C ASP C 63 -28.91 29.82 -0.76
N GLY C 64 -29.57 28.81 -1.35
CA GLY C 64 -29.50 28.55 -2.78
C GLY C 64 -28.41 27.53 -3.11
N GLY C 65 -27.79 26.89 -2.11
CA GLY C 65 -26.84 25.80 -2.33
C GLY C 65 -27.57 24.58 -2.88
N GLU C 66 -27.15 24.15 -4.08
CA GLU C 66 -27.56 22.93 -4.74
C GLU C 66 -26.55 21.84 -4.31
N VAL C 67 -27.00 20.92 -3.48
CA VAL C 67 -26.17 19.94 -2.79
C VAL C 67 -26.72 18.51 -2.96
N ASP C 68 -25.95 17.52 -2.50
CA ASP C 68 -26.30 16.10 -2.57
C ASP C 68 -27.54 15.78 -1.70
N LEU C 69 -28.30 14.74 -2.07
CA LEU C 69 -29.52 14.32 -1.37
C LEU C 69 -29.32 13.94 0.11
N ASP C 70 -28.10 13.53 0.49
CA ASP C 70 -27.71 13.26 1.87
C ASP C 70 -27.86 14.47 2.81
N LEU C 71 -27.66 15.69 2.30
CA LEU C 71 -27.91 16.92 3.05
C LEU C 71 -29.41 17.07 3.37
N GLY C 72 -30.26 16.54 2.49
CA GLY C 72 -31.70 16.51 2.67
C GLY C 72 -32.10 15.44 3.68
N ASN C 73 -31.39 14.31 3.72
CA ASN C 73 -31.57 13.28 4.75
C ASN C 73 -31.25 13.83 6.14
N TYR C 74 -30.17 14.62 6.27
CA TYR C 74 -29.85 15.34 7.50
C TYR C 74 -30.98 16.28 7.94
N GLU C 75 -31.51 17.12 7.03
CA GLU C 75 -32.64 18.00 7.31
C GLU C 75 -33.97 17.27 7.64
N ARG C 76 -34.11 16.00 7.26
CA ARG C 76 -35.31 15.20 7.52
C ARG C 76 -35.24 14.37 8.80
N PHE C 77 -34.05 13.83 9.12
CA PHE C 77 -33.81 13.11 10.36
C PHE C 77 -33.61 14.03 11.57
N LEU C 78 -33.14 15.26 11.32
CA LEU C 78 -32.85 16.26 12.32
C LEU C 78 -33.49 17.57 11.83
N ASP C 79 -34.20 18.27 12.70
CA ASP C 79 -34.78 19.60 12.42
C ASP C 79 -33.70 20.69 12.43
N ILE C 80 -32.86 20.64 11.40
CA ILE C 80 -31.79 21.57 11.09
C ILE C 80 -32.03 22.08 9.66
N ARG C 81 -31.48 23.26 9.33
CA ARG C 81 -31.41 23.76 7.96
C ARG C 81 -29.97 24.24 7.72
N LEU C 82 -29.36 23.68 6.68
CA LEU C 82 -27.92 23.71 6.46
C LEU C 82 -27.52 24.84 5.49
N THR C 83 -26.21 25.11 5.44
CA THR C 83 -25.60 26.09 4.54
C THR C 83 -24.78 25.35 3.46
N LYS C 84 -24.45 26.04 2.36
CA LYS C 84 -23.70 25.49 1.20
C LYS C 84 -22.47 24.67 1.61
N ASP C 85 -21.72 25.23 2.56
CA ASP C 85 -20.42 24.77 2.99
C ASP C 85 -20.48 23.60 3.97
N ASN C 86 -21.69 23.18 4.38
CA ASN C 86 -21.93 21.87 5.01
C ASN C 86 -21.82 20.73 3.99
N ASN C 87 -21.86 21.04 2.68
CA ASN C 87 -21.38 20.14 1.64
C ASN C 87 -19.96 20.58 1.29
N LEU C 88 -18.97 19.84 1.82
CA LEU C 88 -17.57 20.03 1.47
C LEU C 88 -17.24 19.16 0.24
N THR C 89 -16.37 19.64 -0.64
CA THR C 89 -15.91 18.94 -1.83
C THR C 89 -14.43 19.25 -2.05
N THR C 90 -13.73 18.43 -2.85
CA THR C 90 -12.36 18.72 -3.24
C THR C 90 -12.25 20.01 -4.08
N GLY C 91 -13.27 20.31 -4.88
CA GLY C 91 -13.35 21.53 -5.67
C GLY C 91 -13.35 22.76 -4.77
N LYS C 92 -14.22 22.75 -3.76
CA LYS C 92 -14.35 23.84 -2.79
C LYS C 92 -13.05 24.07 -1.98
N ILE C 93 -12.38 22.98 -1.59
CA ILE C 93 -11.22 23.04 -0.72
C ILE C 93 -9.92 23.34 -1.50
N TYR C 94 -9.73 22.76 -2.69
CA TYR C 94 -8.59 23.08 -3.56
C TYR C 94 -8.70 24.50 -4.10
N GLN C 95 -9.89 24.97 -4.47
CA GLN C 95 -10.13 26.35 -4.89
C GLN C 95 -9.85 27.36 -3.77
N TYR C 96 -10.24 27.03 -2.52
CA TYR C 96 -9.89 27.77 -1.32
C TYR C 96 -8.38 27.96 -1.17
N VAL C 97 -7.62 26.85 -1.15
CA VAL C 97 -6.17 26.86 -1.04
C VAL C 97 -5.46 27.57 -2.20
N ILE C 98 -5.93 27.36 -3.43
CA ILE C 98 -5.42 28.02 -4.63
C ILE C 98 -5.60 29.55 -4.60
N ASN C 99 -6.81 30.01 -4.28
CA ASN C 99 -7.12 31.45 -4.20
C ASN C 99 -6.35 32.11 -3.04
N LYS C 100 -6.22 31.40 -1.93
CA LYS C 100 -5.44 31.77 -0.75
C LYS C 100 -3.94 31.88 -1.05
N GLU C 101 -3.41 30.96 -1.86
CA GLU C 101 -2.04 30.98 -2.39
C GLU C 101 -1.79 32.18 -3.31
N ARG C 102 -2.71 32.44 -4.25
CA ARG C 102 -2.65 33.58 -5.17
C ARG C 102 -2.68 34.95 -4.44
N LYS C 103 -3.38 35.03 -3.29
CA LYS C 103 -3.36 36.19 -2.41
C LYS C 103 -2.10 36.27 -1.52
N GLY C 104 -1.27 35.22 -1.49
CA GLY C 104 0.03 35.22 -0.83
C GLY C 104 -0.07 34.81 0.66
N ASP C 105 -1.24 34.34 1.12
CA ASP C 105 -1.50 34.02 2.54
C ASP C 105 -0.63 32.90 3.13
N TYR C 106 -0.07 32.05 2.25
CA TYR C 106 0.88 31.00 2.62
C TYR C 106 2.34 31.47 2.64
N LEU C 107 2.57 32.79 2.51
CA LEU C 107 3.81 33.51 2.85
C LEU C 107 5.06 33.00 2.11
N GLY C 108 4.88 32.73 0.81
CA GLY C 108 5.95 32.30 -0.08
C GLY C 108 6.38 30.84 0.12
N LYS C 109 5.71 30.08 0.99
CA LYS C 109 5.95 28.65 1.19
C LYS C 109 5.30 27.84 0.06
N THR C 110 5.89 26.68 -0.23
CA THR C 110 5.34 25.69 -1.14
C THR C 110 4.05 25.08 -0.56
N VAL C 111 2.92 25.30 -1.24
CA VAL C 111 1.65 24.70 -0.87
C VAL C 111 1.60 23.27 -1.41
N GLN C 112 1.07 22.36 -0.60
CA GLN C 112 1.03 20.93 -0.86
C GLN C 112 -0.10 20.31 -0.03
N VAL C 113 -0.47 19.08 -0.37
CA VAL C 113 -1.65 18.40 0.19
C VAL C 113 -1.56 18.24 1.71
N VAL C 114 -0.44 17.69 2.19
CA VAL C 114 -0.10 17.70 3.59
C VAL C 114 1.04 18.73 3.73
N PRO C 115 0.89 19.80 4.53
CA PRO C 115 -0.22 20.07 5.45
C PRO C 115 -1.42 20.85 4.88
N HIS C 116 -1.25 21.64 3.82
CA HIS C 116 -2.10 22.81 3.55
C HIS C 116 -3.56 22.50 3.19
N ILE C 117 -3.78 21.43 2.41
CA ILE C 117 -5.11 20.95 2.07
C ILE C 117 -5.74 20.22 3.26
N THR C 118 -4.95 19.42 3.99
CA THR C 118 -5.42 18.70 5.17
C THR C 118 -5.75 19.64 6.35
N ASP C 119 -5.04 20.77 6.48
CA ASP C 119 -5.37 21.87 7.37
C ASP C 119 -6.67 22.54 6.97
N ALA C 120 -6.82 22.90 5.68
CA ALA C 120 -8.00 23.51 5.12
C ALA C 120 -9.29 22.71 5.37
N ILE C 121 -9.22 21.37 5.25
CA ILE C 121 -10.29 20.45 5.60
C ILE C 121 -10.68 20.54 7.10
N GLN C 122 -9.67 20.55 7.98
CA GLN C 122 -9.87 20.68 9.42
C GLN C 122 -10.44 22.04 9.84
N GLU C 123 -9.91 23.13 9.26
CA GLU C 123 -10.43 24.49 9.41
C GLU C 123 -11.92 24.58 9.04
N TRP C 124 -12.27 24.01 7.89
CA TRP C 124 -13.61 23.98 7.33
C TRP C 124 -14.58 23.23 8.24
N VAL C 125 -14.20 22.02 8.65
CA VAL C 125 -14.94 21.16 9.55
C VAL C 125 -15.22 21.82 10.90
N MET C 126 -14.21 22.47 11.48
CA MET C 126 -14.36 23.24 12.72
C MET C 126 -15.28 24.46 12.56
N ARG C 127 -15.08 25.25 11.49
CA ARG C 127 -15.90 26.41 11.19
C ARG C 127 -17.38 26.08 11.00
N GLN C 128 -17.68 25.09 10.17
CA GLN C 128 -19.06 24.70 9.85
C GLN C 128 -19.78 23.98 10.99
N ALA C 129 -19.02 23.34 11.88
CA ALA C 129 -19.55 22.71 13.07
C ALA C 129 -20.03 23.72 14.12
N LEU C 130 -19.40 24.90 14.17
CA LEU C 130 -19.76 25.96 15.10
C LEU C 130 -21.00 26.77 14.67
N ILE C 131 -21.47 26.57 13.43
CA ILE C 131 -22.62 27.29 12.88
C ILE C 131 -23.92 26.64 13.40
N PRO C 132 -24.80 27.41 14.08
CA PRO C 132 -26.08 26.89 14.58
C PRO C 132 -27.10 26.69 13.46
N VAL C 133 -26.99 25.54 12.77
CA VAL C 133 -27.90 25.09 11.72
C VAL C 133 -29.27 24.62 12.27
N ASP C 134 -29.33 24.35 13.57
CA ASP C 134 -30.51 23.90 14.30
C ASP C 134 -31.61 24.97 14.33
N GLU C 135 -32.85 24.53 14.55
CA GLU C 135 -34.07 25.33 14.59
C GLU C 135 -34.11 26.50 15.61
N ASP C 136 -33.14 26.54 16.53
CA ASP C 136 -32.88 27.64 17.44
C ASP C 136 -31.34 27.79 17.49
N GLY C 137 -30.88 29.01 17.72
CA GLY C 137 -29.51 29.49 17.49
C GLY C 137 -28.44 28.95 18.45
N LEU C 138 -28.65 27.79 19.07
CA LEU C 138 -27.71 27.16 19.98
C LEU C 138 -26.57 26.49 19.20
N GLU C 139 -25.34 26.67 19.70
CA GLU C 139 -24.10 26.12 19.16
C GLU C 139 -24.12 24.58 19.29
N PRO C 140 -23.93 23.83 18.17
CA PRO C 140 -23.90 22.36 18.17
C PRO C 140 -22.94 21.71 19.16
N GLN C 141 -23.32 20.54 19.68
CA GLN C 141 -22.55 19.77 20.64
C GLN C 141 -21.82 18.60 19.96
N VAL C 142 -22.34 18.11 18.84
CA VAL C 142 -21.71 17.07 18.04
C VAL C 142 -21.96 17.31 16.55
N CYS C 143 -20.94 17.05 15.72
CA CYS C 143 -21.00 17.09 14.26
C CYS C 143 -20.80 15.67 13.75
N VAL C 144 -21.78 15.15 13.02
CA VAL C 144 -21.63 13.90 12.30
C VAL C 144 -21.11 14.25 10.89
N ILE C 145 -19.86 13.87 10.62
CA ILE C 145 -19.20 14.10 9.35
C ILE C 145 -19.33 12.78 8.58
N GLU C 146 -19.93 12.82 7.39
CA GLU C 146 -19.97 11.67 6.52
C GLU C 146 -18.96 11.90 5.39
N LEU C 147 -18.03 10.97 5.26
CA LEU C 147 -17.11 10.90 4.14
C LEU C 147 -17.72 9.99 3.08
N GLY C 148 -18.07 10.58 1.94
CA GLY C 148 -18.56 9.91 0.75
C GLY C 148 -17.45 9.16 0.02
N GLY C 149 -17.85 8.29 -0.90
CA GLY C 149 -16.95 7.40 -1.62
C GLY C 149 -16.67 6.17 -0.74
N THR C 150 -15.55 5.51 -1.02
CA THR C 150 -15.05 4.38 -0.26
C THR C 150 -13.61 4.71 0.17
N VAL C 151 -13.17 4.11 1.28
CA VAL C 151 -11.82 4.28 1.80
C VAL C 151 -10.76 3.70 0.84
N GLY C 152 -9.65 4.42 0.70
CA GLY C 152 -8.53 3.99 -0.13
C GLY C 152 -8.71 4.36 -1.60
N ASP C 153 -9.80 5.05 -1.97
CA ASP C 153 -9.90 5.82 -3.21
C ASP C 153 -8.95 7.02 -3.14
N ILE C 154 -8.29 7.34 -4.24
CA ILE C 154 -7.35 8.46 -4.34
C ILE C 154 -7.99 9.82 -4.00
N GLU C 155 -9.30 9.96 -4.28
CA GLU C 155 -10.12 11.11 -3.93
C GLU C 155 -10.36 11.25 -2.41
N SER C 156 -10.45 10.13 -1.67
CA SER C 156 -10.80 10.15 -0.25
C SER C 156 -9.57 10.30 0.67
N MET C 157 -8.38 9.98 0.14
CA MET C 157 -7.09 10.05 0.85
C MET C 157 -6.75 11.38 1.57
N PRO C 158 -6.95 12.57 0.94
CA PRO C 158 -6.77 13.87 1.64
C PRO C 158 -7.61 14.03 2.90
N PHE C 159 -8.86 13.59 2.85
CA PHE C 159 -9.81 13.71 3.96
C PHE C 159 -9.47 12.73 5.08
N ILE C 160 -9.16 11.47 4.76
CA ILE C 160 -8.74 10.50 5.77
C ILE C 160 -7.41 10.92 6.44
N GLU C 161 -6.47 11.46 5.67
CA GLU C 161 -5.24 12.05 6.21
C GLU C 161 -5.50 13.25 7.13
N ALA C 162 -6.44 14.12 6.76
CA ALA C 162 -6.92 15.20 7.61
C ALA C 162 -7.53 14.70 8.93
N PHE C 163 -8.39 13.69 8.87
CA PHE C 163 -9.00 13.09 10.06
C PHE C 163 -8.03 12.31 10.94
N ARG C 164 -6.98 11.74 10.33
CA ARG C 164 -5.86 11.13 11.02
C ARG C 164 -5.08 12.13 11.89
N GLN C 165 -4.94 13.38 11.41
CA GLN C 165 -4.39 14.47 12.18
C GLN C 165 -5.39 14.99 13.23
N PHE C 166 -6.65 15.13 12.81
CA PHE C 166 -7.73 15.76 13.57
C PHE C 166 -7.97 15.11 14.94
N GLN C 167 -7.92 13.78 14.98
CA GLN C 167 -8.02 12.96 16.20
C GLN C 167 -6.90 13.18 17.23
N PHE C 168 -5.85 13.92 16.85
CA PHE C 168 -4.73 14.31 17.71
C PHE C 168 -4.72 15.84 17.93
N LYS C 169 -5.55 16.59 17.21
CA LYS C 169 -5.70 18.04 17.30
C LYS C 169 -6.80 18.34 18.32
N VAL C 170 -8.00 17.82 18.06
CA VAL C 170 -9.00 17.60 19.09
C VAL C 170 -8.63 16.27 19.81
N LYS C 171 -9.02 16.12 21.07
CA LYS C 171 -8.66 14.94 21.86
C LYS C 171 -9.56 13.76 21.47
N ARG C 172 -9.16 12.54 21.86
CA ARG C 172 -9.86 11.31 21.45
C ARG C 172 -11.33 11.26 21.91
N GLU C 173 -11.63 11.83 23.08
CA GLU C 173 -12.99 12.03 23.57
C GLU C 173 -13.86 12.95 22.69
N ASN C 174 -13.25 13.68 21.76
CA ASN C 174 -13.94 14.57 20.82
C ASN C 174 -13.93 14.00 19.40
N PHE C 175 -13.37 12.81 19.14
CA PHE C 175 -13.35 12.24 17.80
C PHE C 175 -13.60 10.73 17.86
N CYS C 176 -14.72 10.30 17.25
CA CYS C 176 -15.09 8.90 17.04
C CYS C 176 -15.09 8.62 15.52
N ASN C 177 -14.72 7.41 15.10
CA ASN C 177 -14.81 6.94 13.73
C ASN C 177 -15.73 5.72 13.67
N ILE C 178 -16.76 5.82 12.83
CA ILE C 178 -17.62 4.71 12.46
C ILE C 178 -17.25 4.31 11.02
N HIS C 179 -17.10 3.00 10.80
CA HIS C 179 -16.85 2.42 9.49
C HIS C 179 -18.09 1.62 9.10
N VAL C 180 -18.78 2.08 8.06
CA VAL C 180 -19.96 1.42 7.52
C VAL C 180 -19.50 0.56 6.32
N SER C 181 -19.60 -0.76 6.50
CA SER C 181 -19.09 -1.74 5.55
C SER C 181 -20.25 -2.56 4.97
N LEU C 182 -19.91 -3.49 4.07
CA LEU C 182 -20.82 -4.48 3.50
C LEU C 182 -20.32 -5.86 3.94
N VAL C 183 -21.25 -6.70 4.38
CA VAL C 183 -21.02 -8.13 4.56
C VAL C 183 -21.94 -8.84 3.53
N PRO C 184 -21.41 -9.18 2.33
CA PRO C 184 -22.21 -9.89 1.33
C PRO C 184 -22.53 -11.34 1.75
N GLN C 185 -23.68 -11.84 1.28
CA GLN C 185 -24.12 -13.21 1.49
C GLN C 185 -24.45 -13.80 0.11
N PRO C 186 -23.44 -14.34 -0.62
CA PRO C 186 -23.64 -14.80 -2.00
C PRO C 186 -24.55 -16.02 -2.12
N SER C 187 -25.33 -16.07 -3.20
CA SER C 187 -26.02 -17.26 -3.72
C SER C 187 -25.04 -18.43 -3.97
N SER C 188 -23.81 -18.07 -4.38
CA SER C 188 -22.67 -18.95 -4.62
C SER C 188 -22.13 -19.63 -3.35
N THR C 189 -22.51 -19.18 -2.14
CA THR C 189 -21.80 -19.56 -0.92
C THR C 189 -22.71 -19.76 0.32
N GLY C 190 -23.80 -19.00 0.45
CA GLY C 190 -24.76 -19.09 1.57
C GLY C 190 -24.24 -18.43 2.85
N GLU C 191 -22.93 -18.52 3.12
CA GLU C 191 -22.21 -17.83 4.18
C GLU C 191 -22.27 -16.31 4.04
N GLN C 192 -22.22 -15.60 5.17
CA GLN C 192 -22.01 -14.16 5.26
C GLN C 192 -20.50 -13.92 5.27
N LYS C 193 -19.99 -13.27 4.22
CA LYS C 193 -18.56 -13.18 3.96
C LYS C 193 -18.01 -11.86 4.51
N THR C 194 -17.29 -11.92 5.63
CA THR C 194 -16.72 -10.79 6.33
C THR C 194 -15.38 -10.28 5.73
N LYS C 195 -14.68 -11.09 4.92
CA LYS C 195 -13.40 -10.76 4.27
C LYS C 195 -13.24 -9.30 3.72
N PRO C 196 -14.19 -8.79 2.91
CA PRO C 196 -14.12 -7.41 2.42
C PRO C 196 -14.22 -6.33 3.52
N THR C 197 -14.96 -6.59 4.59
CA THR C 197 -14.99 -5.72 5.77
C THR C 197 -13.63 -5.70 6.50
N GLN C 198 -13.02 -6.88 6.67
CA GLN C 198 -11.71 -7.05 7.30
C GLN C 198 -10.61 -6.30 6.52
N ASN C 199 -10.64 -6.46 5.19
CA ASN C 199 -9.73 -5.79 4.26
C ASN C 199 -9.93 -4.27 4.25
N SER C 200 -11.18 -3.82 4.30
CA SER C 200 -11.54 -2.40 4.34
C SER C 200 -11.12 -1.73 5.66
N VAL C 201 -11.31 -2.40 6.79
CA VAL C 201 -10.79 -1.94 8.09
C VAL C 201 -9.26 -1.90 8.13
N ARG C 202 -8.60 -2.92 7.56
CA ARG C 202 -7.15 -2.98 7.38
C ARG C 202 -6.60 -1.83 6.51
N GLU C 203 -7.29 -1.54 5.41
CA GLU C 203 -7.06 -0.41 4.51
C GLU C 203 -7.19 0.94 5.23
N LEU C 204 -8.28 1.12 5.98
CA LEU C 204 -8.56 2.31 6.78
C LEU C 204 -7.50 2.55 7.87
N ARG C 205 -7.04 1.49 8.54
CA ARG C 205 -5.94 1.54 9.49
C ARG C 205 -4.58 1.82 8.85
N GLY C 206 -4.39 1.41 7.60
CA GLY C 206 -3.24 1.79 6.77
C GLY C 206 -3.23 3.30 6.48
N LEU C 207 -4.41 3.92 6.44
CA LEU C 207 -4.61 5.36 6.32
C LEU C 207 -4.69 6.07 7.70
N GLY C 208 -4.60 5.30 8.79
CA GLY C 208 -4.37 5.81 10.13
C GLY C 208 -5.64 6.03 10.97
N LEU C 209 -6.80 5.53 10.55
CA LEU C 209 -8.04 5.57 11.33
C LEU C 209 -8.38 4.14 11.76
N SER C 210 -8.75 3.94 13.02
CA SER C 210 -9.19 2.66 13.52
C SER C 210 -10.67 2.79 13.88
N PRO C 211 -11.55 1.96 13.27
CA PRO C 211 -12.98 1.89 13.61
C PRO C 211 -13.27 1.75 15.12
N ASP C 212 -13.95 2.74 15.66
CA ASP C 212 -14.58 2.69 16.98
C ASP C 212 -15.87 1.88 16.92
N LEU C 213 -16.62 1.99 15.83
CA LEU C 213 -17.71 1.08 15.49
C LEU C 213 -17.50 0.56 14.07
N VAL C 214 -17.71 -0.75 13.90
CA VAL C 214 -17.85 -1.37 12.59
C VAL C 214 -19.34 -1.69 12.41
N VAL C 215 -20.00 -0.93 11.54
CA VAL C 215 -21.40 -1.09 11.20
C VAL C 215 -21.45 -1.87 9.88
N CYS C 216 -21.91 -3.10 9.94
CA CYS C 216 -22.03 -3.99 8.81
C CYS C 216 -23.39 -3.75 8.16
N ARG C 217 -23.41 -3.33 6.90
CA ARG C 217 -24.61 -3.41 6.07
C ARG C 217 -24.76 -4.87 5.64
N CYS C 218 -25.72 -5.52 6.29
CA CYS C 218 -26.10 -6.90 6.06
C CYS C 218 -27.41 -6.85 5.25
N SER C 219 -27.77 -7.94 4.57
CA SER C 219 -29.14 -8.11 4.09
C SER C 219 -29.93 -8.76 5.25
N ASN C 220 -29.63 -10.03 5.52
CA ASN C 220 -30.07 -10.77 6.70
C ASN C 220 -29.20 -10.39 7.92
N PRO C 221 -29.74 -10.45 9.15
CA PRO C 221 -28.94 -10.30 10.39
C PRO C 221 -27.66 -11.16 10.46
N LEU C 222 -26.60 -10.61 11.07
CA LEU C 222 -25.35 -11.33 11.29
C LEU C 222 -25.54 -12.54 12.21
N ASP C 223 -24.93 -13.67 11.86
CA ASP C 223 -24.69 -14.75 12.82
C ASP C 223 -23.58 -14.32 13.81
N THR C 224 -23.66 -14.88 15.01
CA THR C 224 -22.69 -14.79 16.10
C THR C 224 -21.25 -15.12 15.63
N SER C 225 -21.08 -16.21 14.88
CA SER C 225 -19.80 -16.66 14.34
C SER C 225 -19.14 -15.63 13.41
N VAL C 226 -19.96 -14.96 12.60
CA VAL C 226 -19.55 -13.94 11.65
C VAL C 226 -19.20 -12.64 12.38
N LYS C 227 -20.02 -12.25 13.38
CA LYS C 227 -19.74 -11.13 14.27
C LYS C 227 -18.44 -11.30 15.06
N GLU C 228 -18.18 -12.51 15.56
CA GLU C 228 -16.93 -12.84 16.25
C GLU C 228 -15.71 -12.89 15.33
N LYS C 229 -15.91 -13.26 14.06
CA LYS C 229 -14.87 -13.18 13.03
C LYS C 229 -14.56 -11.72 12.67
N ILE C 230 -15.58 -10.87 12.56
CA ILE C 230 -15.42 -9.42 12.38
C ILE C 230 -14.68 -8.79 13.56
N SER C 231 -15.11 -9.07 14.81
CA SER C 231 -14.50 -8.55 16.03
C SER C 231 -13.01 -8.90 16.14
N MET C 232 -12.68 -10.17 15.85
CA MET C 232 -11.34 -10.70 15.72
C MET C 232 -10.49 -9.96 14.68
N PHE C 233 -10.83 -10.11 13.39
CA PHE C 233 -10.01 -9.59 12.29
C PHE C 233 -10.05 -8.07 12.10
N CYS C 234 -11.05 -7.39 12.66
CA CYS C 234 -11.12 -5.93 12.73
C CYS C 234 -10.56 -5.40 14.06
N HIS C 235 -10.12 -6.32 14.95
CA HIS C 235 -9.45 -6.09 16.23
C HIS C 235 -10.20 -5.10 17.14
N VAL C 236 -11.49 -5.37 17.33
CA VAL C 236 -12.41 -4.54 18.07
C VAL C 236 -13.38 -5.43 18.86
N GLU C 237 -13.93 -4.90 19.95
CA GLU C 237 -14.92 -5.54 20.83
C GLU C 237 -16.22 -5.94 20.09
N PRO C 238 -16.76 -7.16 20.30
CA PRO C 238 -18.11 -7.57 19.82
C PRO C 238 -19.27 -6.56 19.96
N GLU C 239 -19.37 -5.85 21.10
CA GLU C 239 -20.32 -4.76 21.34
C GLU C 239 -20.17 -3.58 20.34
N GLN C 240 -18.98 -3.43 19.77
CA GLN C 240 -18.64 -2.40 18.79
C GLN C 240 -18.79 -2.90 17.34
N VAL C 241 -19.29 -4.12 17.14
CA VAL C 241 -19.68 -4.65 15.84
C VAL C 241 -21.21 -4.65 15.78
N ILE C 242 -21.74 -3.93 14.80
CA ILE C 242 -23.17 -3.70 14.62
C ILE C 242 -23.59 -4.25 13.25
N CYS C 243 -24.78 -4.85 13.18
CA CYS C 243 -25.43 -5.16 11.92
C CYS C 243 -26.57 -4.18 11.72
N VAL C 244 -26.56 -3.49 10.58
CA VAL C 244 -27.72 -2.83 10.03
C VAL C 244 -28.20 -3.73 8.87
N HIS C 245 -29.18 -4.56 9.19
CA HIS C 245 -29.86 -5.44 8.24
C HIS C 245 -30.99 -4.69 7.52
N ASP C 246 -31.58 -5.36 6.52
CA ASP C 246 -32.81 -4.90 5.87
C ASP C 246 -33.98 -4.86 6.88
N VAL C 247 -34.73 -3.76 6.86
CA VAL C 247 -35.89 -3.48 7.69
C VAL C 247 -37.01 -2.91 6.80
N SER C 248 -38.25 -2.97 7.30
CA SER C 248 -39.48 -2.61 6.59
C SER C 248 -39.58 -1.13 6.21
N SER C 249 -39.26 -0.26 7.18
CA SER C 249 -39.37 1.18 7.04
C SER C 249 -38.11 1.83 7.60
N ILE C 250 -37.79 3.01 7.04
CA ILE C 250 -36.69 3.90 7.41
C ILE C 250 -36.67 4.23 8.90
N TYR C 251 -37.88 4.30 9.47
CA TYR C 251 -38.17 4.64 10.84
C TYR C 251 -37.57 3.66 11.85
N ARG C 252 -37.26 2.43 11.41
CA ARG C 252 -36.66 1.40 12.24
C ARG C 252 -35.14 1.49 12.36
N VAL C 253 -34.44 2.21 11.46
CA VAL C 253 -32.97 2.22 11.48
C VAL C 253 -32.33 2.85 12.74
N PRO C 254 -32.86 3.99 13.27
CA PRO C 254 -32.43 4.49 14.58
C PRO C 254 -32.69 3.52 15.75
N LEU C 255 -33.80 2.79 15.67
CA LEU C 255 -34.25 1.85 16.70
C LEU C 255 -33.37 0.59 16.74
N LEU C 256 -32.96 0.15 15.56
CA LEU C 256 -32.03 -0.95 15.34
C LEU C 256 -30.64 -0.61 15.87
N LEU C 257 -30.16 0.61 15.58
CA LEU C 257 -28.92 1.13 16.13
C LEU C 257 -28.97 1.32 17.66
N GLU C 258 -30.12 1.79 18.17
CA GLU C 258 -30.43 1.91 19.59
C GLU C 258 -30.36 0.55 20.31
N GLU C 259 -31.04 -0.47 19.76
CA GLU C 259 -31.02 -1.86 20.20
C GLU C 259 -29.59 -2.44 20.22
N GLN C 260 -28.83 -2.18 19.15
CA GLN C 260 -27.42 -2.51 19.01
C GLN C 260 -26.46 -1.75 19.94
N GLY C 261 -26.96 -0.76 20.72
CA GLY C 261 -26.26 -0.19 21.86
C GLY C 261 -25.43 1.04 21.51
N VAL C 262 -25.51 1.57 20.28
CA VAL C 262 -24.61 2.62 19.80
C VAL C 262 -24.75 3.95 20.60
N VAL C 263 -25.95 4.22 21.11
CA VAL C 263 -26.26 5.40 21.92
C VAL C 263 -25.41 5.42 23.20
N ASP C 264 -25.42 4.28 23.90
CA ASP C 264 -24.69 4.03 25.13
C ASP C 264 -23.19 4.09 24.88
N TYR C 265 -22.78 3.54 23.72
CA TYR C 265 -21.42 3.63 23.22
C TYR C 265 -20.98 5.09 23.02
N PHE C 266 -21.71 5.88 22.22
CA PHE C 266 -21.39 7.29 21.96
C PHE C 266 -21.35 8.13 23.23
N LEU C 267 -22.30 7.92 24.15
CA LEU C 267 -22.37 8.64 25.41
C LEU C 267 -21.11 8.45 26.27
N ARG C 268 -20.62 7.20 26.39
CA ARG C 268 -19.38 6.91 27.10
C ARG C 268 -18.14 7.30 26.28
N ARG C 269 -18.13 6.96 24.99
CA ARG C 269 -16.99 7.13 24.08
C ARG C 269 -16.64 8.59 23.79
N LEU C 270 -17.65 9.47 23.75
CA LEU C 270 -17.48 10.89 23.49
C LEU C 270 -17.67 11.74 24.76
N ASP C 271 -17.92 11.10 25.91
CA ASP C 271 -18.12 11.72 27.23
C ASP C 271 -19.23 12.81 27.19
N LEU C 272 -20.39 12.44 26.65
CA LEU C 272 -21.49 13.35 26.40
C LEU C 272 -22.43 13.41 27.62
N PRO C 273 -22.97 14.61 27.94
CA PRO C 273 -24.00 14.73 28.97
C PRO C 273 -25.39 14.19 28.57
N LEU C 282 -37.23 9.41 20.23
CA LEU C 282 -37.13 8.25 19.35
C LEU C 282 -38.32 7.26 19.45
N MET C 283 -39.19 7.45 20.45
CA MET C 283 -40.48 6.77 20.55
C MET C 283 -41.46 7.16 19.42
N LYS C 284 -41.30 8.36 18.84
CA LYS C 284 -42.02 8.75 17.62
C LYS C 284 -41.63 7.86 16.42
N TRP C 285 -40.38 7.41 16.38
CA TRP C 285 -39.85 6.56 15.33
C TRP C 285 -40.33 5.10 15.48
N LYS C 286 -40.62 4.66 16.72
CA LYS C 286 -41.35 3.42 17.01
C LYS C 286 -42.78 3.54 16.45
N GLU C 287 -43.46 4.63 16.83
CA GLU C 287 -44.83 4.95 16.42
C GLU C 287 -44.97 5.00 14.89
N MET C 288 -44.17 5.82 14.21
CA MET C 288 -44.18 5.97 12.76
C MET C 288 -43.91 4.66 12.02
N ALA C 289 -42.97 3.84 12.52
CA ALA C 289 -42.67 2.51 11.98
C ALA C 289 -43.87 1.56 12.09
N ASP C 290 -44.41 1.43 13.31
CA ASP C 290 -45.57 0.58 13.60
C ASP C 290 -46.82 1.04 12.86
N ARG C 291 -47.03 2.35 12.78
CA ARG C 291 -48.09 2.98 11.97
C ARG C 291 -47.95 2.63 10.49
N TYR C 292 -46.72 2.71 9.95
CA TYR C 292 -46.41 2.41 8.55
C TYR C 292 -46.70 0.95 8.19
N ASP C 293 -46.21 0.05 9.04
CA ASP C 293 -46.30 -1.40 8.83
C ASP C 293 -47.72 -1.97 8.99
N ARG C 294 -48.69 -1.17 9.44
CA ARG C 294 -50.10 -1.54 9.57
C ARG C 294 -51.02 -0.72 8.66
N LEU C 295 -50.48 0.06 7.70
CA LEU C 295 -51.28 0.73 6.68
C LEU C 295 -51.84 -0.31 5.70
N LEU C 296 -53.17 -0.33 5.52
CA LEU C 296 -53.86 -1.32 4.70
C LEU C 296 -54.33 -0.70 3.38
N GLU C 297 -55.20 0.31 3.47
CA GLU C 297 -55.72 1.06 2.32
C GLU C 297 -54.60 1.91 1.69
N THR C 298 -54.65 2.00 0.36
CA THR C 298 -53.62 2.59 -0.47
C THR C 298 -54.21 3.71 -1.30
N CYS C 299 -53.50 4.82 -1.32
CA CYS C 299 -53.59 5.82 -2.35
C CYS C 299 -52.72 5.39 -3.54
N SER C 300 -52.86 6.05 -4.69
CA SER C 300 -51.95 5.86 -5.82
C SER C 300 -51.70 7.18 -6.54
N ILE C 301 -50.43 7.59 -6.65
CA ILE C 301 -50.02 8.80 -7.37
C ILE C 301 -49.25 8.38 -8.63
N ALA C 302 -49.65 8.94 -9.77
CA ALA C 302 -48.87 8.93 -11.00
C ALA C 302 -47.77 9.98 -10.91
N LEU C 303 -46.51 9.54 -10.87
CA LEU C 303 -45.35 10.42 -10.95
C LEU C 303 -44.87 10.43 -12.39
N VAL C 304 -45.33 11.40 -13.16
CA VAL C 304 -45.04 11.54 -14.59
C VAL C 304 -43.79 12.38 -14.80
N GLY C 305 -42.63 11.73 -14.78
CA GLY C 305 -41.31 12.37 -14.75
C GLY C 305 -40.35 11.89 -15.84
N LYS C 306 -39.20 12.54 -16.00
CA LYS C 306 -38.16 12.21 -16.99
C LYS C 306 -37.09 11.25 -16.47
N TYR C 307 -36.77 11.40 -15.17
CA TYR C 307 -35.53 10.91 -14.59
C TYR C 307 -35.72 9.54 -13.94
N ASP C 312 -34.55 7.48 -7.73
CA ASP C 312 -33.62 8.24 -6.89
C ASP C 312 -33.56 9.74 -7.20
N SER C 313 -33.81 10.12 -8.46
CA SER C 313 -33.93 11.49 -8.90
C SER C 313 -35.12 12.26 -8.30
N TYR C 314 -36.08 11.51 -7.77
CA TYR C 314 -37.29 12.01 -7.14
C TYR C 314 -37.29 11.68 -5.65
N ALA C 315 -36.12 11.53 -5.05
CA ALA C 315 -35.93 11.15 -3.65
C ALA C 315 -36.74 11.98 -2.65
N SER C 316 -36.53 13.30 -2.62
CA SER C 316 -37.32 14.23 -1.80
C SER C 316 -38.82 14.19 -2.10
N VAL C 317 -39.18 14.07 -3.38
CA VAL C 317 -40.55 14.04 -3.89
C VAL C 317 -41.30 12.82 -3.38
N ILE C 318 -40.71 11.65 -3.55
CA ILE C 318 -41.21 10.38 -3.03
C ILE C 318 -41.39 10.43 -1.51
N LYS C 319 -40.37 10.93 -0.79
CA LYS C 319 -40.38 11.06 0.66
C LYS C 319 -41.52 11.97 1.16
N ALA C 320 -41.76 13.09 0.47
CA ALA C 320 -42.85 14.01 0.74
C ALA C 320 -44.24 13.40 0.56
N LEU C 321 -44.42 12.54 -0.45
CA LEU C 321 -45.62 11.75 -0.65
C LEU C 321 -45.79 10.70 0.45
N GLU C 322 -44.73 10.01 0.86
CA GLU C 322 -44.75 9.03 1.95
C GLU C 322 -45.07 9.63 3.32
N HIS C 323 -44.57 10.85 3.59
CA HIS C 323 -44.93 11.64 4.77
C HIS C 323 -46.43 11.96 4.78
N SER C 324 -46.92 12.41 3.63
CA SER C 324 -48.31 12.75 3.39
C SER C 324 -49.24 11.53 3.51
N ALA C 325 -48.82 10.39 2.95
CA ALA C 325 -49.49 9.10 3.02
C ALA C 325 -49.64 8.59 4.45
N LEU C 326 -48.53 8.62 5.21
CA LEU C 326 -48.51 8.23 6.61
C LEU C 326 -49.39 9.14 7.50
N ALA C 327 -49.47 10.43 7.14
CA ALA C 327 -50.30 11.43 7.80
C ALA C 327 -51.80 11.24 7.57
N ILE C 328 -52.21 10.90 6.32
CA ILE C 328 -53.61 10.59 6.02
C ILE C 328 -54.02 9.16 6.43
N ASN C 329 -53.02 8.33 6.76
CA ASN C 329 -53.08 6.93 7.18
C ASN C 329 -53.44 5.96 6.05
N HIS C 330 -52.81 6.16 4.89
CA HIS C 330 -52.87 5.23 3.77
C HIS C 330 -51.44 4.79 3.41
N LYS C 331 -51.31 3.62 2.77
CA LYS C 331 -50.18 3.28 1.92
C LYS C 331 -50.09 4.20 0.70
N LEU C 332 -48.93 4.21 0.08
CA LEU C 332 -48.69 4.87 -1.18
C LEU C 332 -48.16 3.82 -2.14
N GLU C 333 -48.69 3.84 -3.35
CA GLU C 333 -48.20 3.10 -4.49
C GLU C 333 -47.92 4.16 -5.55
N ILE C 334 -46.64 4.43 -5.82
CA ILE C 334 -46.24 5.46 -6.80
C ILE C 334 -46.12 4.79 -8.16
N LYS C 335 -46.94 5.22 -9.10
CA LYS C 335 -46.88 4.79 -10.48
C LYS C 335 -45.85 5.65 -11.21
N TYR C 336 -44.60 5.22 -11.19
CA TYR C 336 -43.52 5.84 -11.95
C TYR C 336 -43.82 5.75 -13.44
N ILE C 337 -44.08 6.88 -14.08
CA ILE C 337 -44.35 6.94 -15.52
C ILE C 337 -43.23 7.75 -16.16
N ASP C 338 -42.48 7.13 -17.06
CA ASP C 338 -41.58 7.86 -17.93
C ASP C 338 -42.42 8.77 -18.85
N SER C 339 -42.29 10.07 -18.70
CA SER C 339 -43.02 11.06 -19.47
C SER C 339 -42.80 10.91 -20.98
N ALA C 340 -41.62 10.43 -21.40
CA ALA C 340 -41.33 10.15 -22.79
C ALA C 340 -42.16 8.98 -23.37
N ASP C 341 -42.81 8.16 -22.54
CA ASP C 341 -43.74 7.12 -22.99
C ASP C 341 -45.18 7.64 -23.24
N LEU C 342 -45.57 8.77 -22.65
CA LEU C 342 -46.88 9.40 -22.87
C LEU C 342 -46.94 10.28 -24.14
N GLU C 343 -45.80 10.56 -24.77
CA GLU C 343 -45.70 11.23 -26.07
C GLU C 343 -46.31 10.37 -27.21
N PRO C 344 -47.02 10.96 -28.20
CA PRO C 344 -47.68 10.22 -29.26
C PRO C 344 -46.69 9.50 -30.19
N ILE C 345 -45.46 9.99 -30.32
CA ILE C 345 -44.39 9.31 -31.07
C ILE C 345 -44.07 7.92 -30.49
N THR C 346 -44.18 7.72 -29.17
CA THR C 346 -44.01 6.38 -28.56
C THR C 346 -45.17 5.45 -28.92
N SER C 347 -46.35 5.96 -29.29
CA SER C 347 -47.41 5.14 -29.89
C SER C 347 -46.98 4.58 -31.25
N GLN C 348 -46.18 5.33 -32.02
CA GLN C 348 -45.61 4.87 -33.28
C GLN C 348 -44.51 3.84 -33.05
N GLU C 349 -43.46 4.17 -32.31
CA GLU C 349 -42.29 3.29 -32.19
C GLU C 349 -42.48 2.09 -31.26
N GLU C 350 -43.24 2.21 -30.16
CA GLU C 350 -43.39 1.14 -29.16
C GLU C 350 -44.77 1.18 -28.49
N PRO C 351 -45.82 0.67 -29.15
CA PRO C 351 -47.18 0.75 -28.62
C PRO C 351 -47.34 0.01 -27.28
N VAL C 352 -46.47 -0.97 -26.96
CA VAL C 352 -46.44 -1.57 -25.62
C VAL C 352 -46.00 -0.58 -24.53
N ARG C 353 -45.01 0.28 -24.79
CA ARG C 353 -44.62 1.35 -23.84
C ARG C 353 -45.74 2.36 -23.70
N TYR C 354 -46.34 2.78 -24.81
CA TYR C 354 -47.39 3.78 -24.80
C TYR C 354 -48.63 3.35 -24.02
N HIS C 355 -49.11 2.13 -24.19
CA HIS C 355 -50.33 1.72 -23.50
C HIS C 355 -50.11 1.37 -22.04
N GLU C 356 -48.99 0.74 -21.67
CA GLU C 356 -48.67 0.53 -20.26
C GLU C 356 -48.58 1.85 -19.49
N ALA C 357 -47.99 2.90 -20.06
CA ALA C 357 -47.94 4.20 -19.41
C ALA C 357 -49.32 4.82 -19.18
N TRP C 358 -50.24 4.68 -20.13
CA TRP C 358 -51.60 5.22 -20.00
C TRP C 358 -52.50 4.37 -19.12
N GLN C 359 -52.30 3.05 -19.02
CA GLN C 359 -52.92 2.23 -17.98
C GLN C 359 -52.51 2.74 -16.59
N LYS C 360 -51.21 2.96 -16.37
CA LYS C 360 -50.69 3.51 -15.10
C LYS C 360 -51.27 4.90 -14.81
N LEU C 361 -51.32 5.80 -15.77
CA LEU C 361 -51.81 7.16 -15.56
C LEU C 361 -53.31 7.22 -15.29
N CYS C 362 -54.10 6.36 -15.92
CA CYS C 362 -55.55 6.36 -15.73
C CYS C 362 -55.97 5.70 -14.42
N SER C 363 -55.32 4.60 -14.03
CA SER C 363 -55.58 3.91 -12.75
C SER C 363 -55.12 4.68 -11.51
N ALA C 364 -54.26 5.68 -11.67
CA ALA C 364 -53.80 6.56 -10.60
C ALA C 364 -54.93 7.42 -10.02
N HIS C 365 -54.94 7.61 -8.70
CA HIS C 365 -55.97 8.38 -8.00
C HIS C 365 -55.72 9.88 -8.07
N GLY C 366 -54.47 10.31 -8.24
CA GLY C 366 -54.05 11.67 -8.58
C GLY C 366 -52.74 11.65 -9.37
N VAL C 367 -52.31 12.78 -9.93
CA VAL C 367 -51.07 12.88 -10.71
C VAL C 367 -50.19 14.02 -10.20
N LEU C 368 -48.89 13.76 -10.19
CA LEU C 368 -47.85 14.68 -9.78
C LEU C 368 -46.90 14.86 -10.96
N VAL C 369 -46.79 16.08 -11.46
CA VAL C 369 -45.77 16.46 -12.45
C VAL C 369 -44.64 17.19 -11.72
N PRO C 370 -43.49 16.55 -11.50
CA PRO C 370 -42.39 17.11 -10.75
C PRO C 370 -41.57 18.11 -11.57
N GLY C 371 -40.63 18.82 -10.96
CA GLY C 371 -39.70 19.69 -11.68
C GLY C 371 -38.74 18.95 -12.61
N GLY C 372 -37.99 19.70 -13.42
CA GLY C 372 -36.93 19.19 -14.28
C GLY C 372 -36.46 20.22 -15.31
N PHE C 373 -35.56 19.83 -16.21
CA PHE C 373 -34.98 20.67 -17.27
C PHE C 373 -34.93 19.97 -18.62
N GLY C 374 -34.98 20.75 -19.71
CA GLY C 374 -34.87 20.25 -21.08
C GLY C 374 -36.18 19.80 -21.72
N VAL C 375 -36.24 19.75 -23.05
CA VAL C 375 -37.47 19.48 -23.81
C VAL C 375 -37.98 18.06 -23.58
N ARG C 376 -37.06 17.09 -23.50
CA ARG C 376 -37.33 15.65 -23.58
C ARG C 376 -38.45 15.22 -22.63
N GLY C 377 -39.55 14.69 -23.16
CA GLY C 377 -40.70 14.26 -22.36
C GLY C 377 -41.66 15.37 -21.91
N THR C 378 -41.41 16.65 -22.17
CA THR C 378 -42.33 17.76 -21.84
C THR C 378 -43.70 17.63 -22.51
N GLU C 379 -43.77 17.12 -23.73
CA GLU C 379 -45.06 16.93 -24.39
C GLU C 379 -45.87 15.80 -23.73
N GLY C 380 -45.20 14.81 -23.14
CA GLY C 380 -45.82 13.79 -22.29
C GLY C 380 -46.30 14.33 -20.95
N LYS C 381 -45.59 15.31 -20.36
CA LYS C 381 -46.06 16.04 -19.19
C LYS C 381 -47.31 16.82 -19.55
N ILE C 382 -47.32 17.55 -20.68
CA ILE C 382 -48.46 18.35 -21.14
C ILE C 382 -49.69 17.46 -21.37
N GLN C 383 -49.53 16.28 -21.97
CA GLN C 383 -50.63 15.34 -22.11
C GLN C 383 -51.10 14.72 -20.79
N ALA C 384 -50.21 14.46 -19.82
CA ALA C 384 -50.58 14.02 -18.49
C ALA C 384 -51.37 15.10 -17.72
N ILE C 385 -51.02 16.37 -17.85
CA ILE C 385 -51.77 17.50 -17.29
C ILE C 385 -53.12 17.68 -17.96
N ALA C 386 -53.21 17.49 -19.29
CA ALA C 386 -54.47 17.55 -20.00
C ALA C 386 -55.46 16.51 -19.48
N TRP C 387 -55.01 15.26 -19.31
CA TRP C 387 -55.76 14.21 -18.63
C TRP C 387 -56.21 14.67 -17.25
N ALA C 388 -55.31 15.18 -16.43
CA ALA C 388 -55.67 15.57 -15.07
C ALA C 388 -56.64 16.75 -14.99
N ARG C 389 -56.58 17.75 -15.89
CA ARG C 389 -57.60 18.80 -15.95
C ARG C 389 -58.97 18.21 -16.28
N ASN C 390 -59.07 17.55 -17.44
CA ASN C 390 -60.38 17.34 -18.06
C ASN C 390 -61.14 16.16 -17.45
N GLN C 391 -60.41 15.19 -16.87
CA GLN C 391 -60.96 14.07 -16.09
C GLN C 391 -60.97 14.31 -14.58
N LYS C 392 -60.75 15.57 -14.16
CA LYS C 392 -60.90 16.03 -12.77
C LYS C 392 -60.08 15.24 -11.75
N LYS C 393 -58.94 14.67 -12.18
CA LYS C 393 -57.97 13.98 -11.33
C LYS C 393 -57.20 15.04 -10.53
N PRO C 394 -57.06 14.88 -9.20
CA PRO C 394 -56.21 15.75 -8.40
C PRO C 394 -54.81 15.85 -8.99
N PHE C 395 -54.35 17.08 -9.21
CA PHE C 395 -53.11 17.42 -9.86
C PHE C 395 -52.21 18.27 -8.98
N LEU C 396 -50.94 17.90 -8.88
CA LEU C 396 -49.90 18.80 -8.42
C LEU C 396 -48.82 18.95 -9.48
N GLY C 397 -48.57 20.17 -9.92
CA GLY C 397 -47.44 20.55 -10.74
C GLY C 397 -46.40 21.25 -9.89
N VAL C 398 -45.18 20.75 -9.90
CA VAL C 398 -44.07 21.31 -9.14
C VAL C 398 -43.07 21.92 -10.10
N CYS C 399 -42.75 23.20 -9.91
CA CYS C 399 -41.85 24.00 -10.73
C CYS C 399 -42.18 23.94 -12.23
N LEU C 400 -41.58 23.01 -12.96
CA LEU C 400 -41.92 22.76 -14.36
C LEU C 400 -43.38 22.32 -14.54
N GLY C 401 -43.93 21.55 -13.60
CA GLY C 401 -45.34 21.21 -13.63
C GLY C 401 -46.28 22.42 -13.59
N MET C 402 -45.93 23.52 -12.93
CA MET C 402 -46.71 24.76 -12.99
C MET C 402 -46.60 25.42 -14.37
N GLN C 403 -45.39 25.51 -14.89
CA GLN C 403 -45.12 26.14 -16.18
C GLN C 403 -45.88 25.42 -17.29
N LEU C 404 -45.85 24.09 -17.28
CA LEU C 404 -46.58 23.26 -18.23
C LEU C 404 -48.08 23.19 -17.95
N ALA C 405 -48.57 23.44 -16.73
CA ALA C 405 -49.99 23.61 -16.47
C ALA C 405 -50.55 24.93 -17.05
N VAL C 406 -49.71 25.97 -17.12
CA VAL C 406 -50.01 27.23 -17.86
C VAL C 406 -49.88 27.04 -19.37
N VAL C 407 -48.94 26.24 -19.87
CA VAL C 407 -48.91 25.86 -21.30
C VAL C 407 -50.14 25.05 -21.69
N GLU C 408 -50.57 24.07 -20.92
CA GLU C 408 -51.71 23.21 -21.24
C GLU C 408 -53.03 23.99 -21.20
N PHE C 409 -53.27 24.79 -20.18
CA PHE C 409 -54.43 25.68 -20.13
C PHE C 409 -54.43 26.70 -21.30
N SER C 410 -53.26 27.20 -21.68
CA SER C 410 -53.10 28.03 -22.88
C SER C 410 -53.45 27.28 -24.17
N ARG C 411 -52.96 26.07 -24.37
CA ARG C 411 -53.22 25.29 -25.59
C ARG C 411 -54.68 24.89 -25.71
N ASN C 412 -55.26 24.30 -24.67
CA ASN C 412 -56.53 23.57 -24.79
C ASN C 412 -57.73 24.23 -24.11
N VAL C 413 -57.54 25.31 -23.34
CA VAL C 413 -58.63 26.18 -22.90
C VAL C 413 -58.63 27.50 -23.67
N LEU C 414 -57.50 28.20 -23.75
CA LEU C 414 -57.43 29.47 -24.49
C LEU C 414 -57.31 29.30 -26.01
N GLY C 415 -56.92 28.13 -26.48
CA GLY C 415 -56.82 27.82 -27.92
C GLY C 415 -55.56 28.34 -28.61
N TRP C 416 -54.60 28.87 -27.84
CA TRP C 416 -53.25 29.24 -28.26
C TRP C 416 -52.41 27.98 -28.47
N GLN C 417 -52.80 27.15 -29.44
CA GLN C 417 -52.28 25.79 -29.66
C GLN C 417 -50.76 25.71 -29.88
N ASP C 418 -50.14 26.83 -30.30
CA ASP C 418 -48.70 27.01 -30.45
C ASP C 418 -47.95 27.03 -29.10
N ALA C 419 -48.61 27.41 -28.00
CA ALA C 419 -47.97 27.86 -26.76
C ALA C 419 -46.93 26.87 -26.22
N ASN C 420 -45.83 27.44 -25.74
CA ASN C 420 -44.78 26.76 -25.02
C ASN C 420 -43.99 27.77 -24.19
N SER C 421 -43.00 27.27 -23.45
CA SER C 421 -41.96 28.12 -22.86
C SER C 421 -40.89 28.52 -23.88
N THR C 422 -40.18 29.59 -23.56
CA THR C 422 -38.98 30.09 -24.23
C THR C 422 -37.75 29.19 -24.00
N GLU C 423 -37.82 28.22 -23.08
CA GLU C 423 -36.81 27.18 -22.89
C GLU C 423 -36.80 26.19 -24.05
N PHE C 424 -37.99 25.79 -24.50
CA PHE C 424 -38.17 24.74 -25.49
C PHE C 424 -38.41 25.30 -26.90
N ASP C 425 -39.31 26.28 -27.04
CA ASP C 425 -39.73 26.84 -28.33
C ASP C 425 -39.70 28.38 -28.28
N PRO C 426 -38.51 29.01 -28.33
CA PRO C 426 -38.41 30.49 -28.30
C PRO C 426 -39.05 31.23 -29.50
N THR C 427 -39.33 30.51 -30.58
CA THR C 427 -39.95 30.97 -31.80
C THR C 427 -41.49 31.14 -31.70
N THR C 428 -42.09 30.70 -30.59
CA THR C 428 -43.54 30.66 -30.37
C THR C 428 -44.17 32.07 -30.28
N SER C 429 -45.37 32.24 -30.85
CA SER C 429 -46.11 33.51 -30.85
C SER C 429 -46.79 33.80 -29.49
N HIS C 430 -47.00 32.74 -28.67
CA HIS C 430 -47.48 32.80 -27.30
C HIS C 430 -46.42 32.21 -26.36
N PRO C 431 -45.33 32.97 -26.04
CA PRO C 431 -44.38 32.56 -25.01
C PRO C 431 -44.98 32.82 -23.62
N VAL C 432 -45.85 31.90 -23.17
CA VAL C 432 -46.69 32.04 -21.96
C VAL C 432 -45.91 31.85 -20.66
N VAL C 433 -44.76 31.21 -20.74
CA VAL C 433 -43.75 31.15 -19.69
C VAL C 433 -42.41 31.52 -20.31
N VAL C 434 -41.74 32.49 -19.71
CA VAL C 434 -40.59 33.19 -20.25
C VAL C 434 -39.40 33.09 -19.28
N ASP C 435 -38.19 33.11 -19.85
CA ASP C 435 -36.91 33.26 -19.16
C ASP C 435 -36.92 34.62 -18.43
N MET C 436 -36.87 34.57 -17.11
CA MET C 436 -37.04 35.72 -16.22
C MET C 436 -36.02 35.58 -15.08
N PRO C 437 -34.74 35.89 -15.34
CA PRO C 437 -33.69 35.72 -14.33
C PRO C 437 -33.81 36.74 -13.18
N GLU C 438 -33.19 36.42 -12.05
CA GLU C 438 -33.05 37.36 -10.96
C GLU C 438 -32.06 38.48 -11.34
N HIS C 439 -32.60 39.69 -11.45
CA HIS C 439 -31.91 40.95 -11.68
C HIS C 439 -31.17 41.42 -10.41
N THR C 447 -29.30 35.69 -12.92
CA THR C 447 -29.12 34.35 -12.37
C THR C 447 -30.48 33.65 -12.17
N MET C 448 -30.42 32.36 -11.78
CA MET C 448 -31.56 31.52 -11.43
C MET C 448 -32.24 32.01 -10.15
N ARG C 449 -33.56 31.90 -10.06
CA ARG C 449 -34.32 32.07 -8.83
C ARG C 449 -34.13 30.80 -7.99
N LEU C 450 -33.19 30.89 -7.06
CA LEU C 450 -32.53 29.77 -6.44
C LEU C 450 -32.40 30.02 -4.95
N GLY C 451 -32.98 29.12 -4.14
CA GLY C 451 -32.97 29.19 -2.69
C GLY C 451 -34.32 29.69 -2.18
N LYS C 452 -34.33 30.04 -0.88
CA LYS C 452 -35.49 30.52 -0.15
C LYS C 452 -35.91 31.91 -0.61
N ARG C 453 -37.11 32.01 -1.21
CA ARG C 453 -37.78 33.26 -1.48
C ARG C 453 -39.11 33.26 -0.72
N ARG C 454 -39.62 34.46 -0.43
CA ARG C 454 -40.94 34.66 0.16
C ARG C 454 -41.98 34.83 -0.95
N THR C 455 -43.04 34.05 -0.85
CA THR C 455 -44.24 34.14 -1.66
C THR C 455 -45.34 34.78 -0.80
N LEU C 456 -46.09 35.73 -1.36
CA LEU C 456 -47.26 36.33 -0.75
C LEU C 456 -48.50 35.67 -1.36
N PHE C 457 -49.48 35.36 -0.51
CA PHE C 457 -50.83 35.00 -0.97
C PHE C 457 -51.60 36.29 -1.27
N GLN C 458 -52.04 36.44 -2.51
CA GLN C 458 -52.73 37.64 -2.98
C GLN C 458 -54.23 37.67 -2.61
N THR C 459 -54.71 36.70 -1.84
CA THR C 459 -56.13 36.53 -1.53
C THR C 459 -56.28 35.58 -0.32
N LYS C 460 -57.54 35.43 0.14
CA LYS C 460 -58.01 34.35 0.99
C LYS C 460 -58.58 33.17 0.18
N ASN C 461 -59.03 33.39 -1.08
CA ASN C 461 -59.67 32.32 -1.87
C ASN C 461 -58.62 31.39 -2.50
N SER C 462 -58.11 30.47 -1.67
CA SER C 462 -57.12 29.49 -2.04
C SER C 462 -57.23 28.31 -1.07
N VAL C 463 -57.35 27.09 -1.60
CA VAL C 463 -57.22 25.86 -0.80
C VAL C 463 -55.77 25.70 -0.30
N MET C 464 -54.80 26.16 -1.10
CA MET C 464 -53.40 26.16 -0.76
C MET C 464 -53.09 27.05 0.45
N ARG C 465 -53.70 28.23 0.52
CA ARG C 465 -53.60 29.08 1.70
C ARG C 465 -54.14 28.41 2.98
N LYS C 466 -55.25 27.68 2.86
CA LYS C 466 -55.83 26.93 3.98
C LYS C 466 -54.91 25.78 4.45
N LEU C 467 -54.31 25.06 3.50
CA LEU C 467 -53.31 24.01 3.77
C LEU C 467 -52.03 24.59 4.41
N TYR C 468 -51.60 25.78 3.97
CA TYR C 468 -50.53 26.58 4.59
C TYR C 468 -50.98 27.35 5.86
N GLY C 469 -52.10 26.95 6.50
CA GLY C 469 -52.47 27.39 7.84
C GLY C 469 -53.09 28.80 7.87
N ASP C 470 -53.50 29.35 6.72
CA ASP C 470 -54.11 30.66 6.53
C ASP C 470 -53.13 31.83 6.76
N ALA C 471 -51.83 31.55 6.66
CA ALA C 471 -50.78 32.56 6.61
C ALA C 471 -50.89 33.41 5.33
N ASP C 472 -50.52 34.69 5.46
CA ASP C 472 -50.52 35.67 4.36
C ASP C 472 -49.32 35.51 3.42
N TYR C 473 -48.26 34.87 3.90
CA TYR C 473 -47.08 34.54 3.14
C TYR C 473 -46.61 33.13 3.52
N LEU C 474 -45.70 32.61 2.70
CA LEU C 474 -44.91 31.42 2.97
C LEU C 474 -43.51 31.69 2.40
N GLU C 475 -42.53 30.91 2.85
CA GLU C 475 -41.16 30.99 2.37
C GLU C 475 -40.75 29.58 1.97
N GLU C 476 -40.37 29.41 0.70
CA GLU C 476 -40.10 28.12 0.09
C GLU C 476 -38.89 28.19 -0.83
N ARG C 477 -38.25 27.02 -1.02
CA ARG C 477 -37.03 26.88 -1.80
C ARG C 477 -37.36 26.70 -3.29
N HIS C 478 -36.88 27.65 -4.07
CA HIS C 478 -37.05 27.77 -5.51
C HIS C 478 -35.76 27.28 -6.21
N ARG C 479 -35.82 26.89 -7.48
CA ARG C 479 -34.69 26.55 -8.36
C ARG C 479 -35.16 26.54 -9.82
N HIS C 480 -35.37 27.71 -10.41
CA HIS C 480 -35.86 27.84 -11.77
C HIS C 480 -35.43 29.15 -12.43
N ARG C 481 -35.37 29.16 -13.76
CA ARG C 481 -35.01 30.33 -14.57
C ARG C 481 -36.20 30.99 -15.27
N PHE C 482 -37.34 30.29 -15.37
CA PHE C 482 -38.50 30.65 -16.19
C PHE C 482 -39.73 30.90 -15.32
N GLU C 483 -40.64 31.74 -15.78
CA GLU C 483 -41.83 32.22 -15.05
C GLU C 483 -42.99 32.50 -16.00
N VAL C 484 -44.22 32.48 -15.49
CA VAL C 484 -45.40 32.93 -16.22
C VAL C 484 -45.22 34.36 -16.73
N ASN C 485 -45.45 34.57 -18.02
CA ASN C 485 -45.45 35.86 -18.68
C ASN C 485 -46.59 36.77 -18.13
N PRO C 486 -46.27 37.95 -17.59
CA PRO C 486 -47.27 38.89 -17.03
C PRO C 486 -48.20 39.56 -18.07
N VAL C 487 -47.85 39.50 -19.37
CA VAL C 487 -48.73 39.97 -20.44
C VAL C 487 -49.91 38.99 -20.59
N TRP C 488 -49.58 37.72 -20.89
CA TRP C 488 -50.55 36.65 -21.13
C TRP C 488 -51.37 36.28 -19.88
N LYS C 489 -50.83 36.55 -18.68
CA LYS C 489 -51.49 36.41 -17.37
C LYS C 489 -52.92 36.98 -17.33
N LYS C 490 -53.13 38.12 -18.01
CA LYS C 490 -54.40 38.81 -18.11
C LYS C 490 -55.50 37.98 -18.81
N CYS C 491 -55.12 37.08 -19.70
CA CYS C 491 -56.01 36.18 -20.42
C CYS C 491 -56.13 34.82 -19.70
N LEU C 492 -55.05 34.39 -19.05
CA LEU C 492 -54.99 33.16 -18.26
C LEU C 492 -55.89 33.23 -17.02
N LEU C 497 -57.57 30.31 -14.27
CA LEU C 497 -56.23 29.91 -13.86
C LEU C 497 -55.71 31.00 -12.88
N LYS C 498 -56.15 30.90 -11.62
CA LYS C 498 -56.01 31.94 -10.62
C LYS C 498 -54.63 31.84 -9.94
N PHE C 499 -53.78 32.84 -10.20
CA PHE C 499 -52.44 32.93 -9.64
C PHE C 499 -52.48 33.44 -8.19
N VAL C 500 -52.91 32.57 -7.27
CA VAL C 500 -53.10 32.85 -5.85
C VAL C 500 -51.83 33.20 -5.05
N GLY C 501 -50.66 32.76 -5.49
CA GLY C 501 -49.38 33.06 -4.86
C GLY C 501 -48.51 33.83 -5.83
N GLN C 502 -47.94 34.93 -5.37
CA GLN C 502 -47.07 35.83 -6.13
C GLN C 502 -45.83 36.10 -5.29
N ASP C 503 -44.73 36.57 -5.90
CA ASP C 503 -43.59 37.10 -5.15
C ASP C 503 -43.95 38.47 -4.54
N VAL C 504 -43.08 38.94 -3.64
CA VAL C 504 -43.17 40.24 -2.99
C VAL C 504 -43.17 41.44 -3.96
N GLU C 505 -42.53 41.31 -5.13
CA GLU C 505 -42.53 42.34 -6.17
C GLU C 505 -43.82 42.36 -7.01
N GLY C 506 -44.59 41.26 -7.03
CA GLY C 506 -45.74 41.05 -7.90
C GLY C 506 -45.33 40.73 -9.36
N GLU C 507 -44.02 40.65 -9.63
CA GLU C 507 -43.41 40.36 -10.92
C GLU C 507 -43.63 38.90 -11.36
N ARG C 508 -43.65 38.00 -10.38
CA ARG C 508 -43.53 36.56 -10.56
C ARG C 508 -44.71 35.88 -9.91
N MET C 509 -45.35 35.00 -10.68
CA MET C 509 -46.41 34.12 -10.19
C MET C 509 -45.77 32.86 -9.63
N GLU C 510 -46.17 32.44 -8.44
CA GLU C 510 -45.49 31.38 -7.69
C GLU C 510 -46.44 30.28 -7.16
N ILE C 511 -47.74 30.54 -7.07
CA ILE C 511 -48.76 29.49 -7.00
C ILE C 511 -49.87 29.81 -7.99
N VAL C 512 -50.29 28.83 -8.79
CA VAL C 512 -51.51 28.85 -9.59
C VAL C 512 -52.46 27.76 -9.10
N GLU C 513 -53.73 28.09 -9.01
CA GLU C 513 -54.79 27.21 -8.58
C GLU C 513 -55.92 27.38 -9.60
N LEU C 514 -56.41 26.30 -10.21
CA LEU C 514 -57.51 26.34 -11.18
C LEU C 514 -58.88 26.30 -10.48
N GLU C 515 -59.75 27.25 -10.80
CA GLU C 515 -61.18 27.21 -10.42
C GLU C 515 -61.95 26.09 -11.13
N ASP C 516 -63.04 25.62 -10.53
CA ASP C 516 -63.91 24.56 -11.06
C ASP C 516 -63.19 23.21 -11.30
N HIS C 517 -62.27 22.85 -10.40
CA HIS C 517 -61.62 21.53 -10.31
C HIS C 517 -61.45 21.13 -8.82
N PRO C 518 -61.55 19.83 -8.43
CA PRO C 518 -61.30 19.35 -7.07
C PRO C 518 -60.03 19.85 -6.39
N PHE C 519 -58.89 19.73 -7.08
CA PHE C 519 -57.57 20.19 -6.65
C PHE C 519 -56.67 20.15 -7.89
N PHE C 520 -56.29 21.30 -8.42
CA PHE C 520 -55.38 21.43 -9.56
C PHE C 520 -54.47 22.61 -9.30
N VAL C 521 -53.25 22.32 -8.86
CA VAL C 521 -52.31 23.30 -8.32
C VAL C 521 -50.99 23.22 -9.09
N GLY C 522 -50.45 24.38 -9.45
CA GLY C 522 -49.05 24.53 -9.79
C GLY C 522 -48.34 25.38 -8.76
N VAL C 523 -47.24 24.91 -8.18
CA VAL C 523 -46.32 25.70 -7.34
C VAL C 523 -45.01 25.92 -8.09
N GLN C 524 -44.45 27.12 -8.08
CA GLN C 524 -43.21 27.41 -8.79
C GLN C 524 -41.94 27.01 -8.00
N TYR C 525 -42.07 26.76 -6.70
CA TYR C 525 -41.03 26.27 -5.81
C TYR C 525 -41.02 24.74 -5.69
N HIS C 526 -40.15 24.19 -4.85
CA HIS C 526 -40.05 22.77 -4.50
C HIS C 526 -40.54 22.54 -3.06
N PRO C 527 -41.80 22.13 -2.82
CA PRO C 527 -42.31 21.92 -1.47
C PRO C 527 -41.59 20.80 -0.72
N GLU C 528 -41.10 19.79 -1.43
CA GLU C 528 -40.58 18.56 -0.87
C GLU C 528 -39.35 18.75 0.01
N PHE C 529 -38.51 19.75 -0.28
CA PHE C 529 -37.29 20.06 0.46
C PHE C 529 -37.52 20.48 1.91
N LEU C 530 -38.75 20.89 2.23
CA LEU C 530 -39.18 21.28 3.57
C LEU C 530 -40.14 20.26 4.20
N SER C 531 -40.37 19.10 3.55
CA SER C 531 -41.17 18.03 4.14
C SER C 531 -40.36 17.27 5.19
N ARG C 532 -40.99 17.02 6.34
CA ARG C 532 -40.46 16.21 7.43
C ARG C 532 -41.54 15.16 7.76
N PRO C 533 -41.20 13.99 8.31
CA PRO C 533 -42.21 12.99 8.72
C PRO C 533 -43.33 13.52 9.64
N ILE C 534 -42.93 14.38 10.57
CA ILE C 534 -43.78 15.09 11.50
C ILE C 534 -44.59 16.27 10.90
N LYS C 535 -44.31 16.66 9.64
CA LYS C 535 -44.94 17.79 8.96
C LYS C 535 -44.73 17.65 7.44
N PRO C 536 -45.61 16.91 6.72
CA PRO C 536 -45.60 16.90 5.25
C PRO C 536 -45.87 18.28 4.65
N SER C 537 -45.22 18.61 3.52
CA SER C 537 -45.51 19.87 2.84
C SER C 537 -46.96 19.90 2.30
N PRO C 538 -47.70 21.00 2.58
CA PRO C 538 -49.12 21.09 2.28
C PRO C 538 -49.62 20.77 0.86
N PRO C 539 -48.93 21.07 -0.26
CA PRO C 539 -49.43 20.66 -1.57
C PRO C 539 -49.34 19.15 -1.79
N TYR C 540 -48.32 18.48 -1.28
CA TYR C 540 -48.23 17.01 -1.32
C TYR C 540 -49.27 16.37 -0.41
N PHE C 541 -49.55 17.00 0.71
CA PHE C 541 -50.60 16.56 1.63
C PHE C 541 -52.00 16.76 1.05
N GLY C 542 -52.25 17.90 0.43
CA GLY C 542 -53.46 18.25 -0.30
C GLY C 542 -53.72 17.34 -1.47
N LEU C 543 -52.69 16.95 -2.22
CA LEU C 543 -52.78 15.96 -3.30
C LEU C 543 -53.21 14.59 -2.78
N LEU C 544 -52.59 14.10 -1.71
CA LEU C 544 -52.91 12.85 -1.02
C LEU C 544 -54.32 12.87 -0.42
N LEU C 545 -54.69 13.96 0.24
CA LEU C 545 -56.03 14.18 0.77
C LEU C 545 -57.11 14.20 -0.33
N ALA C 546 -56.86 14.91 -1.42
CA ALA C 546 -57.78 15.05 -2.55
C ALA C 546 -57.97 13.73 -3.30
N SER C 547 -56.89 13.02 -3.59
CA SER C 547 -56.93 11.73 -4.27
C SER C 547 -57.52 10.58 -3.44
N VAL C 548 -57.81 10.78 -2.16
CA VAL C 548 -58.66 9.89 -1.35
C VAL C 548 -59.99 10.52 -0.91
N GLY C 549 -60.33 11.70 -1.44
CA GLY C 549 -61.57 12.43 -1.17
C GLY C 549 -61.70 13.05 0.22
N ARG C 550 -60.63 13.16 1.00
CA ARG C 550 -60.64 13.61 2.40
C ARG C 550 -60.38 15.12 2.54
N LEU C 551 -59.95 15.79 1.46
CA LEU C 551 -59.59 17.22 1.44
C LEU C 551 -60.74 18.14 1.85
N SER C 552 -61.93 17.87 1.31
CA SER C 552 -63.17 18.60 1.60
C SER C 552 -63.68 18.41 3.04
N HIS C 553 -63.21 17.35 3.72
CA HIS C 553 -63.43 17.16 5.15
C HIS C 553 -62.36 17.92 5.95
N TYR C 554 -61.10 17.85 5.51
CA TYR C 554 -59.96 18.53 6.13
C TYR C 554 -60.12 20.06 6.15
N LEU C 555 -60.49 20.65 5.01
CA LEU C 555 -60.74 22.09 4.86
C LEU C 555 -62.00 22.55 5.60
N GLN C 556 -62.95 21.64 5.84
CA GLN C 556 -64.19 21.89 6.55
C GLN C 556 -63.99 21.88 8.08
N MET D 1 4.88 -25.36 -22.67
CA MET D 1 3.96 -25.43 -21.53
C MET D 1 3.40 -24.03 -21.18
N LYS D 2 2.08 -23.86 -21.32
CA LYS D 2 1.39 -22.61 -21.07
C LYS D 2 0.80 -22.59 -19.65
N TYR D 3 0.68 -21.41 -19.05
CA TYR D 3 0.18 -21.24 -17.70
C TYR D 3 -0.97 -20.23 -17.71
N ILE D 4 -2.02 -20.53 -16.96
CA ILE D 4 -3.11 -19.62 -16.68
C ILE D 4 -3.22 -19.53 -15.14
N LEU D 5 -2.98 -18.35 -14.58
CA LEU D 5 -3.18 -18.10 -13.16
C LEU D 5 -4.58 -17.50 -12.95
N VAL D 6 -5.43 -18.25 -12.25
CA VAL D 6 -6.71 -17.79 -11.79
C VAL D 6 -6.53 -17.23 -10.36
N THR D 7 -6.90 -15.97 -10.16
CA THR D 7 -6.79 -15.22 -8.92
C THR D 7 -8.19 -14.79 -8.47
N GLY D 8 -8.40 -14.67 -7.16
CA GLY D 8 -9.68 -14.31 -6.57
C GLY D 8 -9.61 -12.91 -6.00
N GLY D 9 -10.69 -12.16 -6.22
CA GLY D 9 -10.77 -10.75 -5.88
C GLY D 9 -11.38 -10.56 -4.50
N VAL D 10 -12.63 -10.10 -4.48
CA VAL D 10 -13.31 -9.51 -3.32
C VAL D 10 -13.53 -10.48 -2.14
N ILE D 11 -13.87 -11.72 -2.48
CA ILE D 11 -14.19 -12.79 -1.54
C ILE D 11 -13.80 -14.13 -2.19
N SER D 12 -13.71 -15.16 -1.36
CA SER D 12 -13.69 -16.56 -1.76
C SER D 12 -15.14 -17.07 -1.92
N GLY D 13 -15.31 -18.31 -2.39
CA GLY D 13 -16.63 -18.97 -2.48
C GLY D 13 -17.41 -18.59 -3.75
N ILE D 14 -17.00 -17.53 -4.45
CA ILE D 14 -17.59 -17.00 -5.68
C ILE D 14 -17.28 -17.81 -6.96
N GLY D 15 -17.16 -19.13 -6.81
CA GLY D 15 -17.14 -20.06 -7.93
C GLY D 15 -15.82 -20.10 -8.68
N LYS D 16 -14.75 -19.52 -8.14
CA LYS D 16 -13.40 -19.45 -8.72
C LYS D 16 -12.83 -20.81 -9.13
N GLY D 17 -13.08 -21.84 -8.31
CA GLY D 17 -12.65 -23.21 -8.58
C GLY D 17 -13.47 -23.86 -9.68
N ILE D 18 -14.74 -23.46 -9.84
CA ILE D 18 -15.58 -23.89 -10.94
C ILE D 18 -15.15 -23.20 -12.25
N ILE D 19 -14.82 -21.90 -12.19
CA ILE D 19 -14.25 -21.15 -13.29
C ILE D 19 -12.92 -21.74 -13.79
N ALA D 20 -12.00 -22.05 -12.86
CA ALA D 20 -10.74 -22.72 -13.15
C ALA D 20 -10.93 -24.08 -13.84
N SER D 21 -11.85 -24.89 -13.29
CA SER D 21 -12.21 -26.18 -13.84
C SER D 21 -12.90 -26.07 -15.21
N SER D 22 -13.74 -25.03 -15.39
CA SER D 22 -14.43 -24.72 -16.64
C SER D 22 -13.46 -24.27 -17.74
N VAL D 23 -12.49 -23.41 -17.39
CA VAL D 23 -11.38 -23.01 -18.26
C VAL D 23 -10.55 -24.23 -18.70
N GLY D 24 -10.29 -25.15 -17.76
CA GLY D 24 -9.62 -26.41 -18.02
C GLY D 24 -10.40 -27.31 -18.99
N THR D 25 -11.72 -27.48 -18.79
CA THR D 25 -12.53 -28.36 -19.64
C THR D 25 -12.76 -27.77 -21.06
N ILE D 26 -12.81 -26.43 -21.14
CA ILE D 26 -12.79 -25.66 -22.39
C ILE D 26 -11.52 -25.93 -23.22
N LEU D 27 -10.35 -25.83 -22.57
CA LEU D 27 -9.06 -26.09 -23.21
C LEU D 27 -8.89 -27.57 -23.57
N LYS D 28 -9.43 -28.48 -22.74
CA LYS D 28 -9.47 -29.91 -23.04
C LYS D 28 -10.42 -30.23 -24.22
N SER D 29 -11.51 -29.47 -24.36
CA SER D 29 -12.39 -29.51 -25.53
C SER D 29 -11.73 -28.96 -26.81
N CYS D 30 -10.70 -28.11 -26.65
CA CYS D 30 -9.81 -27.69 -27.74
C CYS D 30 -8.78 -28.76 -28.11
N GLY D 31 -8.79 -29.92 -27.43
CA GLY D 31 -7.92 -31.06 -27.71
C GLY D 31 -6.58 -30.96 -26.98
N LEU D 32 -6.42 -30.01 -26.05
CA LEU D 32 -5.19 -29.86 -25.27
C LEU D 32 -5.19 -30.86 -24.10
N HIS D 33 -4.02 -31.41 -23.80
CA HIS D 33 -3.73 -32.04 -22.52
C HIS D 33 -3.53 -30.95 -21.48
N VAL D 34 -4.29 -31.03 -20.39
CA VAL D 34 -4.38 -29.98 -19.40
C VAL D 34 -4.17 -30.62 -18.04
N THR D 35 -3.34 -29.96 -17.22
CA THR D 35 -3.13 -30.27 -15.82
C THR D 35 -3.61 -29.05 -15.01
N SER D 36 -3.62 -29.18 -13.68
CA SER D 36 -4.05 -28.13 -12.78
C SER D 36 -3.26 -28.20 -11.49
N ILE D 37 -3.09 -27.04 -10.87
CA ILE D 37 -2.48 -26.87 -9.57
C ILE D 37 -3.40 -25.96 -8.75
N LYS D 38 -3.73 -26.38 -7.53
CA LYS D 38 -4.36 -25.52 -6.56
C LYS D 38 -3.25 -25.06 -5.62
N ILE D 39 -3.15 -23.75 -5.43
CA ILE D 39 -2.41 -23.20 -4.32
C ILE D 39 -3.44 -22.82 -3.25
N ASP D 40 -3.26 -23.40 -2.06
CA ASP D 40 -3.94 -23.00 -0.85
C ASP D 40 -2.95 -22.25 0.03
N PRO D 41 -3.06 -20.91 0.14
CA PRO D 41 -2.30 -20.13 1.14
C PRO D 41 -2.73 -20.44 2.58
N TYR D 42 -2.33 -21.60 3.09
CA TYR D 42 -2.40 -21.99 4.49
C TYR D 42 -1.13 -22.77 4.82
N ILE D 43 -0.81 -22.86 6.11
CA ILE D 43 0.44 -23.39 6.63
C ILE D 43 0.37 -24.93 6.79
N ASN D 44 -0.82 -25.49 6.61
CA ASN D 44 -1.11 -26.91 6.68
C ASN D 44 -0.43 -27.66 5.53
N ILE D 45 0.34 -28.70 5.85
CA ILE D 45 0.77 -29.70 4.91
C ILE D 45 -0.34 -30.75 4.85
N ASP D 46 -1.10 -30.70 3.76
CA ASP D 46 -2.24 -31.57 3.45
C ASP D 46 -3.48 -31.21 4.27
N ALA D 47 -4.65 -31.53 3.70
CA ALA D 47 -5.96 -31.21 4.27
C ALA D 47 -6.46 -32.27 5.25
N GLY D 48 -5.70 -33.37 5.42
CA GLY D 48 -6.05 -34.54 6.22
C GLY D 48 -6.28 -34.26 7.70
N THR D 49 -5.82 -33.11 8.18
CA THR D 49 -5.95 -32.66 9.56
C THR D 49 -7.26 -31.85 9.80
N PHE D 50 -7.98 -31.47 8.73
CA PHE D 50 -9.11 -30.56 8.85
C PHE D 50 -10.39 -31.22 9.37
N SER D 51 -11.08 -30.50 10.26
CA SER D 51 -12.48 -30.71 10.59
C SER D 51 -13.32 -30.33 9.35
N PRO D 52 -14.16 -31.22 8.79
CA PRO D 52 -14.88 -31.01 7.53
C PRO D 52 -15.80 -29.78 7.42
N TYR D 53 -15.94 -28.96 8.45
CA TYR D 53 -16.63 -27.67 8.38
C TYR D 53 -15.77 -26.54 7.78
N GLU D 54 -14.43 -26.66 7.81
CA GLU D 54 -13.48 -25.72 7.24
C GLU D 54 -12.77 -26.48 6.11
N HIS D 55 -12.86 -25.95 4.88
CA HIS D 55 -12.35 -26.58 3.64
C HIS D 55 -12.93 -27.98 3.49
N GLY D 56 -14.27 -28.04 3.49
CA GLY D 56 -15.04 -29.25 3.71
C GLY D 56 -14.86 -30.25 2.57
N GLU D 57 -14.97 -31.54 2.91
CA GLU D 57 -14.74 -32.69 2.04
C GLU D 57 -13.26 -32.74 1.65
N VAL D 58 -12.44 -33.39 2.49
CA VAL D 58 -11.05 -33.65 2.14
C VAL D 58 -11.06 -34.76 1.09
N PHE D 59 -10.60 -34.41 -0.11
CA PHE D 59 -10.59 -35.25 -1.28
C PHE D 59 -9.32 -36.08 -1.24
N VAL D 60 -9.43 -37.37 -1.54
CA VAL D 60 -8.33 -38.31 -1.42
C VAL D 60 -7.91 -38.73 -2.82
N LEU D 61 -6.64 -38.48 -3.12
CA LEU D 61 -5.96 -38.83 -4.37
C LEU D 61 -5.47 -40.29 -4.34
N ASP D 62 -5.07 -40.82 -5.50
CA ASP D 62 -4.52 -42.17 -5.66
C ASP D 62 -3.34 -42.48 -4.73
N ASP D 63 -2.44 -41.50 -4.60
CA ASP D 63 -1.22 -41.57 -3.77
C ASP D 63 -1.49 -41.46 -2.26
N GLY D 64 -2.74 -41.17 -1.86
CA GLY D 64 -3.11 -41.02 -0.46
C GLY D 64 -3.04 -39.56 -0.02
N GLY D 65 -2.84 -38.61 -0.94
CA GLY D 65 -2.90 -37.19 -0.63
C GLY D 65 -4.33 -36.79 -0.29
N GLU D 66 -4.51 -36.27 0.92
CA GLU D 66 -5.74 -35.67 1.44
C GLU D 66 -5.66 -34.17 1.12
N VAL D 67 -6.45 -33.73 0.14
CA VAL D 67 -6.37 -32.40 -0.46
C VAL D 67 -7.75 -31.71 -0.46
N ASP D 68 -7.77 -30.43 -0.85
CA ASP D 68 -8.98 -29.60 -0.94
C ASP D 68 -9.94 -30.12 -2.03
N LEU D 69 -11.24 -29.87 -1.87
CA LEU D 69 -12.30 -30.32 -2.78
C LEU D 69 -12.14 -29.81 -4.23
N ASP D 70 -11.46 -28.67 -4.42
CA ASP D 70 -11.11 -28.12 -5.73
C ASP D 70 -10.26 -29.05 -6.60
N LEU D 71 -9.40 -29.87 -5.98
CA LEU D 71 -8.64 -30.92 -6.69
C LEU D 71 -9.57 -32.00 -7.24
N GLY D 72 -10.69 -32.23 -6.56
CA GLY D 72 -11.75 -33.13 -6.99
C GLY D 72 -12.56 -32.53 -8.12
N ASN D 73 -12.79 -31.21 -8.11
CA ASN D 73 -13.42 -30.51 -9.22
C ASN D 73 -12.59 -30.61 -10.50
N TYR D 74 -11.26 -30.49 -10.39
CA TYR D 74 -10.33 -30.73 -11.50
C TYR D 74 -10.46 -32.15 -12.06
N GLU D 75 -10.44 -33.17 -11.20
CA GLU D 75 -10.65 -34.57 -11.62
C GLU D 75 -12.04 -34.88 -12.21
N ARG D 76 -13.06 -34.04 -11.95
CA ARG D 76 -14.40 -34.24 -12.46
C ARG D 76 -14.68 -33.48 -13.76
N PHE D 77 -14.13 -32.28 -13.91
CA PHE D 77 -14.21 -31.48 -15.13
C PHE D 77 -13.25 -31.96 -16.22
N LEU D 78 -12.14 -32.58 -15.82
CA LEU D 78 -11.09 -33.07 -16.68
C LEU D 78 -10.77 -34.50 -16.23
N ASP D 79 -10.67 -35.45 -17.17
CA ASP D 79 -10.27 -36.84 -16.90
C ASP D 79 -8.75 -36.94 -16.66
N ILE D 80 -8.35 -36.42 -15.50
CA ILE D 80 -7.01 -36.42 -14.95
C ILE D 80 -7.09 -37.06 -13.55
N ARG D 81 -5.97 -37.59 -13.05
CA ARG D 81 -5.81 -38.01 -11.67
C ARG D 81 -4.51 -37.43 -11.15
N LEU D 82 -4.60 -36.67 -10.06
CA LEU D 82 -3.57 -35.77 -9.59
C LEU D 82 -2.69 -36.39 -8.49
N THR D 83 -1.57 -35.74 -8.20
CA THR D 83 -0.63 -36.13 -7.16
C THR D 83 -0.71 -35.11 -6.00
N LYS D 84 -0.21 -35.47 -4.81
CA LYS D 84 -0.20 -34.64 -3.59
C LYS D 84 0.21 -33.19 -3.82
N ASP D 85 1.29 -33.06 -4.59
CA ASP D 85 2.01 -31.82 -4.82
C ASP D 85 1.35 -30.91 -5.87
N ASN D 86 0.27 -31.38 -6.52
CA ASN D 86 -0.66 -30.51 -7.26
C ASN D 86 -1.52 -29.67 -6.31
N ASN D 87 -1.56 -30.00 -5.01
CA ASN D 87 -1.99 -29.08 -3.96
C ASN D 87 -0.72 -28.49 -3.36
N LEU D 88 -0.39 -27.25 -3.74
CA LEU D 88 0.70 -26.49 -3.15
C LEU D 88 0.14 -25.70 -1.96
N THR D 89 0.95 -25.55 -0.90
CA THR D 89 0.61 -24.80 0.29
C THR D 89 1.87 -24.06 0.78
N THR D 90 1.70 -23.04 1.64
CA THR D 90 2.83 -22.37 2.28
C THR D 90 3.60 -23.31 3.21
N GLY D 91 2.92 -24.28 3.84
CA GLY D 91 3.54 -25.28 4.69
C GLY D 91 4.51 -26.14 3.88
N LYS D 92 4.05 -26.65 2.74
CA LYS D 92 4.84 -27.48 1.83
C LYS D 92 6.07 -26.74 1.27
N ILE D 93 5.90 -25.46 0.93
CA ILE D 93 6.95 -24.67 0.28
C ILE D 93 7.96 -24.09 1.29
N TYR D 94 7.50 -23.61 2.46
CA TYR D 94 8.40 -23.15 3.52
C TYR D 94 9.18 -24.32 4.14
N GLN D 95 8.54 -25.49 4.32
CA GLN D 95 9.22 -26.70 4.79
C GLN D 95 10.29 -27.19 3.80
N TYR D 96 9.99 -27.11 2.49
CA TYR D 96 10.94 -27.37 1.41
C TYR D 96 12.20 -26.49 1.54
N VAL D 97 12.01 -25.17 1.58
CA VAL D 97 13.10 -24.20 1.71
C VAL D 97 13.89 -24.34 3.03
N ILE D 98 13.20 -24.58 4.14
CA ILE D 98 13.80 -24.81 5.46
C ILE D 98 14.68 -26.07 5.49
N ASN D 99 14.17 -27.20 5.01
CA ASN D 99 14.91 -28.47 4.96
C ASN D 99 16.11 -28.38 4.01
N LYS D 100 15.91 -27.69 2.88
CA LYS D 100 16.93 -27.38 1.88
C LYS D 100 18.05 -26.48 2.44
N GLU D 101 17.69 -25.50 3.28
CA GLU D 101 18.60 -24.64 4.03
C GLU D 101 19.42 -25.43 5.06
N ARG D 102 18.76 -26.29 5.84
CA ARG D 102 19.42 -27.17 6.82
C ARG D 102 20.41 -28.16 6.18
N LYS D 103 20.16 -28.60 4.95
CA LYS D 103 21.09 -29.40 4.15
C LYS D 103 22.22 -28.57 3.50
N GLY D 104 22.14 -27.24 3.56
CA GLY D 104 23.19 -26.33 3.11
C GLY D 104 23.10 -25.99 1.62
N ASP D 105 22.03 -26.38 0.93
CA ASP D 105 21.86 -26.23 -0.53
C ASP D 105 21.86 -24.77 -1.02
N TYR D 106 21.55 -23.83 -0.14
CA TYR D 106 21.61 -22.39 -0.40
C TYR D 106 23.00 -21.77 -0.14
N LEU D 107 24.02 -22.61 0.11
CA LEU D 107 25.45 -22.31 0.03
C LEU D 107 25.90 -21.15 0.94
N GLY D 108 25.37 -21.15 2.17
CA GLY D 108 25.71 -20.18 3.21
C GLY D 108 25.09 -18.80 2.98
N LYS D 109 24.24 -18.61 1.96
CA LYS D 109 23.52 -17.37 1.73
C LYS D 109 22.30 -17.28 2.66
N THR D 110 21.92 -16.04 2.98
CA THR D 110 20.71 -15.72 3.71
C THR D 110 19.47 -16.07 2.89
N VAL D 111 18.67 -17.04 3.36
CA VAL D 111 17.41 -17.41 2.75
C VAL D 111 16.33 -16.41 3.18
N GLN D 112 15.47 -16.03 2.23
CA GLN D 112 14.46 -15.00 2.38
C GLN D 112 13.37 -15.22 1.33
N VAL D 113 12.21 -14.58 1.52
CA VAL D 113 11.02 -14.82 0.73
C VAL D 113 11.23 -14.54 -0.77
N VAL D 114 11.77 -13.36 -1.08
CA VAL D 114 12.26 -13.05 -2.40
C VAL D 114 13.80 -13.05 -2.26
N PRO D 115 14.54 -13.88 -3.02
CA PRO D 115 14.06 -14.77 -4.09
C PRO D 115 13.61 -16.18 -3.69
N HIS D 116 14.08 -16.73 -2.56
CA HIS D 116 14.17 -18.19 -2.36
C HIS D 116 12.85 -18.94 -2.27
N ILE D 117 11.85 -18.35 -1.62
CA ILE D 117 10.50 -18.88 -1.55
C ILE D 117 9.76 -18.68 -2.88
N THR D 118 9.93 -17.52 -3.51
CA THR D 118 9.32 -17.21 -4.80
C THR D 118 9.89 -18.05 -5.94
N ASP D 119 11.18 -18.41 -5.87
CA ASP D 119 11.82 -19.40 -6.74
C ASP D 119 11.25 -20.79 -6.53
N ALA D 120 11.16 -21.23 -5.27
CA ALA D 120 10.60 -22.52 -4.88
C ALA D 120 9.17 -22.76 -5.40
N ILE D 121 8.32 -21.72 -5.34
CA ILE D 121 6.99 -21.71 -5.94
C ILE D 121 7.03 -21.94 -7.47
N GLN D 122 7.92 -21.23 -8.17
CA GLN D 122 8.11 -21.35 -9.62
C GLN D 122 8.67 -22.72 -10.03
N GLU D 123 9.66 -23.23 -9.30
CA GLU D 123 10.21 -24.57 -9.44
C GLU D 123 9.13 -25.66 -9.33
N TRP D 124 8.29 -25.53 -8.29
CA TRP D 124 7.20 -26.43 -7.98
C TRP D 124 6.16 -26.46 -9.09
N VAL D 125 5.71 -25.26 -9.50
CA VAL D 125 4.75 -25.07 -10.56
C VAL D 125 5.21 -25.65 -11.91
N MET D 126 6.48 -25.44 -12.26
CA MET D 126 7.10 -26.02 -13.45
C MET D 126 7.20 -27.55 -13.37
N ARG D 127 7.69 -28.08 -12.23
CA ARG D 127 7.81 -29.51 -11.99
C ARG D 127 6.47 -30.26 -12.10
N GLN D 128 5.45 -29.77 -11.38
CA GLN D 128 4.14 -30.41 -11.33
C GLN D 128 3.34 -30.28 -12.63
N ALA D 129 3.62 -29.24 -13.42
CA ALA D 129 3.01 -29.05 -14.72
C ALA D 129 3.50 -30.05 -15.77
N LEU D 130 4.75 -30.51 -15.64
CA LEU D 130 5.36 -31.47 -16.54
C LEU D 130 4.92 -32.92 -16.26
N ILE D 131 4.24 -33.17 -15.14
CA ILE D 131 3.78 -34.51 -14.77
C ILE D 131 2.48 -34.84 -15.53
N PRO D 132 2.47 -35.96 -16.31
CA PRO D 132 1.28 -36.38 -17.05
C PRO D 132 0.19 -36.98 -16.14
N VAL D 133 -0.58 -36.10 -15.51
CA VAL D 133 -1.73 -36.43 -14.68
C VAL D 133 -2.95 -36.95 -15.48
N ASP D 134 -2.96 -36.70 -16.79
CA ASP D 134 -3.98 -37.11 -17.74
C ASP D 134 -4.07 -38.63 -17.88
N GLU D 135 -5.24 -39.11 -18.33
CA GLU D 135 -5.59 -40.52 -18.54
C GLU D 135 -4.67 -41.34 -19.46
N ASP D 136 -3.77 -40.67 -20.20
CA ASP D 136 -2.70 -41.26 -20.98
C ASP D 136 -1.48 -40.35 -20.76
N GLY D 137 -0.29 -40.94 -20.83
CA GLY D 137 0.99 -40.41 -20.33
C GLY D 137 1.58 -39.23 -21.12
N LEU D 138 0.77 -38.47 -21.85
CA LEU D 138 1.20 -37.30 -22.62
C LEU D 138 1.45 -36.10 -21.70
N GLU D 139 2.55 -35.40 -21.97
CA GLU D 139 3.01 -34.20 -21.26
C GLU D 139 1.99 -33.05 -21.50
N PRO D 140 1.43 -32.45 -20.42
CA PRO D 140 0.48 -31.32 -20.51
C PRO D 140 0.93 -30.13 -21.36
N GLN D 141 -0.04 -29.48 -22.00
CA GLN D 141 0.19 -28.33 -22.86
C GLN D 141 -0.17 -27.01 -22.16
N VAL D 142 -1.07 -27.08 -21.18
CA VAL D 142 -1.44 -25.94 -20.35
C VAL D 142 -1.72 -26.38 -18.90
N CYS D 143 -1.30 -25.57 -17.93
CA CYS D 143 -1.57 -25.74 -16.51
C CYS D 143 -2.44 -24.57 -16.06
N VAL D 144 -3.63 -24.87 -15.55
CA VAL D 144 -4.47 -23.89 -14.89
C VAL D 144 -4.09 -23.90 -13.41
N ILE D 145 -3.48 -22.81 -12.95
CA ILE D 145 -3.08 -22.62 -11.58
C ILE D 145 -4.16 -21.78 -10.92
N GLU D 146 -4.79 -22.28 -9.86
CA GLU D 146 -5.72 -21.51 -9.07
C GLU D 146 -5.04 -21.09 -7.78
N LEU D 147 -4.99 -19.77 -7.56
CA LEU D 147 -4.56 -19.19 -6.30
C LEU D 147 -5.79 -18.98 -5.43
N GLY D 148 -5.84 -19.73 -4.32
CA GLY D 148 -6.85 -19.64 -3.28
C GLY D 148 -6.66 -18.38 -2.43
N GLY D 149 -7.69 -18.06 -1.65
CA GLY D 149 -7.74 -16.85 -0.85
C GLY D 149 -8.20 -15.70 -1.74
N THR D 150 -7.88 -14.48 -1.32
CA THR D 150 -8.12 -13.26 -2.06
C THR D 150 -6.78 -12.52 -2.21
N VAL D 151 -6.66 -11.71 -3.26
CA VAL D 151 -5.48 -10.90 -3.53
C VAL D 151 -5.25 -9.84 -2.44
N GLY D 152 -3.99 -9.64 -2.06
CA GLY D 152 -3.60 -8.63 -1.09
C GLY D 152 -3.74 -9.13 0.36
N ASP D 153 -4.15 -10.39 0.57
CA ASP D 153 -3.92 -11.11 1.82
C ASP D 153 -2.43 -11.38 2.00
N ILE D 154 -1.92 -11.25 3.22
CA ILE D 154 -0.50 -11.47 3.55
C ILE D 154 -0.01 -12.89 3.21
N GLU D 155 -0.92 -13.87 3.25
CA GLU D 155 -0.71 -15.24 2.84
C GLU D 155 -0.52 -15.41 1.32
N SER D 156 -1.20 -14.59 0.50
CA SER D 156 -1.20 -14.74 -0.96
C SER D 156 -0.05 -13.98 -1.64
N MET D 157 0.52 -12.99 -0.94
CA MET D 157 1.63 -12.14 -1.40
C MET D 157 2.88 -12.87 -1.96
N PRO D 158 3.41 -13.93 -1.31
CA PRO D 158 4.52 -14.72 -1.88
C PRO D 158 4.24 -15.33 -3.25
N PHE D 159 3.02 -15.82 -3.45
CA PHE D 159 2.60 -16.46 -4.69
C PHE D 159 2.40 -15.44 -5.80
N ILE D 160 1.73 -14.31 -5.50
CA ILE D 160 1.57 -13.24 -6.49
C ILE D 160 2.92 -12.63 -6.91
N GLU D 161 3.84 -12.47 -5.95
CA GLU D 161 5.22 -12.06 -6.22
C GLU D 161 5.98 -13.07 -7.10
N ALA D 162 5.81 -14.37 -6.84
CA ALA D 162 6.32 -15.43 -7.69
C ALA D 162 5.77 -15.37 -9.11
N PHE D 163 4.46 -15.19 -9.27
CA PHE D 163 3.83 -15.08 -10.58
C PHE D 163 4.17 -13.79 -11.33
N ARG D 164 4.45 -12.71 -10.60
CA ARG D 164 4.98 -11.47 -11.12
C ARG D 164 6.36 -11.64 -11.77
N GLN D 165 7.20 -12.51 -11.20
CA GLN D 165 8.47 -12.91 -11.79
C GLN D 165 8.27 -13.89 -12.95
N PHE D 166 7.37 -14.86 -12.75
CA PHE D 166 7.13 -15.99 -13.63
C PHE D 166 6.75 -15.57 -15.06
N GLN D 167 5.91 -14.55 -15.19
CA GLN D 167 5.51 -13.92 -16.46
C GLN D 167 6.65 -13.26 -17.26
N PHE D 168 7.84 -13.16 -16.66
CA PHE D 168 9.05 -12.66 -17.30
C PHE D 168 10.12 -13.77 -17.41
N LYS D 169 9.88 -14.93 -16.80
CA LYS D 169 10.75 -16.10 -16.81
C LYS D 169 10.33 -16.99 -17.98
N VAL D 170 9.06 -17.41 -17.97
CA VAL D 170 8.36 -17.84 -19.17
C VAL D 170 7.88 -16.56 -19.88
N LYS D 171 7.71 -16.62 -21.21
CA LYS D 171 7.32 -15.45 -22.00
C LYS D 171 5.81 -15.20 -21.86
N ARG D 172 5.36 -13.99 -22.24
CA ARG D 172 3.97 -13.56 -22.04
C ARG D 172 2.94 -14.47 -22.75
N GLU D 173 3.31 -15.01 -23.91
CA GLU D 173 2.52 -16.04 -24.62
C GLU D 173 2.36 -17.35 -23.85
N ASN D 174 3.12 -17.56 -22.78
CA ASN D 174 3.05 -18.74 -21.92
C ASN D 174 2.43 -18.41 -20.56
N PHE D 175 2.01 -17.16 -20.28
CA PHE D 175 1.41 -16.82 -18.99
C PHE D 175 0.24 -15.85 -19.19
N CYS D 176 -0.96 -16.30 -18.82
CA CYS D 176 -2.19 -15.52 -18.77
C CYS D 176 -2.64 -15.41 -17.29
N ASN D 177 -3.23 -14.29 -16.90
CA ASN D 177 -3.86 -14.07 -15.58
C ASN D 177 -5.34 -13.79 -15.78
N ILE D 178 -6.18 -14.59 -15.12
CA ILE D 178 -7.61 -14.37 -14.97
C ILE D 178 -7.85 -13.90 -13.52
N HIS D 179 -8.63 -12.85 -13.36
CA HIS D 179 -9.06 -12.34 -12.07
C HIS D 179 -10.57 -12.59 -11.96
N VAL D 180 -10.95 -13.45 -11.02
CA VAL D 180 -12.33 -13.78 -10.73
C VAL D 180 -12.77 -12.91 -9.54
N SER D 181 -13.68 -11.98 -9.80
CA SER D 181 -14.13 -10.97 -8.87
C SER D 181 -15.62 -11.16 -8.54
N LEU D 182 -16.14 -10.31 -7.65
CA LEU D 182 -17.55 -10.21 -7.32
C LEU D 182 -18.03 -8.82 -7.76
N VAL D 183 -19.19 -8.77 -8.41
CA VAL D 183 -19.94 -7.55 -8.64
C VAL D 183 -21.25 -7.69 -7.83
N PRO D 184 -21.30 -7.17 -6.59
CA PRO D 184 -22.52 -7.23 -5.78
C PRO D 184 -23.64 -6.34 -6.34
N GLN D 185 -24.89 -6.75 -6.12
CA GLN D 185 -26.09 -6.00 -6.48
C GLN D 185 -26.96 -5.87 -5.22
N PRO D 186 -26.70 -4.85 -4.37
CA PRO D 186 -27.38 -4.73 -3.07
C PRO D 186 -28.89 -4.42 -3.19
N SER D 187 -29.67 -4.98 -2.27
CA SER D 187 -31.04 -4.57 -1.95
C SER D 187 -31.15 -3.07 -1.61
N SER D 188 -30.09 -2.56 -0.98
CA SER D 188 -29.88 -1.16 -0.61
C SER D 188 -29.72 -0.21 -1.80
N THR D 189 -29.49 -0.72 -3.02
CA THR D 189 -29.01 0.11 -4.14
C THR D 189 -29.59 -0.26 -5.52
N GLY D 190 -29.86 -1.54 -5.79
CA GLY D 190 -30.43 -2.04 -7.05
C GLY D 190 -29.40 -2.10 -8.19
N GLU D 191 -28.46 -1.14 -8.24
CA GLU D 191 -27.28 -1.11 -9.11
C GLU D 191 -26.35 -2.31 -8.87
N GLN D 192 -25.66 -2.72 -9.94
CA GLN D 192 -24.53 -3.65 -9.88
C GLN D 192 -23.27 -2.82 -9.62
N LYS D 193 -22.65 -3.04 -8.47
CA LYS D 193 -21.58 -2.19 -7.96
C LYS D 193 -20.21 -2.78 -8.31
N THR D 194 -19.54 -2.17 -9.30
CA THR D 194 -18.24 -2.60 -9.81
C THR D 194 -17.04 -2.13 -8.97
N LYS D 195 -17.21 -1.11 -8.10
CA LYS D 195 -16.16 -0.56 -7.22
C LYS D 195 -15.18 -1.58 -6.55
N PRO D 196 -15.67 -2.64 -5.88
CA PRO D 196 -14.79 -3.66 -5.30
C PRO D 196 -13.96 -4.46 -6.33
N THR D 197 -14.48 -4.69 -7.53
CA THR D 197 -13.73 -5.28 -8.64
C THR D 197 -12.60 -4.34 -9.12
N GLN D 198 -12.91 -3.05 -9.26
CA GLN D 198 -11.95 -2.01 -9.65
C GLN D 198 -10.80 -1.90 -8.65
N ASN D 199 -11.14 -1.88 -7.36
CA ASN D 199 -10.20 -1.84 -6.25
C ASN D 199 -9.34 -3.11 -6.18
N SER D 200 -9.95 -4.28 -6.41
CA SER D 200 -9.26 -5.56 -6.42
C SER D 200 -8.28 -5.70 -7.60
N VAL D 201 -8.67 -5.24 -8.79
CA VAL D 201 -7.77 -5.16 -9.95
C VAL D 201 -6.61 -4.18 -9.72
N ARG D 202 -6.91 -3.03 -9.11
CA ARG D 202 -5.92 -2.03 -8.70
C ARG D 202 -4.91 -2.58 -7.67
N GLU D 203 -5.41 -3.33 -6.68
CA GLU D 203 -4.65 -4.07 -5.69
C GLU D 203 -3.73 -5.13 -6.33
N LEU D 204 -4.27 -5.93 -7.24
CA LEU D 204 -3.55 -6.94 -8.00
C LEU D 204 -2.43 -6.36 -8.87
N ARG D 205 -2.69 -5.21 -9.51
CA ARG D 205 -1.68 -4.46 -10.27
C ARG D 205 -0.61 -3.81 -9.38
N GLY D 206 -0.97 -3.46 -8.14
CA GLY D 206 -0.02 -3.04 -7.11
C GLY D 206 0.94 -4.18 -6.72
N LEU D 207 0.49 -5.43 -6.85
CA LEU D 207 1.28 -6.64 -6.66
C LEU D 207 1.91 -7.13 -7.99
N GLY D 208 1.66 -6.42 -9.10
CA GLY D 208 2.39 -6.56 -10.35
C GLY D 208 1.75 -7.51 -11.38
N LEU D 209 0.50 -7.94 -11.19
CA LEU D 209 -0.24 -8.74 -12.17
C LEU D 209 -1.35 -7.86 -12.73
N SER D 210 -1.54 -7.89 -14.06
CA SER D 210 -2.63 -7.17 -14.71
C SER D 210 -3.56 -8.23 -15.31
N PRO D 211 -4.85 -8.24 -14.91
CA PRO D 211 -5.88 -9.11 -15.50
C PRO D 211 -5.93 -9.10 -17.03
N ASP D 212 -5.67 -10.26 -17.62
CA ASP D 212 -5.94 -10.54 -19.03
C ASP D 212 -7.43 -10.80 -19.25
N LEU D 213 -8.08 -11.45 -18.29
CA LEU D 213 -9.54 -11.52 -18.20
C LEU D 213 -9.98 -11.07 -16.82
N VAL D 214 -11.03 -10.25 -16.76
CA VAL D 214 -11.76 -9.97 -15.54
C VAL D 214 -13.10 -10.73 -15.64
N VAL D 215 -13.22 -11.79 -14.84
CA VAL D 215 -14.41 -12.61 -14.76
C VAL D 215 -15.19 -12.16 -13.52
N CYS D 216 -16.33 -11.53 -13.75
CA CYS D 216 -17.20 -11.02 -12.71
C CYS D 216 -18.15 -12.14 -12.30
N ARG D 217 -18.10 -12.56 -11.03
CA ARG D 217 -19.17 -13.35 -10.43
C ARG D 217 -20.32 -12.38 -10.13
N CYS D 218 -21.34 -12.49 -10.98
CA CYS D 218 -22.57 -11.73 -10.90
C CYS D 218 -23.63 -12.68 -10.32
N SER D 219 -24.74 -12.15 -9.79
CA SER D 219 -25.93 -12.96 -9.57
C SER D 219 -26.74 -12.93 -10.87
N ASN D 220 -27.31 -11.76 -11.18
CA ASN D 220 -27.92 -11.43 -12.47
C ASN D 220 -26.82 -11.06 -13.48
N PRO D 221 -27.04 -11.30 -14.80
CA PRO D 221 -26.15 -10.79 -15.87
C PRO D 221 -25.77 -9.30 -15.77
N LEU D 222 -24.53 -8.96 -16.14
CA LEU D 222 -24.06 -7.58 -16.21
C LEU D 222 -24.84 -6.75 -17.22
N ASP D 223 -25.20 -5.52 -16.85
CA ASP D 223 -25.58 -4.48 -17.81
C ASP D 223 -24.31 -4.02 -18.57
N THR D 224 -24.54 -3.56 -19.80
CA THR D 224 -23.59 -2.92 -20.69
C THR D 224 -22.83 -1.76 -20.02
N SER D 225 -23.56 -0.88 -19.31
CA SER D 225 -23.02 0.27 -18.60
C SER D 225 -22.00 -0.12 -17.51
N VAL D 226 -22.30 -1.22 -16.81
CA VAL D 226 -21.50 -1.77 -15.73
C VAL D 226 -20.25 -2.47 -16.31
N LYS D 227 -20.42 -3.22 -17.40
CA LYS D 227 -19.32 -3.82 -18.16
C LYS D 227 -18.34 -2.78 -18.71
N GLU D 228 -18.88 -1.67 -19.26
CA GLU D 228 -18.06 -0.56 -19.73
C GLU D 228 -17.36 0.23 -18.62
N LYS D 229 -17.98 0.29 -17.43
CA LYS D 229 -17.34 0.85 -16.24
C LYS D 229 -16.20 -0.05 -15.74
N ILE D 230 -16.41 -1.38 -15.75
CA ILE D 230 -15.37 -2.36 -15.45
C ILE D 230 -14.21 -2.26 -16.44
N SER D 231 -14.49 -2.26 -17.76
CA SER D 231 -13.49 -2.17 -18.82
C SER D 231 -12.61 -0.90 -18.69
N MET D 232 -13.26 0.23 -18.44
CA MET D 232 -12.65 1.53 -18.12
C MET D 232 -11.72 1.46 -16.90
N PHE D 233 -12.29 1.25 -15.70
CA PHE D 233 -11.55 1.34 -14.44
C PHE D 233 -10.60 0.16 -14.15
N CYS D 234 -10.79 -0.96 -14.84
CA CYS D 234 -9.86 -2.11 -14.82
C CYS D 234 -8.86 -2.03 -16.00
N HIS D 235 -9.00 -1.01 -16.86
CA HIS D 235 -8.15 -0.64 -17.99
C HIS D 235 -7.88 -1.82 -18.94
N VAL D 236 -8.97 -2.46 -19.38
CA VAL D 236 -8.96 -3.65 -20.21
C VAL D 236 -10.12 -3.56 -21.21
N GLU D 237 -9.99 -4.26 -22.33
CA GLU D 237 -10.98 -4.37 -23.41
C GLU D 237 -12.32 -4.98 -22.93
N PRO D 238 -13.48 -4.42 -23.31
CA PRO D 238 -14.82 -5.03 -23.10
C PRO D 238 -14.98 -6.55 -23.37
N GLU D 239 -14.39 -7.06 -24.46
CA GLU D 239 -14.31 -8.50 -24.79
C GLU D 239 -13.60 -9.35 -23.70
N GLN D 240 -12.72 -8.71 -22.92
CA GLN D 240 -11.96 -9.31 -21.83
C GLN D 240 -12.65 -9.13 -20.47
N VAL D 241 -13.86 -8.56 -20.44
CA VAL D 241 -14.72 -8.51 -19.27
C VAL D 241 -15.84 -9.53 -19.47
N ILE D 242 -15.92 -10.49 -18.55
CA ILE D 242 -16.85 -11.61 -18.60
C ILE D 242 -17.74 -11.58 -17.37
N CYS D 243 -19.03 -11.92 -17.53
CA CYS D 243 -19.92 -12.19 -16.43
C CYS D 243 -20.14 -13.70 -16.36
N VAL D 244 -19.87 -14.29 -15.20
CA VAL D 244 -20.38 -15.58 -14.81
C VAL D 244 -21.52 -15.31 -13.82
N HIS D 245 -22.74 -15.32 -14.36
CA HIS D 245 -23.97 -15.16 -13.59
C HIS D 245 -24.42 -16.51 -13.03
N ASP D 246 -25.47 -16.48 -12.20
CA ASP D 246 -26.17 -17.67 -11.74
C ASP D 246 -26.83 -18.41 -12.92
N VAL D 247 -26.65 -19.74 -12.95
CA VAL D 247 -27.16 -20.66 -13.96
C VAL D 247 -27.76 -21.88 -13.24
N SER D 248 -28.62 -22.62 -13.95
CA SER D 248 -29.40 -23.75 -13.43
C SER D 248 -28.56 -24.94 -12.99
N SER D 249 -27.59 -25.32 -13.81
CA SER D 249 -26.74 -26.48 -13.61
C SER D 249 -25.28 -26.09 -13.89
N ILE D 250 -24.37 -26.80 -13.21
CA ILE D 250 -22.92 -26.71 -13.33
C ILE D 250 -22.42 -26.85 -14.78
N TYR D 251 -23.17 -27.66 -15.54
CA TYR D 251 -22.91 -28.02 -16.91
C TYR D 251 -22.95 -26.83 -17.87
N ARG D 252 -23.61 -25.74 -17.46
CA ARG D 252 -23.72 -24.51 -18.25
C ARG D 252 -22.52 -23.57 -18.09
N VAL D 253 -21.70 -23.70 -17.05
CA VAL D 253 -20.62 -22.73 -16.81
C VAL D 253 -19.51 -22.70 -17.89
N PRO D 254 -19.06 -23.85 -18.42
CA PRO D 254 -18.18 -23.86 -19.62
C PRO D 254 -18.81 -23.24 -20.87
N LEU D 255 -20.12 -23.43 -21.04
CA LEU D 255 -20.90 -22.96 -22.19
C LEU D 255 -21.07 -21.44 -22.16
N LEU D 256 -21.29 -20.91 -20.94
CA LEU D 256 -21.37 -19.49 -20.64
C LEU D 256 -20.03 -18.78 -20.91
N LEU D 257 -18.93 -19.39 -20.47
CA LEU D 257 -17.58 -18.93 -20.75
C LEU D 257 -17.24 -19.01 -22.25
N GLU D 258 -17.66 -20.09 -22.92
CA GLU D 258 -17.58 -20.28 -24.37
C GLU D 258 -18.30 -19.17 -25.15
N GLU D 259 -19.56 -18.91 -24.80
CA GLU D 259 -20.39 -17.82 -25.32
C GLU D 259 -19.74 -16.44 -25.13
N GLN D 260 -19.20 -16.21 -23.93
CA GLN D 260 -18.41 -15.03 -23.57
C GLN D 260 -17.04 -14.91 -24.27
N GLY D 261 -16.63 -15.91 -25.05
CA GLY D 261 -15.53 -15.81 -26.02
C GLY D 261 -14.17 -16.21 -25.45
N VAL D 262 -14.10 -16.73 -24.22
CA VAL D 262 -12.82 -16.95 -23.53
C VAL D 262 -11.91 -17.97 -24.24
N VAL D 263 -12.51 -18.95 -24.93
CA VAL D 263 -11.83 -19.97 -25.70
C VAL D 263 -10.97 -19.35 -26.81
N ASP D 264 -11.61 -18.46 -27.58
CA ASP D 264 -11.04 -17.71 -28.69
C ASP D 264 -9.95 -16.77 -28.17
N TYR D 265 -10.20 -16.17 -27.01
CA TYR D 265 -9.24 -15.37 -26.26
C TYR D 265 -7.99 -16.17 -25.90
N PHE D 266 -8.13 -17.30 -25.19
CA PHE D 266 -7.02 -18.17 -24.80
C PHE D 266 -6.20 -18.68 -25.98
N LEU D 267 -6.88 -19.09 -27.06
CA LEU D 267 -6.25 -19.59 -28.27
C LEU D 267 -5.30 -18.56 -28.91
N ARG D 268 -5.75 -17.30 -29.02
CA ARG D 268 -4.91 -16.21 -29.53
C ARG D 268 -3.89 -15.73 -28.47
N ARG D 269 -4.33 -15.56 -27.23
CA ARG D 269 -3.54 -15.00 -26.13
C ARG D 269 -2.37 -15.87 -25.69
N LEU D 270 -2.53 -17.19 -25.76
CA LEU D 270 -1.51 -18.17 -25.39
C LEU D 270 -0.87 -18.84 -26.61
N ASP D 271 -1.27 -18.46 -27.83
CA ASP D 271 -0.79 -18.97 -29.12
C ASP D 271 -0.88 -20.50 -29.19
N LEU D 272 -2.08 -21.03 -28.88
CA LEU D 272 -2.31 -22.47 -28.78
C LEU D 272 -2.75 -23.05 -30.13
N PRO D 273 -2.29 -24.28 -30.45
CA PRO D 273 -2.79 -25.00 -31.64
C PRO D 273 -4.23 -25.52 -31.51
N LEU D 282 -17.45 -30.35 -25.67
CA LEU D 282 -18.31 -29.47 -24.86
C LEU D 282 -19.81 -29.52 -25.23
N MET D 283 -20.15 -30.15 -26.35
CA MET D 283 -21.53 -30.51 -26.71
C MET D 283 -22.17 -31.51 -25.74
N LYS D 284 -21.37 -32.35 -25.07
CA LYS D 284 -21.85 -33.20 -23.96
C LYS D 284 -22.35 -32.36 -22.77
N TRP D 285 -21.74 -31.19 -22.56
CA TRP D 285 -22.11 -30.27 -21.49
C TRP D 285 -23.39 -29.50 -21.82
N LYS D 286 -23.68 -29.28 -23.11
CA LYS D 286 -24.99 -28.82 -23.59
C LYS D 286 -26.04 -29.88 -23.29
N GLU D 287 -25.75 -31.13 -23.70
CA GLU D 287 -26.61 -32.29 -23.52
C GLU D 287 -26.95 -32.52 -22.04
N MET D 288 -25.93 -32.66 -21.17
CA MET D 288 -26.09 -32.86 -19.73
C MET D 288 -26.89 -31.75 -19.05
N ALA D 289 -26.66 -30.49 -19.44
CA ALA D 289 -27.41 -29.34 -18.94
C ALA D 289 -28.90 -29.41 -19.32
N ASP D 290 -29.17 -29.60 -20.61
CA ASP D 290 -30.52 -29.71 -21.17
C ASP D 290 -31.27 -30.93 -20.62
N ARG D 291 -30.56 -32.05 -20.49
CA ARG D 291 -31.06 -33.27 -19.84
C ARG D 291 -31.45 -33.01 -18.37
N TYR D 292 -30.59 -32.30 -17.63
CA TYR D 292 -30.80 -31.96 -16.22
C TYR D 292 -32.03 -31.09 -16.00
N ASP D 293 -32.14 -30.03 -16.81
CA ASP D 293 -33.19 -29.02 -16.73
C ASP D 293 -34.59 -29.53 -17.16
N ARG D 294 -34.67 -30.74 -17.73
CA ARG D 294 -35.93 -31.38 -18.12
C ARG D 294 -36.21 -32.68 -17.32
N LEU D 295 -35.47 -32.96 -16.24
CA LEU D 295 -35.79 -34.06 -15.34
C LEU D 295 -37.05 -33.71 -14.53
N LEU D 296 -38.06 -34.59 -14.59
CA LEU D 296 -39.37 -34.36 -13.97
C LEU D 296 -39.52 -35.23 -12.71
N GLU D 297 -39.47 -36.55 -12.87
CA GLU D 297 -39.55 -37.52 -11.79
C GLU D 297 -38.28 -37.46 -10.92
N THR D 298 -38.48 -37.65 -9.62
CA THR D 298 -37.48 -37.46 -8.59
C THR D 298 -37.32 -38.74 -7.79
N CYS D 299 -36.06 -39.10 -7.58
CA CYS D 299 -35.65 -39.97 -6.51
C CYS D 299 -35.51 -39.16 -5.22
N SER D 300 -35.36 -39.81 -4.07
CA SER D 300 -35.02 -39.14 -2.81
C SER D 300 -34.09 -40.01 -1.98
N ILE D 301 -32.92 -39.49 -1.62
CA ILE D 301 -31.94 -40.16 -0.77
C ILE D 301 -31.86 -39.44 0.58
N ALA D 302 -31.99 -40.19 1.67
CA ALA D 302 -31.64 -39.74 3.01
C ALA D 302 -30.11 -39.78 3.18
N LEU D 303 -29.49 -38.62 3.33
CA LEU D 303 -28.07 -38.52 3.65
C LEU D 303 -27.95 -38.30 5.16
N VAL D 304 -27.78 -39.39 5.90
CA VAL D 304 -27.73 -39.39 7.37
C VAL D 304 -26.29 -39.20 7.84
N GLY D 305 -25.87 -37.95 7.97
CA GLY D 305 -24.49 -37.55 8.21
C GLY D 305 -24.29 -36.62 9.42
N LYS D 306 -23.04 -36.37 9.81
CA LYS D 306 -22.67 -35.50 10.96
C LYS D 306 -22.43 -34.03 10.55
N TYR D 307 -21.88 -33.84 9.35
CA TYR D 307 -21.20 -32.62 8.96
C TYR D 307 -22.15 -31.68 8.19
N ASP D 312 -21.58 -28.96 2.14
CA ASP D 312 -20.25 -28.86 1.53
C ASP D 312 -19.27 -29.96 1.95
N SER D 313 -19.42 -30.49 3.17
CA SER D 313 -18.67 -31.62 3.68
C SER D 313 -18.93 -32.94 2.92
N TYR D 314 -20.04 -32.99 2.19
CA TYR D 314 -20.49 -34.12 1.39
C TYR D 314 -20.45 -33.78 -0.09
N ALA D 315 -19.59 -32.85 -0.50
CA ALA D 315 -19.46 -32.35 -1.86
C ALA D 315 -19.33 -33.45 -2.92
N SER D 316 -18.30 -34.29 -2.82
CA SER D 316 -18.11 -35.44 -3.71
C SER D 316 -19.28 -36.43 -3.68
N VAL D 317 -19.84 -36.66 -2.48
CA VAL D 317 -20.96 -37.58 -2.22
C VAL D 317 -22.22 -37.14 -2.93
N ILE D 318 -22.59 -35.87 -2.74
CA ILE D 318 -23.71 -35.22 -3.42
C ILE D 318 -23.55 -35.28 -4.94
N LYS D 319 -22.35 -34.93 -5.44
CA LYS D 319 -22.03 -34.95 -6.87
C LYS D 319 -22.18 -36.35 -7.49
N ALA D 320 -21.72 -37.38 -6.77
CA ALA D 320 -21.86 -38.78 -7.17
C ALA D 320 -23.32 -39.26 -7.27
N LEU D 321 -24.18 -38.79 -6.36
CA LEU D 321 -25.61 -39.02 -6.43
C LEU D 321 -26.25 -38.27 -7.60
N GLU D 322 -25.86 -37.03 -7.87
CA GLU D 322 -26.35 -36.24 -9.00
C GLU D 322 -25.93 -36.81 -10.38
N HIS D 323 -24.72 -37.36 -10.47
CA HIS D 323 -24.24 -38.13 -11.64
C HIS D 323 -25.14 -39.35 -11.89
N SER D 324 -25.39 -40.09 -10.81
CA SER D 324 -26.23 -41.28 -10.79
C SER D 324 -27.69 -40.97 -11.15
N ALA D 325 -28.24 -39.88 -10.60
CA ALA D 325 -29.57 -39.36 -10.86
C ALA D 325 -29.76 -38.98 -12.34
N LEU D 326 -28.81 -38.23 -12.89
CA LEU D 326 -28.81 -37.82 -14.29
C LEU D 326 -28.70 -39.02 -15.25
N ALA D 327 -27.96 -40.07 -14.83
CA ALA D 327 -27.80 -41.32 -15.57
C ALA D 327 -29.05 -42.19 -15.59
N ILE D 328 -29.79 -42.29 -14.47
CA ILE D 328 -31.07 -43.00 -14.43
C ILE D 328 -32.25 -42.17 -14.99
N ASN D 329 -32.00 -40.87 -15.21
CA ASN D 329 -32.90 -39.85 -15.72
C ASN D 329 -34.00 -39.43 -14.74
N HIS D 330 -33.61 -39.23 -13.47
CA HIS D 330 -34.46 -38.65 -12.44
C HIS D 330 -33.77 -37.41 -11.87
N LYS D 331 -34.57 -36.49 -11.30
CA LYS D 331 -34.11 -35.54 -10.30
C LYS D 331 -33.65 -36.26 -9.02
N LEU D 332 -32.89 -35.52 -8.21
CA LEU D 332 -32.50 -35.94 -6.88
C LEU D 332 -32.97 -34.87 -5.91
N GLU D 333 -33.56 -35.32 -4.81
CA GLU D 333 -33.89 -34.51 -3.66
C GLU D 333 -33.17 -35.19 -2.50
N ILE D 334 -32.09 -34.57 -2.00
CA ILE D 334 -31.29 -35.13 -0.90
C ILE D 334 -31.87 -34.64 0.41
N LYS D 335 -32.35 -35.57 1.22
CA LYS D 335 -32.82 -35.30 2.57
C LYS D 335 -31.64 -35.30 3.52
N TYR D 336 -31.00 -34.16 3.68
CA TYR D 336 -29.94 -33.96 4.65
C TYR D 336 -30.47 -34.18 6.07
N ILE D 337 -30.02 -35.24 6.72
CA ILE D 337 -30.42 -35.56 8.08
C ILE D 337 -29.19 -35.47 8.96
N ASP D 338 -29.20 -34.56 9.94
CA ASP D 338 -28.21 -34.57 11.00
C ASP D 338 -28.37 -35.86 11.81
N SER D 339 -27.39 -36.73 11.78
CA SER D 339 -27.40 -38.01 12.48
C SER D 339 -27.60 -37.85 13.99
N ALA D 340 -27.13 -36.74 14.57
CA ALA D 340 -27.35 -36.43 15.98
C ALA D 340 -28.82 -36.15 16.32
N ASP D 341 -29.70 -35.91 15.33
CA ASP D 341 -31.15 -35.78 15.54
C ASP D 341 -31.89 -37.13 15.59
N LEU D 342 -31.33 -38.20 15.00
CA LEU D 342 -31.92 -39.56 15.05
C LEU D 342 -31.58 -40.33 16.34
N GLU D 343 -30.67 -39.82 17.18
CA GLU D 343 -30.39 -40.33 18.52
C GLU D 343 -31.60 -40.19 19.47
N PRO D 344 -31.88 -41.15 20.35
CA PRO D 344 -33.04 -41.11 21.25
C PRO D 344 -32.95 -39.98 22.28
N ILE D 345 -31.75 -39.54 22.66
CA ILE D 345 -31.55 -38.37 23.53
C ILE D 345 -32.14 -37.09 22.92
N THR D 346 -32.13 -36.92 21.59
CA THR D 346 -32.79 -35.77 20.94
C THR D 346 -34.32 -35.87 21.03
N SER D 347 -34.89 -37.06 21.23
CA SER D 347 -36.31 -37.18 21.58
C SER D 347 -36.62 -36.57 22.95
N GLN D 348 -35.66 -36.65 23.89
CA GLN D 348 -35.76 -36.01 25.20
C GLN D 348 -35.60 -34.49 25.10
N GLU D 349 -34.49 -34.00 24.56
CA GLU D 349 -34.20 -32.56 24.60
C GLU D 349 -34.97 -31.73 23.56
N GLU D 350 -35.27 -32.24 22.36
CA GLU D 350 -35.90 -31.48 21.28
C GLU D 350 -36.77 -32.39 20.39
N PRO D 351 -38.00 -32.74 20.83
CA PRO D 351 -38.84 -33.67 20.07
C PRO D 351 -39.21 -33.12 18.69
N VAL D 352 -39.18 -31.81 18.46
CA VAL D 352 -39.31 -31.24 17.09
C VAL D 352 -38.15 -31.63 16.17
N ARG D 353 -36.90 -31.63 16.66
CA ARG D 353 -35.75 -32.10 15.87
C ARG D 353 -35.88 -33.60 15.59
N TYR D 354 -36.22 -34.38 16.61
CA TYR D 354 -36.32 -35.83 16.48
C TYR D 354 -37.38 -36.27 15.47
N HIS D 355 -38.58 -35.69 15.48
CA HIS D 355 -39.63 -36.15 14.57
C HIS D 355 -39.43 -35.64 13.15
N GLU D 356 -38.97 -34.40 12.94
CA GLU D 356 -38.65 -33.94 11.59
C GLU D 356 -37.56 -34.81 10.93
N ALA D 357 -36.53 -35.24 11.67
CA ALA D 357 -35.52 -36.14 11.13
C ALA D 357 -36.08 -37.51 10.70
N TRP D 358 -37.01 -38.08 11.46
CA TRP D 358 -37.62 -39.37 11.14
C TRP D 358 -38.70 -39.28 10.05
N GLN D 359 -39.40 -38.15 9.92
CA GLN D 359 -40.21 -37.88 8.72
C GLN D 359 -39.35 -37.90 7.46
N LYS D 360 -38.22 -37.18 7.48
CA LYS D 360 -37.25 -37.17 6.37
C LYS D 360 -36.70 -38.57 6.07
N LEU D 361 -36.31 -39.34 7.07
CA LEU D 361 -35.73 -40.66 6.87
C LEU D 361 -36.74 -41.68 6.35
N CYS D 362 -37.99 -41.60 6.78
CA CYS D 362 -39.02 -42.55 6.35
C CYS D 362 -39.55 -42.25 4.94
N SER D 363 -39.72 -40.98 4.59
CA SER D 363 -40.15 -40.55 3.25
C SER D 363 -39.09 -40.73 2.15
N ALA D 364 -37.83 -40.93 2.53
CA ALA D 364 -36.73 -41.20 1.61
C ALA D 364 -36.88 -42.56 0.90
N HIS D 365 -36.54 -42.62 -0.38
CA HIS D 365 -36.67 -43.83 -1.20
C HIS D 365 -35.49 -44.79 -1.00
N GLY D 366 -34.33 -44.30 -0.58
CA GLY D 366 -33.19 -45.06 -0.08
C GLY D 366 -32.38 -44.23 0.91
N VAL D 367 -31.40 -44.83 1.61
CA VAL D 367 -30.57 -44.13 2.60
C VAL D 367 -29.08 -44.36 2.33
N LEU D 368 -28.31 -43.31 2.52
CA LEU D 368 -26.87 -43.28 2.37
C LEU D 368 -26.25 -42.86 3.69
N VAL D 369 -25.45 -43.73 4.29
CA VAL D 369 -24.63 -43.41 5.46
C VAL D 369 -23.21 -43.15 4.98
N PRO D 370 -22.75 -41.90 4.92
CA PRO D 370 -21.44 -41.54 4.40
C PRO D 370 -20.33 -41.80 5.42
N GLY D 371 -19.06 -41.66 5.02
CA GLY D 371 -17.94 -41.74 5.94
C GLY D 371 -17.88 -40.62 6.98
N GLY D 372 -16.98 -40.74 7.95
CA GLY D 372 -16.69 -39.71 8.96
C GLY D 372 -15.84 -40.23 10.12
N PHE D 373 -15.59 -39.40 11.12
CA PHE D 373 -14.80 -39.73 12.31
C PHE D 373 -15.47 -39.26 13.61
N GLY D 374 -15.17 -39.94 14.73
CA GLY D 374 -15.65 -39.58 16.06
C GLY D 374 -17.02 -40.16 16.43
N VAL D 375 -17.31 -40.25 17.74
CA VAL D 375 -18.53 -40.91 18.24
C VAL D 375 -19.80 -40.16 17.84
N ARG D 376 -19.76 -38.83 17.86
CA ARG D 376 -20.92 -37.94 17.79
C ARG D 376 -21.86 -38.29 16.64
N GLY D 377 -23.10 -38.67 16.93
CA GLY D 377 -24.09 -39.05 15.92
C GLY D 377 -23.99 -40.49 15.39
N THR D 378 -22.99 -41.29 15.78
CA THR D 378 -22.87 -42.71 15.37
C THR D 378 -24.06 -43.57 15.77
N GLU D 379 -24.67 -43.31 16.93
CA GLU D 379 -25.86 -44.07 17.35
C GLU D 379 -27.08 -43.72 16.48
N GLY D 380 -27.15 -42.50 15.95
CA GLY D 380 -28.13 -42.09 14.94
C GLY D 380 -27.88 -42.72 13.57
N LYS D 381 -26.62 -42.94 13.19
CA LYS D 381 -26.27 -43.72 12.00
C LYS D 381 -26.73 -45.16 12.19
N ILE D 382 -26.45 -45.78 13.35
CA ILE D 382 -26.84 -47.16 13.67
C ILE D 382 -28.37 -47.34 13.62
N GLN D 383 -29.13 -46.38 14.15
CA GLN D 383 -30.59 -46.42 14.05
C GLN D 383 -31.11 -46.17 12.63
N ALA D 384 -30.46 -45.33 11.82
CA ALA D 384 -30.80 -45.17 10.41
C ALA D 384 -30.53 -46.44 9.58
N ILE D 385 -29.46 -47.17 9.86
CA ILE D 385 -29.14 -48.47 9.25
C ILE D 385 -30.13 -49.55 9.70
N ALA D 386 -30.55 -49.54 10.97
CA ALA D 386 -31.55 -50.47 11.46
C ALA D 386 -32.88 -50.32 10.71
N TRP D 387 -33.34 -49.08 10.54
CA TRP D 387 -34.47 -48.74 9.68
C TRP D 387 -34.27 -49.30 8.27
N ALA D 388 -33.12 -49.03 7.64
CA ALA D 388 -32.89 -49.46 6.28
C ALA D 388 -32.80 -50.98 6.11
N ARG D 389 -32.25 -51.75 7.07
CA ARG D 389 -32.32 -53.21 7.03
C ARG D 389 -33.75 -53.70 7.08
N ASN D 390 -34.48 -53.35 8.14
CA ASN D 390 -35.67 -54.10 8.53
C ASN D 390 -36.90 -53.68 7.71
N GLN D 391 -36.92 -52.44 7.21
CA GLN D 391 -37.93 -51.92 6.28
C GLN D 391 -37.50 -52.00 4.80
N LYS D 392 -36.45 -52.77 4.50
CA LYS D 392 -36.01 -53.12 3.15
C LYS D 392 -35.76 -51.92 2.24
N LYS D 393 -35.39 -50.77 2.82
CA LYS D 393 -34.98 -49.56 2.10
C LYS D 393 -33.59 -49.79 1.52
N PRO D 394 -33.35 -49.49 0.23
CA PRO D 394 -32.03 -49.52 -0.36
C PRO D 394 -31.03 -48.70 0.47
N PHE D 395 -29.92 -49.34 0.84
CA PHE D 395 -28.90 -48.81 1.72
C PHE D 395 -27.54 -48.79 1.06
N LEU D 396 -26.84 -47.67 1.15
CA LEU D 396 -25.41 -47.62 0.93
C LEU D 396 -24.70 -47.08 2.19
N GLY D 397 -23.79 -47.86 2.74
CA GLY D 397 -22.85 -47.45 3.77
C GLY D 397 -21.48 -47.24 3.16
N VAL D 398 -20.93 -46.04 3.33
CA VAL D 398 -19.61 -45.68 2.82
C VAL D 398 -18.64 -45.54 3.97
N CYS D 399 -17.54 -46.27 3.93
CA CYS D 399 -16.49 -46.32 4.92
C CYS D 399 -17.02 -46.60 6.35
N LEU D 400 -17.34 -45.55 7.11
CA LEU D 400 -17.99 -45.68 8.42
C LEU D 400 -19.36 -46.33 8.30
N GLY D 401 -20.12 -46.06 7.24
CA GLY D 401 -21.38 -46.75 6.99
C GLY D 401 -21.26 -48.27 6.88
N MET D 402 -20.15 -48.82 6.37
CA MET D 402 -19.92 -50.26 6.38
C MET D 402 -19.64 -50.77 7.79
N GLN D 403 -18.78 -50.07 8.52
CA GLN D 403 -18.39 -50.44 9.87
C GLN D 403 -19.62 -50.48 10.78
N LEU D 404 -20.46 -49.47 10.69
CA LEU D 404 -21.71 -49.40 11.45
C LEU D 404 -22.81 -50.32 10.91
N ALA D 405 -22.79 -50.74 9.64
CA ALA D 405 -23.67 -51.81 9.16
C ALA D 405 -23.30 -53.19 9.72
N VAL D 406 -22.02 -53.43 10.00
CA VAL D 406 -21.53 -54.61 10.76
C VAL D 406 -21.82 -54.48 12.26
N VAL D 407 -21.74 -53.29 12.85
CA VAL D 407 -22.23 -53.08 14.24
C VAL D 407 -23.73 -53.32 14.36
N GLU D 408 -24.54 -52.81 13.45
CA GLU D 408 -26.01 -52.96 13.52
C GLU D 408 -26.46 -54.41 13.31
N PHE D 409 -25.92 -55.10 12.31
CA PHE D 409 -26.17 -56.53 12.13
C PHE D 409 -25.69 -57.36 13.35
N SER D 410 -24.56 -56.98 13.94
CA SER D 410 -24.12 -57.58 15.21
C SER D 410 -25.08 -57.34 16.37
N ARG D 411 -25.57 -56.12 16.57
CA ARG D 411 -26.48 -55.79 17.68
C ARG D 411 -27.83 -56.46 17.52
N ASN D 412 -28.47 -56.34 16.36
CA ASN D 412 -29.89 -56.63 16.20
C ASN D 412 -30.22 -57.89 15.38
N VAL D 413 -29.24 -58.52 14.73
CA VAL D 413 -29.37 -59.87 14.16
C VAL D 413 -28.63 -60.90 15.01
N LEU D 414 -27.36 -60.68 15.33
CA LEU D 414 -26.59 -61.63 16.15
C LEU D 414 -26.88 -61.53 17.65
N GLY D 415 -27.46 -60.42 18.11
CA GLY D 415 -27.83 -60.22 19.52
C GLY D 415 -26.68 -59.82 20.44
N TRP D 416 -25.50 -59.53 19.89
CA TRP D 416 -24.34 -58.94 20.56
C TRP D 416 -24.61 -57.45 20.82
N GLN D 417 -25.61 -57.16 21.66
CA GLN D 417 -26.16 -55.81 21.87
C GLN D 417 -25.14 -54.76 22.35
N ASP D 418 -24.02 -55.22 22.93
CA ASP D 418 -22.88 -54.41 23.34
C ASP D 418 -22.09 -53.84 22.15
N ALA D 419 -22.12 -54.48 20.97
CA ALA D 419 -21.16 -54.30 19.90
C ALA D 419 -20.96 -52.84 19.49
N ASN D 420 -19.69 -52.51 19.24
CA ASN D 420 -19.25 -51.26 18.66
C ASN D 420 -17.87 -51.44 18.04
N SER D 421 -17.34 -50.37 17.45
CA SER D 421 -15.93 -50.27 17.11
C SER D 421 -15.05 -49.93 18.32
N THR D 422 -13.76 -50.23 18.20
CA THR D 422 -12.68 -49.86 19.10
C THR D 422 -12.34 -48.35 19.02
N GLU D 423 -12.87 -47.63 18.04
CA GLU D 423 -12.78 -46.16 17.96
C GLU D 423 -13.64 -45.50 19.05
N PHE D 424 -14.85 -46.00 19.25
CA PHE D 424 -15.85 -45.41 20.12
C PHE D 424 -15.89 -46.08 21.50
N ASP D 425 -15.93 -47.41 21.56
CA ASP D 425 -16.08 -48.19 22.79
C ASP D 425 -15.02 -49.32 22.84
N PRO D 426 -13.74 -49.01 23.13
CA PRO D 426 -12.69 -50.05 23.22
C PRO D 426 -12.87 -51.09 24.34
N THR D 427 -13.74 -50.81 25.31
CA THR D 427 -14.11 -51.66 26.43
C THR D 427 -15.10 -52.79 26.08
N THR D 428 -15.64 -52.79 24.86
CA THR D 428 -16.68 -53.71 24.39
C THR D 428 -16.20 -55.17 24.29
N SER D 429 -17.06 -56.13 24.65
CA SER D 429 -16.74 -57.56 24.61
C SER D 429 -16.83 -58.14 23.17
N HIS D 430 -17.53 -57.44 22.27
CA HIS D 430 -17.60 -57.71 20.84
C HIS D 430 -17.06 -56.50 20.06
N PRO D 431 -15.72 -56.33 19.98
CA PRO D 431 -15.12 -55.33 19.10
C PRO D 431 -15.14 -55.82 17.65
N VAL D 432 -16.30 -55.68 17.00
CA VAL D 432 -16.62 -56.27 15.67
C VAL D 432 -15.95 -55.53 14.52
N VAL D 433 -15.55 -54.29 14.76
CA VAL D 433 -14.68 -53.52 13.89
C VAL D 433 -13.56 -52.94 14.74
N VAL D 434 -12.32 -53.18 14.33
CA VAL D 434 -11.12 -52.97 15.11
C VAL D 434 -10.16 -52.05 14.35
N ASP D 435 -9.36 -51.30 15.12
CA ASP D 435 -8.21 -50.52 14.68
C ASP D 435 -7.19 -51.49 14.05
N MET D 436 -6.95 -51.34 12.75
CA MET D 436 -6.15 -52.25 11.93
C MET D 436 -5.32 -51.40 10.97
N PRO D 437 -4.22 -50.79 11.47
CA PRO D 437 -3.39 -49.91 10.65
C PRO D 437 -2.61 -50.68 9.57
N GLU D 438 -2.18 -49.96 8.54
CA GLU D 438 -1.25 -50.50 7.54
C GLU D 438 0.14 -50.69 8.16
N HIS D 439 0.52 -51.96 8.27
CA HIS D 439 1.82 -52.46 8.69
C HIS D 439 2.89 -52.25 7.60
N THR D 447 0.04 -46.89 10.01
CA THR D 447 -0.63 -45.73 9.41
C THR D 447 -2.06 -46.10 8.93
N MET D 448 -2.79 -45.08 8.48
CA MET D 448 -4.12 -45.17 7.88
C MET D 448 -4.07 -45.91 6.54
N ARG D 449 -5.10 -46.69 6.22
CA ARG D 449 -5.33 -47.24 4.88
C ARG D 449 -5.89 -46.12 4.02
N LEU D 450 -4.98 -45.49 3.26
CA LEU D 450 -5.13 -44.18 2.70
C LEU D 450 -4.61 -44.19 1.26
N GLY D 451 -5.50 -43.85 0.32
CA GLY D 451 -5.19 -43.80 -1.10
C GLY D 451 -5.75 -45.02 -1.82
N LYS D 452 -5.32 -45.22 -3.06
CA LYS D 452 -5.72 -46.29 -3.96
C LYS D 452 -5.18 -47.64 -3.47
N ARG D 453 -6.08 -48.54 -3.08
CA ARG D 453 -5.80 -49.95 -2.85
C ARG D 453 -6.63 -50.77 -3.84
N ARG D 454 -6.17 -51.99 -4.12
CA ARG D 454 -6.90 -52.97 -4.92
C ARG D 454 -7.72 -53.85 -3.99
N THR D 455 -9.01 -53.97 -4.32
CA THR D 455 -9.96 -54.89 -3.72
C THR D 455 -10.19 -56.03 -4.72
N LEU D 456 -10.21 -57.27 -4.23
CA LEU D 456 -10.56 -58.46 -5.00
C LEU D 456 -12.00 -58.83 -4.65
N PHE D 457 -12.79 -59.18 -5.67
CA PHE D 457 -14.07 -59.84 -5.47
C PHE D 457 -13.85 -61.33 -5.23
N GLN D 458 -14.28 -61.82 -4.07
CA GLN D 458 -14.07 -63.21 -3.65
C GLN D 458 -15.08 -64.21 -4.26
N THR D 459 -15.94 -63.74 -5.17
CA THR D 459 -17.03 -64.52 -5.73
C THR D 459 -17.57 -63.84 -7.02
N LYS D 460 -18.50 -64.54 -7.68
CA LYS D 460 -19.42 -63.98 -8.68
C LYS D 460 -20.76 -63.53 -8.05
N ASN D 461 -21.15 -64.07 -6.88
CA ASN D 461 -22.46 -63.76 -6.28
C ASN D 461 -22.42 -62.40 -5.55
N SER D 462 -22.50 -61.33 -6.33
CA SER D 462 -22.50 -59.96 -5.86
C SER D 462 -23.20 -59.10 -6.91
N VAL D 463 -24.19 -58.29 -6.49
CA VAL D 463 -24.76 -57.25 -7.34
C VAL D 463 -23.73 -56.13 -7.60
N MET D 464 -22.86 -55.89 -6.60
CA MET D 464 -21.77 -54.93 -6.70
C MET D 464 -20.76 -55.31 -7.79
N ARG D 465 -20.41 -56.60 -7.88
CA ARG D 465 -19.55 -57.08 -8.97
C ARG D 465 -20.18 -56.86 -10.36
N LYS D 466 -21.50 -57.06 -10.49
CA LYS D 466 -22.23 -56.80 -11.73
C LYS D 466 -22.23 -55.31 -12.11
N LEU D 467 -22.44 -54.43 -11.12
CA LEU D 467 -22.36 -52.98 -11.29
C LEU D 467 -20.93 -52.51 -11.65
N TYR D 468 -19.90 -53.15 -11.07
CA TYR D 468 -18.49 -52.99 -11.44
C TYR D 468 -18.09 -53.79 -12.72
N GLY D 469 -19.06 -54.18 -13.56
CA GLY D 469 -18.81 -54.68 -14.92
C GLY D 469 -18.32 -56.14 -14.97
N ASP D 470 -18.45 -56.88 -13.88
CA ASP D 470 -18.07 -58.29 -13.70
C ASP D 470 -16.54 -58.49 -13.67
N ALA D 471 -15.79 -57.43 -13.38
CA ALA D 471 -14.36 -57.50 -13.08
C ALA D 471 -14.08 -58.28 -11.79
N ASP D 472 -12.96 -58.99 -11.76
CA ASP D 472 -12.49 -59.79 -10.61
C ASP D 472 -11.89 -58.93 -9.49
N TYR D 473 -11.46 -57.72 -9.83
CA TYR D 473 -10.95 -56.74 -8.90
C TYR D 473 -11.46 -55.35 -9.29
N LEU D 474 -11.30 -54.42 -8.36
CA LEU D 474 -11.46 -52.99 -8.57
C LEU D 474 -10.36 -52.31 -7.75
N GLU D 475 -10.07 -51.04 -8.07
CA GLU D 475 -9.11 -50.23 -7.37
C GLU D 475 -9.81 -48.93 -6.99
N GLU D 476 -9.85 -48.64 -5.69
CA GLU D 476 -10.63 -47.54 -5.13
C GLU D 476 -9.85 -46.84 -4.02
N ARG D 477 -10.19 -45.57 -3.80
CA ARG D 477 -9.53 -44.71 -2.83
C ARG D 477 -10.15 -44.89 -1.44
N HIS D 478 -9.30 -45.32 -0.51
CA HIS D 478 -9.60 -45.61 0.88
C HIS D 478 -9.10 -44.46 1.75
N ARG D 479 -9.63 -44.29 2.97
CA ARG D 479 -9.18 -43.34 4.01
C ARG D 479 -9.76 -43.73 5.36
N HIS D 480 -9.25 -44.79 5.96
CA HIS D 480 -9.75 -45.31 7.24
C HIS D 480 -8.68 -46.02 8.05
N ARG D 481 -8.87 -46.09 9.36
CA ARG D 481 -7.97 -46.78 10.30
C ARG D 481 -8.52 -48.10 10.82
N PHE D 482 -9.83 -48.34 10.68
CA PHE D 482 -10.58 -49.43 11.30
C PHE D 482 -11.16 -50.37 10.25
N GLU D 483 -11.34 -51.64 10.62
CA GLU D 483 -11.76 -52.73 9.73
C GLU D 483 -12.59 -53.77 10.47
N VAL D 484 -13.41 -54.53 9.76
CA VAL D 484 -14.11 -55.71 10.31
C VAL D 484 -13.12 -56.69 10.93
N ASN D 485 -13.37 -57.08 12.18
CA ASN D 485 -12.63 -58.09 12.92
C ASN D 485 -12.75 -59.48 12.23
N PRO D 486 -11.66 -60.12 11.82
CA PRO D 486 -11.66 -61.44 11.18
C PRO D 486 -12.08 -62.62 12.09
N VAL D 487 -12.08 -62.45 13.42
CA VAL D 487 -12.61 -63.44 14.35
C VAL D 487 -14.14 -63.50 14.23
N TRP D 488 -14.78 -62.35 14.50
CA TRP D 488 -16.24 -62.21 14.49
C TRP D 488 -16.87 -62.39 13.11
N LYS D 489 -16.10 -62.17 12.04
CA LYS D 489 -16.45 -62.41 10.62
C LYS D 489 -17.10 -63.78 10.38
N LYS D 490 -16.61 -64.81 11.09
CA LYS D 490 -17.11 -66.18 11.01
C LYS D 490 -18.58 -66.33 11.46
N CYS D 491 -19.05 -65.46 12.34
CA CYS D 491 -20.42 -65.43 12.83
C CYS D 491 -21.28 -64.45 12.02
N LEU D 492 -20.66 -63.35 11.54
CA LEU D 492 -21.29 -62.35 10.69
C LEU D 492 -21.70 -62.92 9.31
N LEU D 497 -24.39 -61.68 6.13
CA LEU D 497 -23.60 -60.47 5.92
C LEU D 497 -22.34 -60.87 5.13
N LYS D 498 -22.50 -61.00 3.81
CA LYS D 498 -21.54 -61.62 2.91
C LYS D 498 -20.48 -60.60 2.48
N PHE D 499 -19.25 -60.79 2.95
CA PHE D 499 -18.11 -59.93 2.64
C PHE D 499 -17.56 -60.25 1.24
N VAL D 500 -18.29 -59.82 0.20
CA VAL D 500 -18.00 -60.07 -1.21
C VAL D 500 -16.71 -59.43 -1.76
N GLY D 501 -16.22 -58.36 -1.14
CA GLY D 501 -14.98 -57.69 -1.53
C GLY D 501 -14.00 -57.76 -0.39
N GLN D 502 -12.78 -58.17 -0.65
CA GLN D 502 -11.68 -58.31 0.30
C GLN D 502 -10.44 -57.64 -0.31
N ASP D 503 -9.44 -57.31 0.53
CA ASP D 503 -8.13 -56.90 0.02
C ASP D 503 -7.38 -58.12 -0.56
N VAL D 504 -6.28 -57.83 -1.26
CA VAL D 504 -5.37 -58.82 -1.83
C VAL D 504 -4.74 -59.78 -0.80
N GLU D 505 -4.57 -59.33 0.46
CA GLU D 505 -4.06 -60.16 1.54
C GLU D 505 -5.13 -61.10 2.16
N GLY D 506 -6.42 -60.78 1.95
CA GLY D 506 -7.56 -61.45 2.61
C GLY D 506 -7.71 -61.04 4.09
N GLU D 507 -6.86 -60.13 4.58
CA GLU D 507 -6.83 -59.58 5.94
C GLU D 507 -8.02 -58.67 6.23
N ARG D 508 -8.47 -57.95 5.19
CA ARG D 508 -9.36 -56.81 5.31
C ARG D 508 -10.58 -57.03 4.42
N MET D 509 -11.76 -56.85 5.00
CA MET D 509 -13.03 -56.87 4.29
C MET D 509 -13.29 -55.46 3.77
N GLU D 510 -13.65 -55.33 2.50
CA GLU D 510 -13.74 -54.04 1.81
C GLU D 510 -15.05 -53.82 1.06
N ILE D 511 -15.83 -54.87 0.76
CA ILE D 511 -17.25 -54.75 0.44
C ILE D 511 -18.02 -55.80 1.25
N VAL D 512 -19.11 -55.39 1.89
CA VAL D 512 -20.13 -56.26 2.47
C VAL D 512 -21.46 -56.06 1.76
N GLU D 513 -22.15 -57.14 1.47
CA GLU D 513 -23.44 -57.15 0.81
C GLU D 513 -24.33 -58.09 1.63
N LEU D 514 -25.50 -57.65 2.08
CA LEU D 514 -26.43 -58.47 2.84
C LEU D 514 -27.34 -59.30 1.92
N GLU D 515 -27.42 -60.61 2.14
CA GLU D 515 -28.40 -61.50 1.53
C GLU D 515 -29.83 -61.23 2.03
N ASP D 516 -30.84 -61.55 1.21
CA ASP D 516 -32.28 -61.37 1.50
C ASP D 516 -32.68 -59.90 1.79
N HIS D 517 -32.10 -58.96 1.03
CA HIS D 517 -32.47 -57.54 0.96
C HIS D 517 -32.36 -57.03 -0.49
N PRO D 518 -33.23 -56.11 -0.98
CA PRO D 518 -33.14 -55.49 -2.30
C PRO D 518 -31.76 -54.97 -2.72
N PHE D 519 -31.12 -54.18 -1.86
CA PHE D 519 -29.78 -53.63 -2.02
C PHE D 519 -29.37 -53.07 -0.65
N PHE D 520 -28.42 -53.72 0.01
CA PHE D 520 -27.86 -53.28 1.29
C PHE D 520 -26.36 -53.55 1.28
N VAL D 521 -25.59 -52.50 1.02
CA VAL D 521 -24.17 -52.57 0.73
C VAL D 521 -23.40 -51.70 1.70
N GLY D 522 -22.29 -52.21 2.23
CA GLY D 522 -21.22 -51.42 2.81
C GLY D 522 -19.96 -51.52 1.97
N VAL D 523 -19.37 -50.40 1.57
CA VAL D 523 -18.04 -50.32 0.95
C VAL D 523 -17.07 -49.67 1.92
N GLN D 524 -15.86 -50.20 2.09
CA GLN D 524 -14.88 -49.64 3.02
C GLN D 524 -14.09 -48.45 2.43
N TYR D 525 -14.13 -48.28 1.12
CA TYR D 525 -13.55 -47.16 0.38
C TYR D 525 -14.53 -46.00 0.18
N HIS D 526 -14.12 -44.96 -0.54
CA HIS D 526 -14.92 -43.81 -0.97
C HIS D 526 -15.18 -43.87 -2.48
N PRO D 527 -16.32 -44.38 -2.94
CA PRO D 527 -16.61 -44.47 -4.38
C PRO D 527 -16.69 -43.10 -5.07
N GLU D 528 -17.13 -42.07 -4.36
CA GLU D 528 -17.47 -40.77 -4.90
C GLU D 528 -16.29 -40.04 -5.54
N PHE D 529 -15.06 -40.25 -5.04
CA PHE D 529 -13.85 -39.63 -5.54
C PHE D 529 -13.49 -40.01 -6.99
N LEU D 530 -14.06 -41.11 -7.48
CA LEU D 530 -13.89 -41.59 -8.85
C LEU D 530 -15.16 -41.42 -9.70
N SER D 531 -16.19 -40.75 -9.18
CA SER D 531 -17.39 -40.45 -9.96
C SER D 531 -17.12 -39.27 -10.90
N ARG D 532 -17.55 -39.42 -12.15
CA ARG D 532 -17.51 -38.40 -13.18
C ARG D 532 -18.93 -38.31 -13.77
N PRO D 533 -19.37 -37.16 -14.32
CA PRO D 533 -20.71 -37.07 -14.98
C PRO D 533 -21.01 -38.14 -16.03
N ILE D 534 -19.98 -38.47 -16.82
CA ILE D 534 -19.97 -39.50 -17.84
C ILE D 534 -19.88 -40.95 -17.30
N LYS D 535 -19.64 -41.13 -15.99
CA LYS D 535 -19.48 -42.44 -15.37
C LYS D 535 -19.68 -42.30 -13.83
N PRO D 536 -20.93 -42.38 -13.34
CA PRO D 536 -21.18 -42.45 -11.88
C PRO D 536 -20.56 -43.71 -11.26
N SER D 537 -20.07 -43.60 -10.01
CA SER D 537 -19.57 -44.77 -9.30
C SER D 537 -20.69 -45.79 -9.02
N PRO D 538 -20.45 -47.08 -9.36
CA PRO D 538 -21.49 -48.11 -9.30
C PRO D 538 -22.31 -48.32 -8.00
N PRO D 539 -21.80 -48.14 -6.77
CA PRO D 539 -22.65 -48.25 -5.60
C PRO D 539 -23.63 -47.09 -5.46
N TYR D 540 -23.24 -45.86 -5.82
CA TYR D 540 -24.16 -44.71 -5.86
C TYR D 540 -25.18 -44.87 -6.98
N PHE D 541 -24.78 -45.45 -8.10
CA PHE D 541 -25.67 -45.75 -9.21
C PHE D 541 -26.67 -46.86 -8.86
N GLY D 542 -26.19 -47.92 -8.21
CA GLY D 542 -26.97 -49.03 -7.70
C GLY D 542 -27.98 -48.60 -6.64
N LEU D 543 -27.61 -47.68 -5.75
CA LEU D 543 -28.51 -47.08 -4.78
C LEU D 543 -29.65 -46.30 -5.45
N LEU D 544 -29.32 -45.45 -6.42
CA LEU D 544 -30.27 -44.68 -7.23
C LEU D 544 -31.19 -45.60 -8.07
N LEU D 545 -30.62 -46.61 -8.72
CA LEU D 545 -31.36 -47.63 -9.46
C LEU D 545 -32.32 -48.43 -8.56
N ALA D 546 -31.87 -48.87 -7.38
CA ALA D 546 -32.64 -49.66 -6.43
C ALA D 546 -33.76 -48.84 -5.81
N SER D 547 -33.50 -47.62 -5.38
CA SER D 547 -34.50 -46.72 -4.81
C SER D 547 -35.55 -46.20 -5.80
N VAL D 548 -35.42 -46.46 -7.10
CA VAL D 548 -36.49 -46.30 -8.11
C VAL D 548 -36.96 -47.63 -8.71
N GLY D 549 -36.52 -48.76 -8.17
CA GLY D 549 -36.89 -50.12 -8.60
C GLY D 549 -36.35 -50.58 -9.95
N ARG D 550 -35.35 -49.90 -10.52
CA ARG D 550 -34.83 -50.14 -11.87
C ARG D 550 -33.60 -51.09 -11.87
N LEU D 551 -33.03 -51.38 -10.68
CA LEU D 551 -31.83 -52.21 -10.51
C LEU D 551 -31.99 -53.63 -11.06
N SER D 552 -33.12 -54.27 -10.75
CA SER D 552 -33.51 -55.59 -11.20
C SER D 552 -33.76 -55.70 -12.71
N HIS D 553 -34.00 -54.56 -13.38
CA HIS D 553 -34.03 -54.46 -14.83
C HIS D 553 -32.61 -54.28 -15.37
N TYR D 554 -31.82 -53.41 -14.73
CA TYR D 554 -30.43 -53.12 -15.10
C TYR D 554 -29.52 -54.37 -15.05
N LEU D 555 -29.60 -55.13 -13.95
CA LEU D 555 -28.86 -56.38 -13.75
C LEU D 555 -29.35 -57.53 -14.66
N GLN D 556 -30.59 -57.44 -15.13
CA GLN D 556 -31.22 -58.40 -16.02
C GLN D 556 -30.81 -58.16 -17.49
N1 ZFY E . 27.80 14.80 -10.00
N3 ZFY E . 26.94 20.81 -10.98
C4 ZFY E . 27.26 17.05 -10.64
C5 ZFY E . 24.20 15.05 -11.21
C6 ZFY E . 27.63 18.49 -10.81
C7 ZFY E . 28.97 18.88 -10.96
C8 ZFY E . 29.27 20.23 -11.13
C10 ZFY E . 26.66 19.50 -10.80
C13 ZFY E . 30.78 25.07 -12.61
C15 ZFY E . 28.94 25.72 -14.83
C17 ZFY E . 25.32 24.32 -17.87
C20 ZFY E . 29.33 23.03 -12.32
C1 ZFY E . 25.64 15.38 -10.88
C11 ZFY E . 29.32 24.59 -12.49
C12 ZFY E . 28.50 24.99 -13.72
C14 ZFY E . 28.71 25.29 -11.24
C16 ZFY E . 26.61 25.00 -14.86
C18 ZFY E . 25.22 22.83 -17.99
C19 ZFY E . 24.42 23.72 -18.91
C2 ZFY E . 26.56 14.43 -10.39
C3 ZFY E . 28.14 16.09 -10.12
C9 ZFY E . 28.24 21.16 -11.19
F1 ZFY E . 23.83 13.89 -10.69
F2 ZFY E . 23.40 16.00 -10.75
F3 ZFY E . 24.03 14.98 -12.53
N2 ZFY E . 26.01 16.69 -11.02
N4 ZFY E . 28.43 22.49 -11.49
N5 ZFY E . 27.23 24.64 -13.77
N6 ZFY E . 25.35 24.63 -15.16
O1 ZFY E . 24.70 26.57 -16.60
O2 ZFY E . 23.13 24.67 -16.31
O3 ZFY E . 30.10 22.34 -13.00
S1 ZFY E . 27.63 25.92 -15.94
S2 ZFY E . 24.52 25.15 -16.37
H7 ZFY E . 29.75 18.15 -10.94
H8 ZFY E . 30.30 20.55 -11.23
H10 ZFY E . 25.63 19.21 -10.63
H131 ZFY E . 31.26 24.59 -13.48
H132 ZFY E . 30.80 26.15 -12.75
H133 ZFY E . 31.34 24.81 -11.72
H15 ZFY E . 29.93 26.10 -14.97
H17 ZFY E . 26.25 24.78 -18.24
H141 ZFY E . 29.04 26.33 -11.21
H142 ZFY E . 29.02 24.78 -10.34
H143 ZFY E . 27.62 25.27 -11.31
H182 ZFY E . 24.71 22.26 -17.21
H183 ZFY E . 26.07 22.34 -18.44
H193 ZFY E . 23.35 23.78 -18.70
H192 ZFY E . 24.68 23.79 -19.97
H2 ZFY E . 26.25 13.40 -10.32
H3 ZFY E . 29.13 16.41 -9.80
H4 ZFY E . 27.81 23.15 -11.02
H6 ZFY E . 24.91 23.97 -14.54
N GLN F . 12.28 44.83 -5.80
CA GLN F . 12.77 45.43 -7.08
C GLN F . 11.56 45.67 -8.05
O GLN F . 11.85 46.35 -9.05
CB GLN F . 13.86 44.54 -7.74
CG GLN F . 13.39 43.10 -8.02
CD GLN F . 14.42 42.21 -8.69
OE1 GLN F . 15.60 42.21 -8.34
NE2 GLN F . 13.99 41.45 -9.69
OXT GLN F . 10.45 45.15 -7.79
H1 GLN F . 12.50 45.47 -5.03
H2 GLN F . 11.28 44.70 -5.84
H3 GLN F . 12.73 43.95 -5.64
HA GLN F . 13.22 46.40 -6.86
HB2 GLN F . 14.72 44.50 -7.08
HB3 GLN F . 14.15 44.99 -8.69
HG2 GLN F . 12.51 43.13 -8.66
HG3 GLN F . 13.11 42.64 -7.06
HE21 GLN F . 13.02 41.48 -9.96
HE22 GLN F . 14.64 40.85 -10.18
MG MG G . 22.44 -6.22 2.02
PA UTP H . 19.75 -6.20 3.51
O1A UTP H . 21.27 -6.20 3.65
O2A UTP H . 18.82 -5.54 4.48
O3A UTP H . 19.34 -5.72 1.94
O5' UTP H . 19.26 -7.80 3.15
PB UTP H . 19.94 -5.96 0.40
O1B UTP H . 21.19 -6.80 0.54
O2B UTP H . 18.80 -6.30 -0.53
O3B UTP H . 20.41 -4.37 0.13
PG UTP H . 21.70 -3.43 0.73
O1G UTP H . 21.07 -2.15 1.30
O2G UTP H . 22.61 -3.16 -0.48
O3G UTP H . 22.40 -4.29 1.79
C5' UTP H . 19.58 -8.82 4.07
C4' UTP H . 18.30 -9.53 4.49
O4' UTP H . 18.55 -10.17 5.73
C1' UTP H . 17.51 -9.93 6.64
C2' UTP H . 16.34 -9.27 5.86
O2' UTP H . 15.39 -10.23 5.34
C3' UTP H . 17.08 -8.61 4.70
O3' UTP H . 16.26 -8.44 3.54
N1 UTP H . 18.04 -9.33 7.86
C6 UTP H . 17.94 -9.98 9.07
C2 UTP H . 18.67 -8.11 7.78
O2 UTP H . 18.83 -7.39 6.82
N3 UTP H . 19.17 -7.64 8.94
C4 UTP H . 19.05 -8.14 10.18
O4 UTP H . 19.38 -7.47 11.14
C5 UTP H . 18.41 -9.43 10.21
H5'1 UTP H . 20.26 -9.53 3.60
H5'2 UTP H . 20.07 -8.38 4.95
H4' UTP H . 18.05 -10.29 3.74
H1' UTP H . 17.15 -10.92 6.92
H2' UTP H . 15.83 -8.52 6.48
HA UTP H . 14.79 -10.49 6.04
H3' UTP H . 17.42 -7.64 5.02
HB UTP H . 16.77 -8.03 2.84
H6 UTP H . 17.45 -10.94 9.11
H3 UTP H . 19.70 -6.79 8.86
H5 UTP H . 18.32 -9.96 11.15
MG MG I . 12.57 19.61 1.46
PA UTP J . 10.89 17.92 -0.46
O1A UTP J . 10.82 16.87 -1.54
O2A UTP J . 12.01 18.93 -0.34
O3A UTP J . 10.64 17.19 1.03
O5' UTP J . 9.41 18.77 -0.30
PB UTP J . 10.66 17.66 2.63
O1B UTP J . 9.44 17.09 3.34
O2B UTP J . 11.04 19.13 2.65
O3B UTP J . 12.00 16.76 3.08
PG UTP J . 13.67 16.96 2.79
O1G UTP J . 14.30 17.29 4.15
O2G UTP J . 14.15 15.62 2.20
O3G UTP J . 13.79 18.13 1.81
C5' UTP J . 9.13 19.81 -1.22
C4' UTP J . 7.79 19.51 -1.90
O4' UTP J . 7.77 20.23 -3.12
C1' UTP J . 7.32 19.43 -4.17
C2' UTP J . 6.76 18.11 -3.57
O2' UTP J . 5.36 18.16 -3.28
C3' UTP J . 7.55 18.02 -2.25
O3' UTP J . 6.86 17.28 -1.25
N1 UTP J . 8.31 19.41 -5.24
C6 UTP J . 8.02 19.91 -6.50
C2 UTP J . 9.57 18.91 -4.97
O2 UTP J . 10.00 18.41 -3.95
N3 UTP J . 10.44 18.97 -6.00
C4 UTP J . 10.24 19.34 -7.27
O4 UTP J . 11.09 19.13 -8.11
C5 UTP J . 8.92 19.89 -7.49
H5'1 UTP J . 9.93 19.86 -1.97
H5'2 UTP J . 9.07 20.75 -0.68
H4' UTP J . 6.99 19.85 -1.26
H1' UTP J . 6.45 19.95 -4.58
H2' UTP J . 7.00 17.26 -4.21
HA UTP J . 4.86 18.01 -4.09
H3' UTP J . 8.50 17.54 -2.45
HB UTP J . 7.39 17.26 -0.44
H6 UTP J . 7.04 20.31 -6.69
H3 UTP J . 11.38 18.68 -5.77
H5 UTP J . 8.66 20.28 -8.47
N1 ZFY K . 28.37 6.70 15.59
N3 ZFY K . 31.56 1.59 16.80
C4 ZFY K . 29.37 4.63 16.28
C5 ZFY K . 25.70 4.05 16.18
C6 ZFY K . 30.55 3.79 16.58
C7 ZFY K . 31.76 4.36 16.99
C8 ZFY K . 32.85 3.56 17.31
C10 ZFY K . 30.51 2.39 16.48
C13 ZFY K . 36.91 0.84 19.35
C15 ZFY K . 35.60 -1.01 21.25
C17 ZFY K . 31.52 -2.57 23.53
C20 ZFY K . 34.55 1.42 18.67
C1 ZFY K . 27.05 4.78 16.11
C11 ZFY K . 35.53 0.25 18.93
C12 ZFY K . 35.00 -0.68 20.04
C14 ZFY K . 35.77 -0.61 17.65
C16 ZFY K . 33.42 -2.01 20.83
C18 ZFY K . 30.44 -1.53 23.53
C19 ZFY K . 30.28 -2.78 24.36
C2 ZFY K . 27.16 6.12 15.73
C3 ZFY K . 29.46 5.95 15.85
C9 ZFY K . 32.70 2.16 17.24
F1 ZFY K . 24.75 4.71 15.51
F2 ZFY K . 25.83 2.84 15.64
F3 ZFY K . 25.32 3.92 17.43
N2 ZFY K . 28.14 4.04 16.40
N4 ZFY K . 33.67 1.28 17.66
N5 ZFY K . 33.83 -1.27 19.83
N6 ZFY K . 32.21 -2.60 20.88
O1 ZFY K . 32.78 -4.56 22.31
O2 ZFY K . 30.43 -4.17 21.63
O3 ZFY K . 34.53 2.40 19.43
S1 ZFY K . 34.59 -2.10 22.13
S2 ZFY K . 31.74 -3.60 21.96
H7 ZFY K . 31.85 5.44 17.06
H8 ZFY K . 33.79 3.99 17.61
H10 ZFY K . 29.61 1.93 16.13
H131 ZFY K . 36.78 1.45 20.24
H132 ZFY K . 37.29 1.47 18.54
H133 ZFY K . 37.61 0.03 19.55
H15 ZFY K . 36.56 -0.65 21.58
H17 ZFY K . 32.43 -2.31 24.07
H141 ZFY K . 36.72 -1.16 17.74
H142 ZFY K . 35.82 0.05 16.78
H143 ZFY K . 34.95 -1.32 17.53
H182 ZFY K . 29.82 -1.39 22.64
H183 ZFY K . 30.66 -0.62 24.09
H193 ZFY K . 30.41 -2.65 25.43
H192 ZFY K . 29.55 -3.54 24.06
H2 ZFY K . 26.27 6.70 15.55
H3 ZFY K . 30.44 6.39 15.73
H4 ZFY K . 33.73 0.41 17.14
H6 ZFY K . 31.56 -2.36 20.15
N GLN L . 37.68 -25.71 10.76
CA GLN L . 38.20 -25.92 12.15
C GLN L . 37.31 -26.97 12.90
O GLN L . 36.20 -27.29 12.43
CB GLN L . 38.29 -24.58 12.93
CG GLN L . 36.95 -23.83 13.03
CD GLN L . 37.00 -22.53 13.80
OE1 GLN L . 37.92 -21.72 13.65
NE2 GLN L . 36.01 -22.31 14.66
OXT GLN L . 37.81 -27.35 13.99
H1 GLN L . 38.38 -25.99 10.09
H2 GLN L . 37.44 -24.75 10.63
H3 GLN L . 36.84 -26.28 10.63
HA GLN L . 39.21 -26.33 12.07
HB2 GLN L . 38.62 -24.79 13.94
HB3 GLN L . 39.01 -23.93 12.44
HG2 GLN L . 36.22 -24.49 13.50
HG3 GLN L . 36.60 -23.61 12.01
HE21 GLN L . 36.00 -21.47 15.21
HE22 GLN L . 35.27 -23.00 14.76
N1 ZFY M . -32.54 -1.34 5.71
N3 ZFY M . -35.48 3.47 3.22
C4 ZFY M . -33.52 0.73 4.97
C5 ZFY M . -30.03 1.52 5.92
C6 ZFY M . -34.66 1.50 4.41
C7 ZFY M . -35.98 1.08 4.57
C8 ZFY M . -37.04 1.84 4.08
C10 ZFY M . -34.47 2.70 3.69
C13 ZFY M . -41.29 4.81 3.06
C15 ZFY M . -40.58 7.43 4.22
C17 ZFY M . -37.45 10.22 6.82
C20 ZFY M . -38.91 4.20 3.61
C1 ZFY M . -31.31 0.73 5.72
C11 ZFY M . -39.81 5.28 2.93
C12 ZFY M . -39.63 6.64 3.60
C14 ZFY M . -39.50 5.43 1.41
C16 ZFY M . -38.32 8.33 4.20
C18 ZFY M . -36.54 9.40 7.68
C19 ZFY M . -36.57 10.90 7.84
C2 ZFY M . -31.40 -0.65 5.99
C3 ZFY M . -33.58 -0.65 5.19
C9 ZFY M . -36.74 3.05 3.44
F1 ZFY M . -28.96 0.72 6.02
F2 ZFY M . -29.85 2.33 4.88
F3 ZFY M . -30.10 2.24 7.02
N2 ZFY M . -32.38 1.41 5.24
N4 ZFY M . -37.72 3.95 3.04
N5 ZFY M . -38.41 7.17 3.59
N6 ZFY M . -37.16 8.97 4.40
O1 ZFY M . -38.01 11.33 4.47
O2 ZFY M . -35.61 10.87 4.94
O3 ZFY M . -39.25 3.69 4.68
S1 ZFY M . -39.86 8.89 4.81
S2 ZFY M . -37.01 10.41 4.99
H7 ZFY M . -36.19 0.15 5.09
H8 ZFY M . -38.05 1.51 4.19
H10 ZFY M . -33.45 3.03 3.53
H131 ZFY M . -41.54 4.69 4.12
H132 ZFY M . -41.94 5.56 2.62
H133 ZFY M . -41.41 3.86 2.55
H15 ZFY M . -41.63 7.19 4.32
H17 ZFY M . -38.52 10.16 7.06
H141 ZFY M . -40.36 5.88 0.91
H142 ZFY M . -39.30 4.44 0.99
H143 ZFY M . -38.63 6.07 1.29
H182 ZFY M . -36.95 8.75 8.46
H183 ZFY M . -35.65 9.00 7.18
H193 ZFY M . -37.08 11.26 8.73
H192 ZFY M . -35.73 11.51 7.52
H2 ZFY M . -30.56 -1.17 6.42
H3 ZFY M . -34.49 -1.18 4.94
H4 ZFY M . -37.52 4.47 2.19
H6 ZFY M . -36.31 8.49 4.15
N GLN N . -36.56 24.31 -16.35
CA GLN N . -37.53 25.09 -15.50
C GLN N . -36.88 26.44 -15.05
O GLN N . -35.64 26.60 -15.20
CB GLN N . -38.00 24.25 -14.29
CG GLN N . -36.85 23.74 -13.39
CD GLN N . -37.31 22.96 -12.18
OE1 GLN N . -38.18 22.09 -12.26
NE2 GLN N . -36.71 23.23 -11.03
OXT GLN N . -37.69 27.22 -14.51
H1 GLN N . -35.70 24.84 -16.43
H2 GLN N . -36.96 24.19 -17.27
H3 GLN N . -36.39 23.41 -15.93
HA GLN N . -38.40 25.32 -16.11
HB2 GLN N . -38.66 24.87 -13.68
HB3 GLN N . -38.57 23.39 -14.65
HG2 GLN N . -36.29 24.61 -13.05
HG3 GLN N . -36.20 23.12 -14.00
HE21 GLN N . -36.00 23.95 -11.00
HE22 GLN N . -36.97 22.74 -10.19
MG MG O . -13.99 -17.83 5.66
PA UTP P . -11.60 -17.05 3.93
O1A UTP P . -11.04 -16.61 2.60
O2A UTP P . -12.77 -17.99 4.09
O3A UTP P . -11.82 -15.70 4.90
O5' UTP P . -10.34 -17.60 4.98
PB UTP P . -12.45 -15.38 6.42
O1B UTP P . -11.51 -14.46 7.16
O2B UTP P . -12.94 -16.71 6.97
O3B UTP P . -13.78 -14.50 5.89
PG UTP P . -15.25 -14.97 5.15
O1G UTP P . -16.35 -14.69 6.18
O2G UTP P . -15.36 -14.09 3.89
O3G UTP P . -15.11 -16.47 4.84
C5' UTP P . -9.86 -18.90 4.80
C4' UTP P . -8.34 -18.82 4.58
O4' UTP P . -7.94 -20.03 3.93
C1' UTP P . -7.09 -19.77 2.86
C2' UTP P . -6.67 -18.27 2.94
O2' UTP P . -5.46 -18.06 3.71
C3' UTP P . -7.85 -17.66 3.71
O3' UTP P . -7.51 -16.49 4.43
N1 UTP P . -7.63 -20.33 1.63
C6 UTP P . -6.95 -21.31 0.94
C2 UTP P . -8.85 -19.87 1.17
O2 UTP P . -9.56 -19.01 1.62
N3 UTP P . -9.29 -20.47 0.06
C4 UTP P . -8.69 -21.36 -0.74
O4 UTP P . -9.15 -21.63 -1.84
C5 UTP P . -7.43 -21.84 -0.21
H5'1 UTP P . -10.07 -19.50 5.69
H5'2 UTP P . -10.33 -19.36 3.93
H4' UTP P . -7.84 -18.77 5.55
H1' UTP P . -6.18 -20.33 3.08
H2' UTP P . -6.58 -17.83 1.95
HA UTP P . -4.70 -18.24 3.15
H3' UTP P . -8.62 -17.41 2.99
HB UTP P . -8.28 -16.15 4.89
H6 UTP P . -6.00 -21.66 1.32
H3 UTP P . -10.22 -20.20 -0.23
H5 UTP P . -6.88 -22.60 -0.73
MG MG Q . -21.04 4.42 -9.15
PA UTP R . -19.07 5.32 -6.98
O1A UTP R . -20.53 5.25 -7.40
O2A UTP R . -18.61 5.27 -5.54
O3A UTP R . -18.17 4.23 -7.89
O5' UTP R . -18.34 6.62 -7.82
PB UTP R . -18.16 3.66 -9.47
O1B UTP R . -19.30 4.36 -10.18
O2B UTP R . -16.74 3.64 -9.97
O3B UTP R . -18.64 2.10 -9.13
PG UTP R . -20.15 1.41 -8.67
O1G UTP R . -19.87 0.61 -7.40
O2G UTP R . -20.59 0.56 -9.85
O3G UTP R . -21.10 2.60 -8.44
C5' UTP R . -18.88 7.91 -7.66
C4' UTP R . -17.76 8.84 -7.18
O4' UTP R . -18.38 9.96 -6.55
C1' UTP R . -17.75 10.25 -5.34
C2' UTP R . -16.45 9.42 -5.25
O2' UTP R . -15.30 10.11 -5.78
C3' UTP R . -16.78 8.24 -6.16
O3' UTP R . -15.62 7.63 -6.74
N1 UTP R . -18.74 10.23 -4.26
C6 UTP R . -19.02 11.37 -3.52
C2 UTP R . -19.41 9.06 -3.99
O2 UTP R . -19.27 7.97 -4.49
N3 UTP R . -20.32 9.14 -3.00
C4 UTP R . -20.61 10.15 -2.18
O4 UTP R . -21.32 9.98 -1.20
C5 UTP R . -19.91 11.37 -2.52
H5'1 UTP R . -19.28 8.27 -8.61
H5'2 UTP R . -19.68 7.88 -6.91
H4' UTP R . -17.20 9.19 -8.05
H1' UTP R . -17.43 11.29 -5.42
H2' UTP R . -16.27 9.09 -4.23
HA UTP R . -14.97 10.72 -5.11
H3' UTP R . -17.31 7.49 -5.57
HB UTP R . -15.90 6.90 -7.30
H6 UTP R . -18.49 12.28 -3.76
H3 UTP R . -20.86 8.30 -2.86
H5 UTP R . -20.10 12.28 -1.95
N1 ZFY S . -23.65 -20.16 -11.29
N3 ZFY S . -23.04 -25.86 -9.03
C4 ZFY S . -23.12 -22.41 -10.60
C5 ZFY S . -19.89 -20.62 -10.88
C6 ZFY S . -23.53 -23.78 -10.20
C7 ZFY S . -24.76 -24.32 -10.61
C8 ZFY S . -25.10 -25.63 -10.26
C10 ZFY S . -22.73 -24.59 -9.38
C13 ZFY S . -26.41 -30.72 -9.79
C15 ZFY S . -23.96 -32.14 -10.64
C17 ZFY S . -19.39 -31.97 -12.48
C20 ZFY S . -24.98 -28.66 -9.97
C1 ZFY S . -21.38 -20.89 -10.97
C11 ZFY S . -25.06 -30.10 -9.38
C12 ZFY S . -23.90 -30.95 -9.91
C14 ZFY S . -24.98 -30.11 -7.83
C16 ZFY S . -21.72 -31.31 -10.16
C18 ZFY S . -19.12 -30.69 -13.21
C19 ZFY S . -18.12 -31.84 -13.28
C2 ZFY S . -22.31 -19.92 -11.33
C3 ZFY S . -24.04 -21.41 -10.91
C9 ZFY S . -24.19 -26.37 -9.51
F1 ZFY S . -19.63 -19.32 -10.85
F2 ZFY S . -19.40 -21.18 -9.77
F3 ZFY S . -19.27 -21.14 -11.93
N2 ZFY S . -21.79 -22.14 -10.62
N4 ZFY S . -24.39 -27.72 -9.20
N5 ZFY S . -22.66 -30.54 -9.65
N6 ZFY S . -20.42 -31.01 -10.13
O1 ZFY S . -19.48 -33.32 -10.18
O2 ZFY S . -17.95 -31.36 -10.26
O3 ZFY S . -25.40 -28.43 -11.10
S1 ZFY S . -22.36 -32.70 -10.98
S2 ZFY S . -19.25 -31.94 -10.59
H7 ZFY S . -25.43 -23.73 -11.21
H8 ZFY S . -26.05 -26.04 -10.56
H10 ZFY S . -21.80 -24.18 -9.01
H131 ZFY S . -26.50 -30.73 -10.87
H132 ZFY S . -26.47 -31.74 -9.40
H133 ZFY S . -27.23 -30.13 -9.37
H15 ZFY S . -24.87 -32.64 -10.93
H17 ZFY S . -20.17 -32.62 -12.88
H141 ZFY S . -25.41 -31.04 -7.44
H142 ZFY S . -25.56 -29.26 -7.43
H143 ZFY S . -23.95 -30.02 -7.50
H182 ZFY S . -19.71 -30.44 -14.09
H183 ZFY S . -18.82 -29.86 -12.59
H193 ZFY S . -18.10 -32.39 -14.22
H192 ZFY S . -17.16 -31.75 -12.77
H2 ZFY S . -21.97 -18.94 -11.63
H3 ZFY S . -25.10 -21.63 -10.87
H4 ZFY S . -24.04 -28.03 -8.31
H6 ZFY S . -20.16 -30.10 -9.76
N GLN T . -13.39 -43.44 11.39
CA GLN T . -13.43 -44.59 10.44
C GLN T . -11.99 -45.13 10.20
O GLN T . -11.97 -46.22 9.58
CB GLN T . -14.13 -44.20 9.10
CG GLN T . -13.47 -43.00 8.39
CD GLN T . -14.12 -42.63 7.07
OE1 GLN T . -15.33 -42.57 6.94
NE2 GLN T . -13.29 -42.37 6.06
OXT GLN T . -11.00 -44.45 10.55
H1 GLN T . -12.43 -43.25 11.64
H2 GLN T . -13.91 -43.66 12.22
H3 GLN T . -13.78 -42.62 10.95
HA GLN T . -14.03 -45.38 10.90
HB2 GLN T . -15.16 -43.95 9.32
HB3 GLN T . -14.11 -45.06 8.44
HG2 GLN T . -13.52 -42.14 9.05
HG3 GLN T . -12.42 -43.24 8.21
HE21 GLN T . -13.66 -42.11 5.16
HE22 GLN T . -12.29 -42.43 6.20
#